data_1XW4
# 
_entry.id   1XW4 
# 
_audit_conform.dict_name       mmcif_pdbx.dic 
_audit_conform.dict_version    5.398 
_audit_conform.dict_location   http://mmcif.pdb.org/dictionaries/ascii/mmcif_pdbx.dic 
# 
loop_
_database_2.database_id 
_database_2.database_code 
_database_2.pdbx_database_accession 
_database_2.pdbx_DOI 
PDB   1XW4         pdb_00001xw4 10.2210/pdb1xw4/pdb 
RCSB  RCSB030833   ?            ?                   
WWPDB D_1000030833 ?            ?                   
# 
loop_
_pdbx_audit_revision_history.ordinal 
_pdbx_audit_revision_history.data_content_type 
_pdbx_audit_revision_history.major_revision 
_pdbx_audit_revision_history.minor_revision 
_pdbx_audit_revision_history.revision_date 
1 'Structure model' 1 0 2005-05-24 
2 'Structure model' 1 1 2008-04-30 
3 'Structure model' 1 2 2011-07-13 
4 'Structure model' 1 3 2019-07-24 
5 'Structure model' 1 4 2023-08-23 
6 'Structure model' 1 5 2024-11-06 
# 
_pdbx_audit_revision_details.ordinal             1 
_pdbx_audit_revision_details.revision_ordinal    1 
_pdbx_audit_revision_details.data_content_type   'Structure model' 
_pdbx_audit_revision_details.provider            repository 
_pdbx_audit_revision_details.type                'Initial release' 
_pdbx_audit_revision_details.description         ? 
_pdbx_audit_revision_details.details             ? 
# 
loop_
_pdbx_audit_revision_group.ordinal 
_pdbx_audit_revision_group.revision_ordinal 
_pdbx_audit_revision_group.data_content_type 
_pdbx_audit_revision_group.group 
1  2 'Structure model' 'Version format compliance' 
2  3 'Structure model' 'Version format compliance' 
3  4 'Structure model' 'Data collection'           
4  4 'Structure model' 'Derived calculations'      
5  4 'Structure model' 'Refinement description'    
6  5 'Structure model' 'Data collection'           
7  5 'Structure model' 'Database references'       
8  5 'Structure model' 'Derived calculations'      
9  5 'Structure model' 'Refinement description'    
10 6 'Structure model' 'Structure summary'         
# 
loop_
_pdbx_audit_revision_category.ordinal 
_pdbx_audit_revision_category.revision_ordinal 
_pdbx_audit_revision_category.data_content_type 
_pdbx_audit_revision_category.category 
1  4 'Structure model' software                      
2  4 'Structure model' struct_conn                   
3  5 'Structure model' chem_comp_atom                
4  5 'Structure model' chem_comp_bond                
5  5 'Structure model' database_2                    
6  5 'Structure model' pdbx_initial_refinement_model 
7  5 'Structure model' struct_ref_seq_dif            
8  5 'Structure model' struct_site                   
9  6 'Structure model' pdbx_entry_details            
10 6 'Structure model' pdbx_modification_feature     
# 
loop_
_pdbx_audit_revision_item.ordinal 
_pdbx_audit_revision_item.revision_ordinal 
_pdbx_audit_revision_item.data_content_type 
_pdbx_audit_revision_item.item 
1  4 'Structure model' '_software.classification'            
2  4 'Structure model' '_software.name'                      
3  4 'Structure model' '_software.version'                   
4  4 'Structure model' '_struct_conn.pdbx_leaving_atom_flag' 
5  5 'Structure model' '_database_2.pdbx_DOI'                
6  5 'Structure model' '_database_2.pdbx_database_accession' 
7  5 'Structure model' '_struct_ref_seq_dif.details'         
8  5 'Structure model' '_struct_site.pdbx_auth_asym_id'      
9  5 'Structure model' '_struct_site.pdbx_auth_comp_id'      
10 5 'Structure model' '_struct_site.pdbx_auth_seq_id'       
# 
_pdbx_database_status.status_code                     REL 
_pdbx_database_status.entry_id                        1XW4 
_pdbx_database_status.recvd_initial_deposition_date   2004-10-29 
_pdbx_database_status.deposit_site                    RCSB 
_pdbx_database_status.process_site                    RCSB 
_pdbx_database_status.status_code_sf                  REL 
_pdbx_database_status.status_code_mr                  ? 
_pdbx_database_status.SG_entry                        N 
_pdbx_database_status.pdb_format_compatible           Y 
_pdbx_database_status.status_code_cs                  ? 
_pdbx_database_status.methods_development_category    ? 
_pdbx_database_status.status_code_nmr_data            ? 
# 
_pdbx_database_related.db_name        PDB 
_pdbx_database_related.db_id          1xw3 
_pdbx_database_related.details        . 
_pdbx_database_related.content_type   unspecified 
# 
loop_
_audit_author.name 
_audit_author.pdbx_ordinal 
'Murray, M.S.'  1 
'Jonsson, T.J.' 2 
'Johnson, L.C.' 3 
'Poole, L.B.'   4 
'Lowther, W.T.' 5 
# 
_citation.id                        primary 
_citation.title                     'Structural basis for the retroreduction of inactivated peroxiredoxins by human sulfiredoxin.' 
_citation.journal_abbrev            Biochemistry 
_citation.journal_volume            44 
_citation.page_first                8634 
_citation.page_last                 8642 
_citation.year                      2005 
_citation.journal_id_ASTM           BICHAW 
_citation.country                   US 
_citation.journal_id_ISSN           0006-2960 
_citation.journal_id_CSD            0033 
_citation.book_publisher            ? 
_citation.pdbx_database_id_PubMed   15952770 
_citation.pdbx_database_id_DOI      10.1021/bi050131i 
# 
loop_
_citation_author.citation_id 
_citation_author.name 
_citation_author.ordinal 
_citation_author.identifier_ORCID 
primary 'Jonsson, T.J.' 1 ? 
primary 'Murray, M.S.'  2 ? 
primary 'Johnson, L.C.' 3 ? 
primary 'Poole, L.B.'   4 ? 
primary 'Lowther, W.T.' 5 ? 
# 
loop_
_entity.id 
_entity.type 
_entity.src_method 
_entity.pdbx_description 
_entity.formula_weight 
_entity.pdbx_number_of_molecules 
_entity.pdbx_ec 
_entity.pdbx_mutation 
_entity.pdbx_fragment 
_entity.details 
1 polymer     man Sulfiredoxin               12066.685 1  ? 'residues 32-137' ? ? 
2 non-polymer syn "ADENOSINE-5'-DIPHOSPHATE" 427.201   1  ? ?                 ? ? 
3 water       nat water                      18.015    71 ? ?                 ? ? 
# 
_entity_poly.entity_id                      1 
_entity_poly.type                           'polypeptide(L)' 
_entity_poly.nstd_linkage                   no 
_entity_poly.nstd_monomer                   yes 
_entity_poly.pdbx_seq_one_letter_code       
;GPHMSIHSGRIAAVHNVPLSVLIRPLPSVLDPAKVQSLVDTIREDPDSVPPIDVLWIKGAQGGDYFYSFGG(CSD)HRYA
AYQQLQRETIPAKLVQSTLSDLRVYLGASTPDLQ
;
_entity_poly.pdbx_seq_one_letter_code_can   
;GPHMSIHSGRIAAVHNVPLSVLIRPLPSVLDPAKVQSLVDTIREDPDSVPPIDVLWIKGAQGGDYFYSFGGCHRYAAYQQ
LQRETIPAKLVQSTLSDLRVYLGASTPDLQ
;
_entity_poly.pdbx_strand_id                 X 
_entity_poly.pdbx_target_identifier         ? 
# 
loop_
_pdbx_entity_nonpoly.entity_id 
_pdbx_entity_nonpoly.name 
_pdbx_entity_nonpoly.comp_id 
2 "ADENOSINE-5'-DIPHOSPHATE" ADP 
3 water                      HOH 
# 
loop_
_entity_poly_seq.entity_id 
_entity_poly_seq.num 
_entity_poly_seq.mon_id 
_entity_poly_seq.hetero 
1 1   GLY n 
1 2   PRO n 
1 3   HIS n 
1 4   MET n 
1 5   SER n 
1 6   ILE n 
1 7   HIS n 
1 8   SER n 
1 9   GLY n 
1 10  ARG n 
1 11  ILE n 
1 12  ALA n 
1 13  ALA n 
1 14  VAL n 
1 15  HIS n 
1 16  ASN n 
1 17  VAL n 
1 18  PRO n 
1 19  LEU n 
1 20  SER n 
1 21  VAL n 
1 22  LEU n 
1 23  ILE n 
1 24  ARG n 
1 25  PRO n 
1 26  LEU n 
1 27  PRO n 
1 28  SER n 
1 29  VAL n 
1 30  LEU n 
1 31  ASP n 
1 32  PRO n 
1 33  ALA n 
1 34  LYS n 
1 35  VAL n 
1 36  GLN n 
1 37  SER n 
1 38  LEU n 
1 39  VAL n 
1 40  ASP n 
1 41  THR n 
1 42  ILE n 
1 43  ARG n 
1 44  GLU n 
1 45  ASP n 
1 46  PRO n 
1 47  ASP n 
1 48  SER n 
1 49  VAL n 
1 50  PRO n 
1 51  PRO n 
1 52  ILE n 
1 53  ASP n 
1 54  VAL n 
1 55  LEU n 
1 56  TRP n 
1 57  ILE n 
1 58  LYS n 
1 59  GLY n 
1 60  ALA n 
1 61  GLN n 
1 62  GLY n 
1 63  GLY n 
1 64  ASP n 
1 65  TYR n 
1 66  PHE n 
1 67  TYR n 
1 68  SER n 
1 69  PHE n 
1 70  GLY n 
1 71  GLY n 
1 72  CSD n 
1 73  HIS n 
1 74  ARG n 
1 75  TYR n 
1 76  ALA n 
1 77  ALA n 
1 78  TYR n 
1 79  GLN n 
1 80  GLN n 
1 81  LEU n 
1 82  GLN n 
1 83  ARG n 
1 84  GLU n 
1 85  THR n 
1 86  ILE n 
1 87  PRO n 
1 88  ALA n 
1 89  LYS n 
1 90  LEU n 
1 91  VAL n 
1 92  GLN n 
1 93  SER n 
1 94  THR n 
1 95  LEU n 
1 96  SER n 
1 97  ASP n 
1 98  LEU n 
1 99  ARG n 
1 100 VAL n 
1 101 TYR n 
1 102 LEU n 
1 103 GLY n 
1 104 ALA n 
1 105 SER n 
1 106 THR n 
1 107 PRO n 
1 108 ASP n 
1 109 LEU n 
1 110 GLN n 
# 
_entity_src_gen.entity_id                          1 
_entity_src_gen.pdbx_src_id                        1 
_entity_src_gen.pdbx_alt_source_flag               sample 
_entity_src_gen.pdbx_seq_type                      ? 
_entity_src_gen.pdbx_beg_seq_num                   ? 
_entity_src_gen.pdbx_end_seq_num                   ? 
_entity_src_gen.gene_src_common_name               human 
_entity_src_gen.gene_src_genus                     Homo 
_entity_src_gen.pdbx_gene_src_gene                 ? 
_entity_src_gen.gene_src_species                   ? 
_entity_src_gen.gene_src_strain                    ? 
_entity_src_gen.gene_src_tissue                    ? 
_entity_src_gen.gene_src_tissue_fraction           ? 
_entity_src_gen.gene_src_details                   ? 
_entity_src_gen.pdbx_gene_src_fragment             ? 
_entity_src_gen.pdbx_gene_src_scientific_name      'Homo sapiens' 
_entity_src_gen.pdbx_gene_src_ncbi_taxonomy_id     9606 
_entity_src_gen.pdbx_gene_src_variant              ? 
_entity_src_gen.pdbx_gene_src_cell_line            ? 
_entity_src_gen.pdbx_gene_src_atcc                 ? 
_entity_src_gen.pdbx_gene_src_organ                ? 
_entity_src_gen.pdbx_gene_src_organelle            ? 
_entity_src_gen.pdbx_gene_src_cell                 ? 
_entity_src_gen.pdbx_gene_src_cellular_location    ? 
_entity_src_gen.host_org_common_name               ? 
_entity_src_gen.pdbx_host_org_scientific_name      'Escherichia coli' 
_entity_src_gen.pdbx_host_org_ncbi_taxonomy_id     562 
_entity_src_gen.host_org_genus                     Escherichia 
_entity_src_gen.pdbx_host_org_gene                 ? 
_entity_src_gen.pdbx_host_org_organ                ? 
_entity_src_gen.host_org_species                   ? 
_entity_src_gen.pdbx_host_org_tissue               ? 
_entity_src_gen.pdbx_host_org_tissue_fraction      ? 
_entity_src_gen.pdbx_host_org_strain               'C41(DE3)' 
_entity_src_gen.pdbx_host_org_variant              ? 
_entity_src_gen.pdbx_host_org_cell_line            ? 
_entity_src_gen.pdbx_host_org_atcc                 ? 
_entity_src_gen.pdbx_host_org_culture_collection   ? 
_entity_src_gen.pdbx_host_org_cell                 ? 
_entity_src_gen.pdbx_host_org_organelle            ? 
_entity_src_gen.pdbx_host_org_cellular_location    ? 
_entity_src_gen.pdbx_host_org_vector_type          plasmid 
_entity_src_gen.pdbx_host_org_vector               ? 
_entity_src_gen.host_org_details                   ? 
_entity_src_gen.expression_system_id               ? 
_entity_src_gen.plasmid_name                       pet19 
_entity_src_gen.plasmid_details                    ? 
_entity_src_gen.pdbx_description                   ? 
# 
loop_
_chem_comp.id 
_chem_comp.type 
_chem_comp.mon_nstd_flag 
_chem_comp.name 
_chem_comp.pdbx_synonyms 
_chem_comp.formula 
_chem_comp.formula_weight 
ADP non-polymer         n "ADENOSINE-5'-DIPHOSPHATE" ?                                            'C10 H15 N5 O10 P2' 427.201 
ALA 'L-peptide linking' y ALANINE                    ?                                            'C3 H7 N O2'        89.093  
ARG 'L-peptide linking' y ARGININE                   ?                                            'C6 H15 N4 O2 1'    175.209 
ASN 'L-peptide linking' y ASPARAGINE                 ?                                            'C4 H8 N2 O3'       132.118 
ASP 'L-peptide linking' y 'ASPARTIC ACID'            ?                                            'C4 H7 N O4'        133.103 
CSD 'L-peptide linking' n 3-SULFINOALANINE           'S-CYSTEINESULFINIC ACID; S-SULFINOCYSTEINE' 'C3 H7 N O4 S'      153.157 
CYS 'L-peptide linking' y CYSTEINE                   ?                                            'C3 H7 N O2 S'      121.158 
GLN 'L-peptide linking' y GLUTAMINE                  ?                                            'C5 H10 N2 O3'      146.144 
GLU 'L-peptide linking' y 'GLUTAMIC ACID'            ?                                            'C5 H9 N O4'        147.129 
GLY 'peptide linking'   y GLYCINE                    ?                                            'C2 H5 N O2'        75.067  
HIS 'L-peptide linking' y HISTIDINE                  ?                                            'C6 H10 N3 O2 1'    156.162 
HOH non-polymer         . WATER                      ?                                            'H2 O'              18.015  
ILE 'L-peptide linking' y ISOLEUCINE                 ?                                            'C6 H13 N O2'       131.173 
LEU 'L-peptide linking' y LEUCINE                    ?                                            'C6 H13 N O2'       131.173 
LYS 'L-peptide linking' y LYSINE                     ?                                            'C6 H15 N2 O2 1'    147.195 
MET 'L-peptide linking' y METHIONINE                 ?                                            'C5 H11 N O2 S'     149.211 
PHE 'L-peptide linking' y PHENYLALANINE              ?                                            'C9 H11 N O2'       165.189 
PRO 'L-peptide linking' y PROLINE                    ?                                            'C5 H9 N O2'        115.130 
SER 'L-peptide linking' y SERINE                     ?                                            'C3 H7 N O3'        105.093 
THR 'L-peptide linking' y THREONINE                  ?                                            'C4 H9 N O3'        119.119 
TRP 'L-peptide linking' y TRYPTOPHAN                 ?                                            'C11 H12 N2 O2'     204.225 
TYR 'L-peptide linking' y TYROSINE                   ?                                            'C9 H11 N O3'       181.189 
VAL 'L-peptide linking' y VALINE                     ?                                            'C5 H11 N O2'       117.146 
# 
loop_
_pdbx_poly_seq_scheme.asym_id 
_pdbx_poly_seq_scheme.entity_id 
_pdbx_poly_seq_scheme.seq_id 
_pdbx_poly_seq_scheme.mon_id 
_pdbx_poly_seq_scheme.ndb_seq_num 
_pdbx_poly_seq_scheme.pdb_seq_num 
_pdbx_poly_seq_scheme.auth_seq_num 
_pdbx_poly_seq_scheme.pdb_mon_id 
_pdbx_poly_seq_scheme.auth_mon_id 
_pdbx_poly_seq_scheme.pdb_strand_id 
_pdbx_poly_seq_scheme.pdb_ins_code 
_pdbx_poly_seq_scheme.hetero 
A 1 1   GLY 1   28  ?   ?   ?   X . n 
A 1 2   PRO 2   29  ?   ?   ?   X . n 
A 1 3   HIS 3   30  30  HIS HIS X . n 
A 1 4   MET 4   31  31  MET MET X . n 
A 1 5   SER 5   32  32  SER SER X . n 
A 1 6   ILE 6   33  33  ILE ILE X . n 
A 1 7   HIS 7   34  34  HIS HIS X . n 
A 1 8   SER 8   35  35  SER SER X . n 
A 1 9   GLY 9   36  36  GLY GLY X . n 
A 1 10  ARG 10  37  37  ARG ARG X . n 
A 1 11  ILE 11  38  38  ILE ILE X . n 
A 1 12  ALA 12  39  39  ALA ALA X . n 
A 1 13  ALA 13  40  40  ALA ALA X . n 
A 1 14  VAL 14  41  41  VAL VAL X . n 
A 1 15  HIS 15  42  42  HIS HIS X . n 
A 1 16  ASN 16  43  43  ASN ASN X . n 
A 1 17  VAL 17  44  44  VAL VAL X . n 
A 1 18  PRO 18  45  45  PRO PRO X . n 
A 1 19  LEU 19  46  46  LEU LEU X . n 
A 1 20  SER 20  47  47  SER SER X . n 
A 1 21  VAL 21  48  48  VAL VAL X . n 
A 1 22  LEU 22  49  49  LEU LEU X . n 
A 1 23  ILE 23  50  50  ILE ILE X . n 
A 1 24  ARG 24  51  51  ARG ARG X . n 
A 1 25  PRO 25  52  52  PRO PRO X . n 
A 1 26  LEU 26  53  53  LEU LEU X . n 
A 1 27  PRO 27  54  54  PRO PRO X . n 
A 1 28  SER 28  55  55  SER SER X . n 
A 1 29  VAL 29  56  56  VAL VAL X . n 
A 1 30  LEU 30  57  57  LEU LEU X . n 
A 1 31  ASP 31  58  58  ASP ASP X . n 
A 1 32  PRO 32  59  59  PRO PRO X . n 
A 1 33  ALA 33  60  60  ALA ALA X . n 
A 1 34  LYS 34  61  61  LYS LYS X . n 
A 1 35  VAL 35  62  62  VAL VAL X . n 
A 1 36  GLN 36  63  63  GLN GLN X . n 
A 1 37  SER 37  64  64  SER SER X . n 
A 1 38  LEU 38  65  65  LEU LEU X . n 
A 1 39  VAL 39  66  66  VAL VAL X . n 
A 1 40  ASP 40  67  67  ASP ASP X . n 
A 1 41  THR 41  68  68  THR THR X . n 
A 1 42  ILE 42  69  69  ILE ILE X . n 
A 1 43  ARG 43  70  70  ARG ARG X . n 
A 1 44  GLU 44  71  71  GLU GLU X . n 
A 1 45  ASP 45  72  72  ASP ASP X . n 
A 1 46  PRO 46  73  73  PRO PRO X . n 
A 1 47  ASP 47  74  74  ASP ASP X . n 
A 1 48  SER 48  75  75  SER SER X . n 
A 1 49  VAL 49  76  76  VAL VAL X . n 
A 1 50  PRO 50  77  77  PRO PRO X . n 
A 1 51  PRO 51  78  78  PRO PRO X . n 
A 1 52  ILE 52  79  79  ILE ILE X . n 
A 1 53  ASP 53  80  80  ASP ASP X . n 
A 1 54  VAL 54  81  81  VAL VAL X . n 
A 1 55  LEU 55  82  82  LEU LEU X . n 
A 1 56  TRP 56  83  83  TRP TRP X . n 
A 1 57  ILE 57  84  84  ILE ILE X . n 
A 1 58  LYS 58  85  85  LYS LYS X . n 
A 1 59  GLY 59  86  86  GLY GLY X . n 
A 1 60  ALA 60  87  87  ALA ALA X . n 
A 1 61  GLN 61  88  88  GLN GLN X . n 
A 1 62  GLY 62  89  89  GLY GLY X . n 
A 1 63  GLY 63  90  90  GLY GLY X . n 
A 1 64  ASP 64  91  91  ASP ASP X . n 
A 1 65  TYR 65  92  92  TYR TYR X . n 
A 1 66  PHE 66  93  93  PHE PHE X . n 
A 1 67  TYR 67  94  94  TYR TYR X . n 
A 1 68  SER 68  95  95  SER SER X . n 
A 1 69  PHE 69  96  96  PHE PHE X . n 
A 1 70  GLY 70  97  97  GLY GLY X . n 
A 1 71  GLY 71  98  98  GLY GLY X . n 
A 1 72  CSD 72  99  99  CSD CSD X . n 
A 1 73  HIS 73  100 100 HIS HIS X . n 
A 1 74  ARG 74  101 101 ARG ARG X . n 
A 1 75  TYR 75  102 102 TYR TYR X . n 
A 1 76  ALA 76  103 103 ALA ALA X . n 
A 1 77  ALA 77  104 104 ALA ALA X . n 
A 1 78  TYR 78  105 105 TYR TYR X . n 
A 1 79  GLN 79  106 106 GLN GLN X . n 
A 1 80  GLN 80  107 107 GLN GLN X . n 
A 1 81  LEU 81  108 108 LEU LEU X . n 
A 1 82  GLN 82  109 109 GLN GLN X . n 
A 1 83  ARG 83  110 110 ARG ARG X . n 
A 1 84  GLU 84  111 111 GLU GLU X . n 
A 1 85  THR 85  112 112 THR THR X . n 
A 1 86  ILE 86  113 113 ILE ILE X . n 
A 1 87  PRO 87  114 114 PRO PRO X . n 
A 1 88  ALA 88  115 115 ALA ALA X . n 
A 1 89  LYS 89  116 116 LYS LYS X . n 
A 1 90  LEU 90  117 117 LEU LEU X . n 
A 1 91  VAL 91  118 118 VAL VAL X . n 
A 1 92  GLN 92  119 119 GLN GLN X . n 
A 1 93  SER 93  120 120 SER SER X . n 
A 1 94  THR 94  121 121 THR THR X . n 
A 1 95  LEU 95  122 122 LEU LEU X . n 
A 1 96  SER 96  123 123 SER SER X . n 
A 1 97  ASP 97  124 124 ASP ASP X . n 
A 1 98  LEU 98  125 125 LEU LEU X . n 
A 1 99  ARG 99  126 126 ARG ARG X . n 
A 1 100 VAL 100 127 127 VAL VAL X . n 
A 1 101 TYR 101 128 128 TYR TYR X . n 
A 1 102 LEU 102 129 129 LEU LEU X . n 
A 1 103 GLY 103 130 130 GLY GLY X . n 
A 1 104 ALA 104 131 131 ALA ALA X . n 
A 1 105 SER 105 132 132 SER SER X . n 
A 1 106 THR 106 133 133 THR THR X . n 
A 1 107 PRO 107 134 134 PRO PRO X . n 
A 1 108 ASP 108 135 135 ASP ASP X . n 
A 1 109 LEU 109 136 136 LEU LEU X . n 
A 1 110 GLN 110 137 137 GLN GLN X . n 
# 
loop_
_pdbx_nonpoly_scheme.asym_id 
_pdbx_nonpoly_scheme.entity_id 
_pdbx_nonpoly_scheme.mon_id 
_pdbx_nonpoly_scheme.ndb_seq_num 
_pdbx_nonpoly_scheme.pdb_seq_num 
_pdbx_nonpoly_scheme.auth_seq_num 
_pdbx_nonpoly_scheme.pdb_mon_id 
_pdbx_nonpoly_scheme.auth_mon_id 
_pdbx_nonpoly_scheme.pdb_strand_id 
_pdbx_nonpoly_scheme.pdb_ins_code 
B 2 ADP 1  998  998 ADP ADP X . 
C 3 HOH 1  999  1   HOH HOH X . 
C 3 HOH 2  1000 2   HOH HOH X . 
C 3 HOH 3  1001 3   HOH HOH X . 
C 3 HOH 4  1002 4   HOH HOH X . 
C 3 HOH 5  1003 5   HOH HOH X . 
C 3 HOH 6  1004 6   HOH HOH X . 
C 3 HOH 7  1005 7   HOH HOH X . 
C 3 HOH 8  1006 8   HOH HOH X . 
C 3 HOH 9  1007 9   HOH HOH X . 
C 3 HOH 10 1008 10  HOH HOH X . 
C 3 HOH 11 1009 11  HOH HOH X . 
C 3 HOH 12 1010 12  HOH HOH X . 
C 3 HOH 13 1011 13  HOH HOH X . 
C 3 HOH 14 1012 14  HOH HOH X . 
C 3 HOH 15 1013 15  HOH HOH X . 
C 3 HOH 16 1014 16  HOH HOH X . 
C 3 HOH 17 1015 17  HOH HOH X . 
C 3 HOH 18 1016 18  HOH HOH X . 
C 3 HOH 19 1017 19  HOH HOH X . 
C 3 HOH 20 1018 20  HOH HOH X . 
C 3 HOH 21 1019 21  HOH HOH X . 
C 3 HOH 22 1020 22  HOH HOH X . 
C 3 HOH 23 1021 23  HOH HOH X . 
C 3 HOH 24 1022 24  HOH HOH X . 
C 3 HOH 25 1023 25  HOH HOH X . 
C 3 HOH 26 1024 26  HOH HOH X . 
C 3 HOH 27 1025 27  HOH HOH X . 
C 3 HOH 28 1026 28  HOH HOH X . 
C 3 HOH 29 1027 29  HOH HOH X . 
C 3 HOH 30 1028 30  HOH HOH X . 
C 3 HOH 31 1029 31  HOH HOH X . 
C 3 HOH 32 1030 32  HOH HOH X . 
C 3 HOH 33 1031 33  HOH HOH X . 
C 3 HOH 34 1032 34  HOH HOH X . 
C 3 HOH 35 1033 35  HOH HOH X . 
C 3 HOH 36 1034 36  HOH HOH X . 
C 3 HOH 37 1035 37  HOH HOH X . 
C 3 HOH 38 1036 38  HOH HOH X . 
C 3 HOH 39 1037 39  HOH HOH X . 
C 3 HOH 40 1038 40  HOH HOH X . 
C 3 HOH 41 1039 41  HOH HOH X . 
C 3 HOH 42 1040 42  HOH HOH X . 
C 3 HOH 43 1041 43  HOH HOH X . 
C 3 HOH 44 1042 44  HOH HOH X . 
C 3 HOH 45 1043 45  HOH HOH X . 
C 3 HOH 46 1044 46  HOH HOH X . 
C 3 HOH 47 1045 47  HOH HOH X . 
C 3 HOH 48 1046 48  HOH HOH X . 
C 3 HOH 49 1047 49  HOH HOH X . 
C 3 HOH 50 1048 50  HOH HOH X . 
C 3 HOH 51 1049 51  HOH HOH X . 
C 3 HOH 52 1050 52  HOH HOH X . 
C 3 HOH 53 1051 53  HOH HOH X . 
C 3 HOH 54 1052 54  HOH HOH X . 
C 3 HOH 55 1053 55  HOH HOH X . 
C 3 HOH 56 1054 56  HOH HOH X . 
C 3 HOH 57 1055 57  HOH HOH X . 
C 3 HOH 58 1056 58  HOH HOH X . 
C 3 HOH 59 1057 59  HOH HOH X . 
C 3 HOH 60 1058 60  HOH HOH X . 
C 3 HOH 61 1059 61  HOH HOH X . 
C 3 HOH 62 1060 62  HOH HOH X . 
C 3 HOH 63 1061 63  HOH HOH X . 
C 3 HOH 64 1062 64  HOH HOH X . 
C 3 HOH 65 1063 65  HOH HOH X . 
C 3 HOH 66 1064 66  HOH HOH X . 
C 3 HOH 67 1065 67  HOH HOH X . 
C 3 HOH 68 1066 68  HOH HOH X . 
C 3 HOH 69 1067 69  HOH HOH X . 
C 3 HOH 70 1068 70  HOH HOH X . 
C 3 HOH 71 1069 71  HOH HOH X . 
# 
loop_
_software.name 
_software.classification 
_software.version 
_software.citation_id 
_software.pdbx_ordinal 
REFMAC refinement       5.2.0005 ? 1 
d*TREK 'data reduction' .        ? 2 
CNS    refinement       .        ? 3 
CNS    phasing          .        ? 4 
d*TREK 'data scaling'   .        ? 5 
# 
_cell.entry_id           1XW4 
_cell.length_a           68.451 
_cell.length_b           68.451 
_cell.length_c           50.891 
_cell.angle_alpha        90.00 
_cell.angle_beta         90.00 
_cell.angle_gamma        120.00 
_cell.Z_PDB              6 
_cell.pdbx_unique_axis   ? 
# 
_symmetry.entry_id                         1XW4 
_symmetry.space_group_name_H-M             'P 32 2 1' 
_symmetry.pdbx_full_space_group_name_H-M   ? 
_symmetry.cell_setting                     ? 
_symmetry.Int_Tables_number                154 
_symmetry.space_group_name_Hall            ? 
# 
_exptl.entry_id          1XW4 
_exptl.method            'X-RAY DIFFRACTION' 
_exptl.crystals_number   1 
# 
_exptl_crystal.id                    1 
_exptl_crystal.density_meas          ? 
_exptl_crystal.density_Matthews      2.9 
_exptl_crystal.density_percent_sol   56.7 
_exptl_crystal.description           ? 
_exptl_crystal.F_000                 ? 
_exptl_crystal.preparation           ? 
# 
_exptl_crystal_grow.crystal_id      1 
_exptl_crystal_grow.method          ? 
_exptl_crystal_grow.temp            293 
_exptl_crystal_grow.temp_details    ? 
_exptl_crystal_grow.pH              7.50 
_exptl_crystal_grow.pdbx_details    'MPD, pH 7.5, VAPOR DIFFUSION, HANGING DROP, temperature 293K, pH 7.50' 
_exptl_crystal_grow.pdbx_pH_range   . 
# 
_diffrn.id                     1 
_diffrn.ambient_temp           100.0 
_diffrn.ambient_temp_details   ? 
_diffrn.crystal_id             1 
# 
_diffrn_detector.diffrn_id              1 
_diffrn_detector.detector               'IMAGE PLATE' 
_diffrn_detector.type                   RIGAKU 
_diffrn_detector.pdbx_collection_date   2004-07-09 
_diffrn_detector.details                'CONFOCAL BLUE MAX-FLUX' 
# 
_diffrn_radiation.diffrn_id                        1 
_diffrn_radiation.wavelength_id                    1 
_diffrn_radiation.pdbx_monochromatic_or_laue_m_l   M 
_diffrn_radiation.monochromator                    ? 
_diffrn_radiation.pdbx_diffrn_protocol             'SINGLE WAVELENGTH' 
_diffrn_radiation.pdbx_scattering_type             x-ray 
# 
_diffrn_radiation_wavelength.id           1 
_diffrn_radiation_wavelength.wavelength   1.5418 
_diffrn_radiation_wavelength.wt           1.0 
# 
_diffrn_source.diffrn_id                   1 
_diffrn_source.source                      'ROTATING ANODE' 
_diffrn_source.type                        'RIGAKU MICROMAX-007' 
_diffrn_source.pdbx_synchrotron_site       ? 
_diffrn_source.pdbx_synchrotron_beamline   ? 
_diffrn_source.pdbx_wavelength             1.5418 
_diffrn_source.pdbx_wavelength_list        ? 
# 
_reflns.entry_id                     1XW4 
_reflns.observed_criterion_sigma_I   0.000 
_reflns.observed_criterion_sigma_F   ? 
_reflns.d_resolution_low             29.640 
_reflns.d_resolution_high            2.000 
_reflns.number_obs                   9562 
_reflns.number_all                   ? 
_reflns.percent_possible_obs         99.6 
_reflns.pdbx_Rmerge_I_obs            0.051 
_reflns.pdbx_Rsym_value              ? 
_reflns.pdbx_netI_over_sigmaI        30.9000 
_reflns.B_iso_Wilson_estimate        ? 
_reflns.pdbx_redundancy              9.630 
_reflns.R_free_details               ? 
_reflns.limit_h_max                  ? 
_reflns.limit_h_min                  ? 
_reflns.limit_k_max                  ? 
_reflns.limit_k_min                  ? 
_reflns.limit_l_max                  ? 
_reflns.limit_l_min                  ? 
_reflns.observed_criterion_F_max     ? 
_reflns.observed_criterion_F_min     ? 
_reflns.pdbx_chi_squared             ? 
_reflns.pdbx_scaling_rejects         ? 
_reflns.pdbx_diffrn_id               1 
_reflns.pdbx_ordinal                 1 
# 
_reflns_shell.d_res_high             2.00 
_reflns_shell.d_res_low              2.07 
_reflns_shell.percent_possible_all   95.3 
_reflns_shell.Rmerge_I_obs           ? 
_reflns_shell.pdbx_Rsym_value        ? 
_reflns_shell.meanI_over_sigI_obs    4.400 
_reflns_shell.pdbx_redundancy        5.03 
_reflns_shell.percent_possible_obs   ? 
_reflns_shell.number_unique_all      ? 
_reflns_shell.number_measured_all    ? 
_reflns_shell.number_measured_obs    ? 
_reflns_shell.number_unique_obs      ? 
_reflns_shell.pdbx_chi_squared       ? 
_reflns_shell.pdbx_diffrn_id         ? 
_reflns_shell.pdbx_ordinal           1 
# 
_refine.entry_id                                 1XW4 
_refine.ls_number_reflns_obs                     9084 
_refine.ls_number_reflns_all                     9602 
_refine.pdbx_ls_sigma_I                          ? 
_refine.pdbx_ls_sigma_F                          ? 
_refine.pdbx_data_cutoff_high_absF               ? 
_refine.pdbx_data_cutoff_low_absF                ? 
_refine.pdbx_data_cutoff_high_rms_absF           ? 
_refine.ls_d_res_low                             29.6 
_refine.ls_d_res_high                            2.00 
_refine.ls_percent_reflns_obs                    99.43 
_refine.ls_R_factor_obs                          0.22068 
_refine.ls_R_factor_all                          ? 
_refine.ls_R_factor_R_work                       0.21825 
_refine.ls_R_factor_R_free                       0.27084 
_refine.ls_R_factor_R_free_error                 ? 
_refine.ls_R_factor_R_free_error_details         ? 
_refine.ls_percent_reflns_R_free                 4.8 
_refine.ls_number_reflns_R_free                  456 
_refine.ls_number_parameters                     ? 
_refine.ls_number_restraints                     ? 
_refine.occupancy_min                            ? 
_refine.occupancy_max                            ? 
_refine.correlation_coeff_Fo_to_Fc               0.944 
_refine.correlation_coeff_Fo_to_Fc_free          0.917 
_refine.B_iso_mean                               27.872 
_refine.aniso_B[1][1]                            0.54 
_refine.aniso_B[2][2]                            0.54 
_refine.aniso_B[3][3]                            -0.81 
_refine.aniso_B[1][2]                            0.27 
_refine.aniso_B[1][3]                            0.00 
_refine.aniso_B[2][3]                            0.00 
_refine.solvent_model_details                    MASK 
_refine.solvent_model_param_ksol                 ? 
_refine.solvent_model_param_bsol                 ? 
_refine.pdbx_solvent_vdw_probe_radii             1.20 
_refine.pdbx_solvent_ion_probe_radii             0.80 
_refine.pdbx_solvent_shrinkage_radii             0.80 
_refine.pdbx_ls_cross_valid_method               THROUGHOUT 
_refine.details                                  'HYDROGENS HAVE BEEN ADDED IN THE RIDING POSITIONS' 
_refine.pdbx_starting_model                      'PDB ENTRY 1XW3' 
_refine.pdbx_method_to_determine_struct          'MOLECULAR REPLACEMENT' 
_refine.pdbx_isotropic_thermal_model             ? 
_refine.pdbx_stereochemistry_target_values       'MAXIMUM LIKELIHOOD' 
_refine.pdbx_stereochem_target_val_spec_case     ? 
_refine.pdbx_R_Free_selection_details            RANDOM 
_refine.pdbx_overall_ESU_R                       0.187 
_refine.pdbx_overall_ESU_R_Free                  0.177 
_refine.overall_SU_ML                            0.128 
_refine.overall_SU_B                             4.501 
_refine.ls_redundancy_reflns_obs                 ? 
_refine.B_iso_min                                ? 
_refine.B_iso_max                                ? 
_refine.overall_SU_R_Cruickshank_DPI             ? 
_refine.overall_SU_R_free                        ? 
_refine.ls_wR_factor_R_free                      ? 
_refine.ls_wR_factor_R_work                      ? 
_refine.overall_FOM_free_R_set                   ? 
_refine.overall_FOM_work_R_set                   ? 
_refine.pdbx_refine_id                           'X-RAY DIFFRACTION' 
_refine.pdbx_diffrn_id                           1 
_refine.pdbx_TLS_residual_ADP_flag               ? 
_refine.pdbx_overall_phase_error                 ? 
_refine.pdbx_overall_SU_R_free_Cruickshank_DPI   ? 
_refine.pdbx_overall_SU_R_Blow_DPI               ? 
_refine.pdbx_overall_SU_R_free_Blow_DPI          ? 
# 
_refine_analyze.entry_id                        1XW4 
_refine_analyze.Luzzati_coordinate_error_obs    0.36 
_refine_analyze.Luzzati_sigma_a_obs             0.23 
_refine_analyze.Luzzati_d_res_low_obs           ? 
_refine_analyze.Luzzati_coordinate_error_free   ? 
_refine_analyze.Luzzati_sigma_a_free            ? 
_refine_analyze.Luzzati_d_res_low_free          ? 
_refine_analyze.number_disordered_residues      ? 
_refine_analyze.occupancy_sum_hydrogen          ? 
_refine_analyze.occupancy_sum_non_hydrogen      ? 
_refine_analyze.pdbx_Luzzati_d_res_high_obs     ? 
_refine_analyze.pdbx_refine_id                  'X-RAY DIFFRACTION' 
# 
_refine_hist.pdbx_refine_id                   'X-RAY DIFFRACTION' 
_refine_hist.cycle_id                         LAST 
_refine_hist.pdbx_number_atoms_protein        840 
_refine_hist.pdbx_number_atoms_nucleic_acid   0 
_refine_hist.pdbx_number_atoms_ligand         27 
_refine_hist.number_atoms_solvent             71 
_refine_hist.number_atoms_total               938 
_refine_hist.d_res_high                       2.00 
_refine_hist.d_res_low                        29.6 
# 
loop_
_refine_ls_restr.type 
_refine_ls_restr.dev_ideal 
_refine_ls_restr.dev_ideal_target 
_refine_ls_restr.weight 
_refine_ls_restr.number 
_refine_ls_restr.pdbx_refine_id 
_refine_ls_restr.pdbx_restraint_function 
r_bond_refined_d             0.020  0.022  ? 890  'X-RAY DIFFRACTION' ? 
r_bond_other_d               ?      ?      ? ?    'X-RAY DIFFRACTION' ? 
r_angle_refined_deg          1.828  2.024  ? 1222 'X-RAY DIFFRACTION' ? 
r_angle_other_deg            ?      ?      ? ?    'X-RAY DIFFRACTION' ? 
r_dihedral_angle_1_deg       6.479  5.000  ? 107  'X-RAY DIFFRACTION' ? 
r_dihedral_angle_2_deg       35.158 23.333 ? 36   'X-RAY DIFFRACTION' ? 
r_dihedral_angle_3_deg       14.420 15.000 ? 134  'X-RAY DIFFRACTION' ? 
r_dihedral_angle_4_deg       14.855 15.000 ? 6    'X-RAY DIFFRACTION' ? 
r_chiral_restr               0.115  0.200  ? 139  'X-RAY DIFFRACTION' ? 
r_gen_planes_refined         0.007  0.020  ? 669  'X-RAY DIFFRACTION' ? 
r_gen_planes_other           ?      ?      ? ?    'X-RAY DIFFRACTION' ? 
r_nbd_refined                0.216  0.200  ? 326  'X-RAY DIFFRACTION' ? 
r_nbd_other                  ?      ?      ? ?    'X-RAY DIFFRACTION' ? 
r_nbtor_refined              0.301  0.200  ? 593  'X-RAY DIFFRACTION' ? 
r_nbtor_other                ?      ?      ? ?    'X-RAY DIFFRACTION' ? 
r_xyhbond_nbd_refined        0.224  0.200  ? 67   'X-RAY DIFFRACTION' ? 
r_xyhbond_nbd_other          ?      ?      ? ?    'X-RAY DIFFRACTION' ? 
r_metal_ion_refined          ?      ?      ? ?    'X-RAY DIFFRACTION' ? 
r_metal_ion_other            ?      ?      ? ?    'X-RAY DIFFRACTION' ? 
r_symmetry_vdw_refined       0.240  0.200  ? 40   'X-RAY DIFFRACTION' ? 
r_symmetry_vdw_other         ?      ?      ? ?    'X-RAY DIFFRACTION' ? 
r_symmetry_hbond_refined     0.108  0.200  ? 10   'X-RAY DIFFRACTION' ? 
r_symmetry_hbond_other       ?      ?      ? ?    'X-RAY DIFFRACTION' ? 
r_symmetry_metal_ion_refined ?      ?      ? ?    'X-RAY DIFFRACTION' ? 
r_symmetry_metal_ion_other   ?      ?      ? ?    'X-RAY DIFFRACTION' ? 
r_mcbond_it                  1.126  1.500  ? 553  'X-RAY DIFFRACTION' ? 
r_mcbond_other               ?      ?      ? ?    'X-RAY DIFFRACTION' ? 
r_mcangle_it                 1.834  2.000  ? 882  'X-RAY DIFFRACTION' ? 
r_scbond_it                  2.778  3.000  ? 384  'X-RAY DIFFRACTION' ? 
r_scangle_it                 4.357  4.500  ? 340  'X-RAY DIFFRACTION' ? 
r_rigid_bond_restr           ?      ?      ? ?    'X-RAY DIFFRACTION' ? 
r_sphericity_free            ?      ?      ? ?    'X-RAY DIFFRACTION' ? 
r_sphericity_bonded          ?      ?      ? ?    'X-RAY DIFFRACTION' ? 
# 
_refine_ls_shell.pdbx_total_number_of_bins_used   20 
_refine_ls_shell.d_res_high                       2.001 
_refine_ls_shell.d_res_low                        2.053 
_refine_ls_shell.number_reflns_R_work             613 
_refine_ls_shell.R_factor_R_work                  0.278 
_refine_ls_shell.percent_reflns_obs               93.93 
_refine_ls_shell.R_factor_R_free                  0.332 
_refine_ls_shell.R_factor_R_free_error            ? 
_refine_ls_shell.percent_reflns_R_free            ? 
_refine_ls_shell.number_reflns_R_free             37 
_refine_ls_shell.redundancy_reflns_obs            ? 
_refine_ls_shell.number_reflns_all                ? 
_refine_ls_shell.number_reflns_obs                ? 
_refine_ls_shell.pdbx_refine_id                   'X-RAY DIFFRACTION' 
_refine_ls_shell.R_factor_all                     ? 
# 
_struct.entry_id                  1XW4 
_struct.title                     'Crystal Structure of Human Sulfiredoxin (Srx) in Complex with ADP' 
_struct.pdbx_model_details        ? 
_struct.pdbx_CASP_flag            ? 
_struct.pdbx_model_type_details   ? 
# 
_struct_keywords.entry_id        1XW4 
_struct_keywords.pdbx_keywords   OXIDOREDUCTASE 
_struct_keywords.text            'sulfiredoxin, cysteine, sulfinic acid, peroxiredoxin, sulphiredoxin, OXIDOREDUCTASE' 
# 
loop_
_struct_asym.id 
_struct_asym.pdbx_blank_PDB_chainid_flag 
_struct_asym.pdbx_modified 
_struct_asym.entity_id 
_struct_asym.details 
A N N 1 ? 
B N N 2 ? 
C N N 3 ? 
# 
_struct_ref.id                         1 
_struct_ref.db_name                    UNP 
_struct_ref.db_code                    SRX_HUMAN 
_struct_ref.pdbx_db_accession          Q9BYN0 
_struct_ref.entity_id                  1 
_struct_ref.pdbx_seq_one_letter_code   
;SIHSGRIAAVHNVPLSVLIRPLPSVLDPAKVQSLVDTIREDPDSVPPIDVLWIKGAQGGDYFYSFGGCHRYAAYQQLQRE
TIPAKLVQSTLSDLRVYLGASTPDLQ
;
_struct_ref.pdbx_align_begin           32 
_struct_ref.pdbx_db_isoform            ? 
# 
_struct_ref_seq.align_id                      1 
_struct_ref_seq.ref_id                        1 
_struct_ref_seq.pdbx_PDB_id_code              1XW4 
_struct_ref_seq.pdbx_strand_id                X 
_struct_ref_seq.seq_align_beg                 5 
_struct_ref_seq.pdbx_seq_align_beg_ins_code   ? 
_struct_ref_seq.seq_align_end                 110 
_struct_ref_seq.pdbx_seq_align_end_ins_code   ? 
_struct_ref_seq.pdbx_db_accession             Q9BYN0 
_struct_ref_seq.db_align_beg                  32 
_struct_ref_seq.pdbx_db_align_beg_ins_code    ? 
_struct_ref_seq.db_align_end                  137 
_struct_ref_seq.pdbx_db_align_end_ins_code    ? 
_struct_ref_seq.pdbx_auth_seq_align_beg       32 
_struct_ref_seq.pdbx_auth_seq_align_end       137 
# 
loop_
_struct_ref_seq_dif.align_id 
_struct_ref_seq_dif.pdbx_pdb_id_code 
_struct_ref_seq_dif.mon_id 
_struct_ref_seq_dif.pdbx_pdb_strand_id 
_struct_ref_seq_dif.seq_num 
_struct_ref_seq_dif.pdbx_pdb_ins_code 
_struct_ref_seq_dif.pdbx_seq_db_name 
_struct_ref_seq_dif.pdbx_seq_db_accession_code 
_struct_ref_seq_dif.db_mon_id 
_struct_ref_seq_dif.pdbx_seq_db_seq_num 
_struct_ref_seq_dif.details 
_struct_ref_seq_dif.pdbx_auth_seq_num 
_struct_ref_seq_dif.pdbx_ordinal 
1 1XW4 GLY X 1  ? UNP Q9BYN0 ?   ?  'cloning artifact' 28 1 
1 1XW4 PRO X 2  ? UNP Q9BYN0 ?   ?  'cloning artifact' 29 2 
1 1XW4 HIS X 3  ? UNP Q9BYN0 ?   ?  'cloning artifact' 30 3 
1 1XW4 MET X 4  ? UNP Q9BYN0 ?   ?  'cloning artifact' 31 4 
1 1XW4 CSD X 72 ? UNP Q9BYN0 CYS 99 'modified residue' 99 5 
# 
_pdbx_struct_assembly.id                   1 
_pdbx_struct_assembly.details              author_defined_assembly 
_pdbx_struct_assembly.method_details       ? 
_pdbx_struct_assembly.oligomeric_details   monomeric 
_pdbx_struct_assembly.oligomeric_count     1 
# 
_pdbx_struct_assembly_gen.assembly_id       1 
_pdbx_struct_assembly_gen.oper_expression   1 
_pdbx_struct_assembly_gen.asym_id_list      A,B,C 
# 
_pdbx_struct_oper_list.id                   1 
_pdbx_struct_oper_list.type                 'identity operation' 
_pdbx_struct_oper_list.name                 1_555 
_pdbx_struct_oper_list.symmetry_operation   x,y,z 
_pdbx_struct_oper_list.matrix[1][1]         1.0000000000 
_pdbx_struct_oper_list.matrix[1][2]         0.0000000000 
_pdbx_struct_oper_list.matrix[1][3]         0.0000000000 
_pdbx_struct_oper_list.vector[1]            0.0000000000 
_pdbx_struct_oper_list.matrix[2][1]         0.0000000000 
_pdbx_struct_oper_list.matrix[2][2]         1.0000000000 
_pdbx_struct_oper_list.matrix[2][3]         0.0000000000 
_pdbx_struct_oper_list.vector[2]            0.0000000000 
_pdbx_struct_oper_list.matrix[3][1]         0.0000000000 
_pdbx_struct_oper_list.matrix[3][2]         0.0000000000 
_pdbx_struct_oper_list.matrix[3][3]         1.0000000000 
_pdbx_struct_oper_list.vector[3]            0.0000000000 
# 
loop_
_struct_conf.conf_type_id 
_struct_conf.id 
_struct_conf.pdbx_PDB_helix_id 
_struct_conf.beg_label_comp_id 
_struct_conf.beg_label_asym_id 
_struct_conf.beg_label_seq_id 
_struct_conf.pdbx_beg_PDB_ins_code 
_struct_conf.end_label_comp_id 
_struct_conf.end_label_asym_id 
_struct_conf.end_label_seq_id 
_struct_conf.pdbx_end_PDB_ins_code 
_struct_conf.beg_auth_comp_id 
_struct_conf.beg_auth_asym_id 
_struct_conf.beg_auth_seq_id 
_struct_conf.end_auth_comp_id 
_struct_conf.end_auth_asym_id 
_struct_conf.end_auth_seq_id 
_struct_conf.pdbx_PDB_helix_class 
_struct_conf.details 
_struct_conf.pdbx_PDB_helix_length 
HELX_P HELX_P1 1 ASP A 31  ? ASP A 45  ? ASP X 58  ASP X 72  1 ? 15 
HELX_P HELX_P2 2 PRO A 46  ? VAL A 49  ? PRO X 73  VAL X 76  5 ? 4  
HELX_P HELX_P3 3 GLY A 71  ? LEU A 81  ? GLY X 98  LEU X 108 1 ? 11 
HELX_P HELX_P4 4 THR A 94  ? GLY A 103 ? THR X 121 GLY X 130 1 ? 10 
HELX_P HELX_P5 5 ALA A 104 ? THR A 106 ? ALA X 131 THR X 133 5 ? 3  
# 
_struct_conf_type.id          HELX_P 
_struct_conf_type.criteria    ? 
_struct_conf_type.reference   ? 
# 
loop_
_struct_conn.id 
_struct_conn.conn_type_id 
_struct_conn.pdbx_leaving_atom_flag 
_struct_conn.pdbx_PDB_id 
_struct_conn.ptnr1_label_asym_id 
_struct_conn.ptnr1_label_comp_id 
_struct_conn.ptnr1_label_seq_id 
_struct_conn.ptnr1_label_atom_id 
_struct_conn.pdbx_ptnr1_label_alt_id 
_struct_conn.pdbx_ptnr1_PDB_ins_code 
_struct_conn.pdbx_ptnr1_standard_comp_id 
_struct_conn.ptnr1_symmetry 
_struct_conn.ptnr2_label_asym_id 
_struct_conn.ptnr2_label_comp_id 
_struct_conn.ptnr2_label_seq_id 
_struct_conn.ptnr2_label_atom_id 
_struct_conn.pdbx_ptnr2_label_alt_id 
_struct_conn.pdbx_ptnr2_PDB_ins_code 
_struct_conn.ptnr1_auth_asym_id 
_struct_conn.ptnr1_auth_comp_id 
_struct_conn.ptnr1_auth_seq_id 
_struct_conn.ptnr2_auth_asym_id 
_struct_conn.ptnr2_auth_comp_id 
_struct_conn.ptnr2_auth_seq_id 
_struct_conn.ptnr2_symmetry 
_struct_conn.pdbx_ptnr3_label_atom_id 
_struct_conn.pdbx_ptnr3_label_seq_id 
_struct_conn.pdbx_ptnr3_label_comp_id 
_struct_conn.pdbx_ptnr3_label_asym_id 
_struct_conn.pdbx_ptnr3_label_alt_id 
_struct_conn.pdbx_ptnr3_PDB_ins_code 
_struct_conn.details 
_struct_conn.pdbx_dist_value 
_struct_conn.pdbx_value_order 
_struct_conn.pdbx_role 
covale1 covale both ? A GLY 71 C ? ? ? 1_555 A CSD 72 N ? ? X GLY 98 X CSD 99  1_555 ? ? ? ? ? ? ? 1.332 ? ? 
covale2 covale both ? A CSD 72 C ? ? ? 1_555 A HIS 73 N ? ? X CSD 99 X HIS 100 1_555 ? ? ? ? ? ? ? 1.325 ? ? 
# 
_struct_conn_type.id          covale 
_struct_conn_type.criteria    ? 
_struct_conn_type.reference   ? 
# 
loop_
_pdbx_modification_feature.ordinal 
_pdbx_modification_feature.label_comp_id 
_pdbx_modification_feature.label_asym_id 
_pdbx_modification_feature.label_seq_id 
_pdbx_modification_feature.label_alt_id 
_pdbx_modification_feature.modified_residue_label_comp_id 
_pdbx_modification_feature.modified_residue_label_asym_id 
_pdbx_modification_feature.modified_residue_label_seq_id 
_pdbx_modification_feature.modified_residue_label_alt_id 
_pdbx_modification_feature.auth_comp_id 
_pdbx_modification_feature.auth_asym_id 
_pdbx_modification_feature.auth_seq_id 
_pdbx_modification_feature.PDB_ins_code 
_pdbx_modification_feature.symmetry 
_pdbx_modification_feature.modified_residue_auth_comp_id 
_pdbx_modification_feature.modified_residue_auth_asym_id 
_pdbx_modification_feature.modified_residue_auth_seq_id 
_pdbx_modification_feature.modified_residue_PDB_ins_code 
_pdbx_modification_feature.modified_residue_symmetry 
_pdbx_modification_feature.comp_id_linking_atom 
_pdbx_modification_feature.modified_residue_id_linking_atom 
_pdbx_modification_feature.modified_residue_id 
_pdbx_modification_feature.ref_pcm_id 
_pdbx_modification_feature.ref_comp_id 
_pdbx_modification_feature.type 
_pdbx_modification_feature.category 
1 CSD A 72 ? . . . . CSD X 99 ? 1_555 . . . . . . . CYS 1 CSD Oxidation     'Named protein modification' 
2 CSD A 72 ? . . . . CSD X 99 ? 1_555 . . . . . . . CYS 2 CSD Hydroxylation 'Named protein modification' 
# 
_struct_sheet.id               A 
_struct_sheet.type             ? 
_struct_sheet.number_strands   5 
_struct_sheet.details          ? 
# 
loop_
_struct_sheet_order.sheet_id 
_struct_sheet_order.range_id_1 
_struct_sheet_order.range_id_2 
_struct_sheet_order.offset 
_struct_sheet_order.sense 
A 1 2 ? anti-parallel 
A 2 3 ? parallel      
A 3 4 ? anti-parallel 
A 4 5 ? parallel      
# 
loop_
_struct_sheet_range.sheet_id 
_struct_sheet_range.id 
_struct_sheet_range.beg_label_comp_id 
_struct_sheet_range.beg_label_asym_id 
_struct_sheet_range.beg_label_seq_id 
_struct_sheet_range.pdbx_beg_PDB_ins_code 
_struct_sheet_range.end_label_comp_id 
_struct_sheet_range.end_label_asym_id 
_struct_sheet_range.end_label_seq_id 
_struct_sheet_range.pdbx_end_PDB_ins_code 
_struct_sheet_range.beg_auth_comp_id 
_struct_sheet_range.beg_auth_asym_id 
_struct_sheet_range.beg_auth_seq_id 
_struct_sheet_range.end_auth_comp_id 
_struct_sheet_range.end_auth_asym_id 
_struct_sheet_range.end_auth_seq_id 
A 1 ALA A 12 ? PRO A 18 ? ALA X 39  PRO X 45  
A 2 THR A 85 ? GLN A 92 ? THR X 112 GLN X 119 
A 3 ILE A 52 ? LYS A 58 ? ILE X 79  LYS X 85  
A 4 ASP A 64 ? SER A 68 ? ASP X 91  SER X 95  
A 5 LEU A 22 ? ILE A 23 ? LEU X 49  ILE X 50  
# 
loop_
_pdbx_struct_sheet_hbond.sheet_id 
_pdbx_struct_sheet_hbond.range_id_1 
_pdbx_struct_sheet_hbond.range_id_2 
_pdbx_struct_sheet_hbond.range_1_label_atom_id 
_pdbx_struct_sheet_hbond.range_1_label_comp_id 
_pdbx_struct_sheet_hbond.range_1_label_asym_id 
_pdbx_struct_sheet_hbond.range_1_label_seq_id 
_pdbx_struct_sheet_hbond.range_1_PDB_ins_code 
_pdbx_struct_sheet_hbond.range_1_auth_atom_id 
_pdbx_struct_sheet_hbond.range_1_auth_comp_id 
_pdbx_struct_sheet_hbond.range_1_auth_asym_id 
_pdbx_struct_sheet_hbond.range_1_auth_seq_id 
_pdbx_struct_sheet_hbond.range_2_label_atom_id 
_pdbx_struct_sheet_hbond.range_2_label_comp_id 
_pdbx_struct_sheet_hbond.range_2_label_asym_id 
_pdbx_struct_sheet_hbond.range_2_label_seq_id 
_pdbx_struct_sheet_hbond.range_2_PDB_ins_code 
_pdbx_struct_sheet_hbond.range_2_auth_atom_id 
_pdbx_struct_sheet_hbond.range_2_auth_comp_id 
_pdbx_struct_sheet_hbond.range_2_auth_asym_id 
_pdbx_struct_sheet_hbond.range_2_auth_seq_id 
A 1 2 N ALA A 13 ? N ALA X 40  O LEU A 90 ? O LEU X 117 
A 2 3 O VAL A 91 ? O VAL X 118 N VAL A 54 ? N VAL X 81  
A 3 4 N ILE A 57 ? N ILE X 84  O TYR A 65 ? O TYR X 92  
A 4 5 O PHE A 66 ? O PHE X 93  N ILE A 23 ? N ILE X 50  
# 
_struct_site.id                   AC1 
_struct_site.pdbx_evidence_code   Software 
_struct_site.pdbx_auth_asym_id    X 
_struct_site.pdbx_auth_comp_id    ADP 
_struct_site.pdbx_auth_seq_id     998 
_struct_site.pdbx_auth_ins_code   ? 
_struct_site.pdbx_num_residues    12 
_struct_site.details              'BINDING SITE FOR RESIDUE ADP X 998' 
# 
loop_
_struct_site_gen.id 
_struct_site_gen.site_id 
_struct_site_gen.pdbx_num_res 
_struct_site_gen.label_comp_id 
_struct_site_gen.label_asym_id 
_struct_site_gen.label_seq_id 
_struct_site_gen.pdbx_auth_ins_code 
_struct_site_gen.auth_comp_id 
_struct_site_gen.auth_asym_id 
_struct_site_gen.auth_seq_id 
_struct_site_gen.label_atom_id 
_struct_site_gen.label_alt_id 
_struct_site_gen.symmetry 
_struct_site_gen.details 
1  AC1 12 LYS A 34 ? LYS X 61   . ? 1_555 ? 
2  AC1 12 SER A 37 ? SER X 64   . ? 1_555 ? 
3  AC1 12 LEU A 38 ? LEU X 65   . ? 1_555 ? 
4  AC1 12 THR A 41 ? THR X 68   . ? 1_555 ? 
5  AC1 12 SER A 48 ? SER X 75   . ? 1_555 ? 
6  AC1 12 PRO A 50 ? PRO X 77   . ? 1_555 ? 
7  AC1 12 GLY A 71 ? GLY X 98   . ? 1_555 ? 
8  AC1 12 CSD A 72 ? CSD X 99   . ? 1_555 ? 
9  AC1 12 HIS A 73 ? HIS X 100  . ? 1_555 ? 
10 AC1 12 ARG A 74 ? ARG X 101  . ? 1_555 ? 
11 AC1 12 HOH C .  ? HOH X 1027 . ? 1_555 ? 
12 AC1 12 HOH C .  ? HOH X 1036 . ? 1_555 ? 
# 
_pdbx_entry_details.entry_id                   1XW4 
_pdbx_entry_details.compound_details           ? 
_pdbx_entry_details.source_details             ? 
_pdbx_entry_details.nonpolymer_details         ? 
_pdbx_entry_details.sequence_details           ? 
_pdbx_entry_details.has_ligand_of_interest     ? 
_pdbx_entry_details.has_protein_modification   Y 
# 
loop_
_pdbx_validate_close_contact.id 
_pdbx_validate_close_contact.PDB_model_num 
_pdbx_validate_close_contact.auth_atom_id_1 
_pdbx_validate_close_contact.auth_asym_id_1 
_pdbx_validate_close_contact.auth_comp_id_1 
_pdbx_validate_close_contact.auth_seq_id_1 
_pdbx_validate_close_contact.PDB_ins_code_1 
_pdbx_validate_close_contact.label_alt_id_1 
_pdbx_validate_close_contact.auth_atom_id_2 
_pdbx_validate_close_contact.auth_asym_id_2 
_pdbx_validate_close_contact.auth_comp_id_2 
_pdbx_validate_close_contact.auth_seq_id_2 
_pdbx_validate_close_contact.PDB_ins_code_2 
_pdbx_validate_close_contact.label_alt_id_2 
_pdbx_validate_close_contact.dist 
1 1 OD1 X ASP 72   ? ? O X HOH 1053 ? ? 2.08 
2 1 N   X HIS 30   ? ? O X HOH 1060 ? ? 2.12 
3 1 O   X HOH 1010 ? ? O X HOH 1046 ? ? 2.14 
# 
_pdbx_validate_torsion.id              1 
_pdbx_validate_torsion.PDB_model_num   1 
_pdbx_validate_torsion.auth_comp_id    ASP 
_pdbx_validate_torsion.auth_asym_id    X 
_pdbx_validate_torsion.auth_seq_id     72 
_pdbx_validate_torsion.PDB_ins_code    ? 
_pdbx_validate_torsion.label_alt_id    ? 
_pdbx_validate_torsion.phi             -155.54 
_pdbx_validate_torsion.psi             63.90 
# 
_pdbx_struct_mod_residue.id               1 
_pdbx_struct_mod_residue.label_asym_id    A 
_pdbx_struct_mod_residue.label_comp_id    CSD 
_pdbx_struct_mod_residue.label_seq_id     72 
_pdbx_struct_mod_residue.auth_asym_id     X 
_pdbx_struct_mod_residue.auth_comp_id     CSD 
_pdbx_struct_mod_residue.auth_seq_id      99 
_pdbx_struct_mod_residue.PDB_ins_code     ? 
_pdbx_struct_mod_residue.parent_comp_id   CYS 
_pdbx_struct_mod_residue.details          3-SULFINOALANINE 
# 
loop_
_pdbx_unobs_or_zero_occ_residues.id 
_pdbx_unobs_or_zero_occ_residues.PDB_model_num 
_pdbx_unobs_or_zero_occ_residues.polymer_flag 
_pdbx_unobs_or_zero_occ_residues.occupancy_flag 
_pdbx_unobs_or_zero_occ_residues.auth_asym_id 
_pdbx_unobs_or_zero_occ_residues.auth_comp_id 
_pdbx_unobs_or_zero_occ_residues.auth_seq_id 
_pdbx_unobs_or_zero_occ_residues.PDB_ins_code 
_pdbx_unobs_or_zero_occ_residues.label_asym_id 
_pdbx_unobs_or_zero_occ_residues.label_comp_id 
_pdbx_unobs_or_zero_occ_residues.label_seq_id 
1 1 Y 1 X GLY 28 ? A GLY 1 
2 1 Y 1 X PRO 29 ? A PRO 2 
# 
loop_
_chem_comp_atom.comp_id 
_chem_comp_atom.atom_id 
_chem_comp_atom.type_symbol 
_chem_comp_atom.pdbx_aromatic_flag 
_chem_comp_atom.pdbx_stereo_config 
_chem_comp_atom.pdbx_ordinal 
ADP PB     P N N 1   
ADP O1B    O N N 2   
ADP O2B    O N N 3   
ADP O3B    O N N 4   
ADP PA     P N S 5   
ADP O1A    O N N 6   
ADP O2A    O N N 7   
ADP O3A    O N N 8   
ADP "O5'"  O N N 9   
ADP "C5'"  C N N 10  
ADP "C4'"  C N R 11  
ADP "O4'"  O N N 12  
ADP "C3'"  C N S 13  
ADP "O3'"  O N N 14  
ADP "C2'"  C N R 15  
ADP "O2'"  O N N 16  
ADP "C1'"  C N R 17  
ADP N9     N Y N 18  
ADP C8     C Y N 19  
ADP N7     N Y N 20  
ADP C5     C Y N 21  
ADP C6     C Y N 22  
ADP N6     N N N 23  
ADP N1     N Y N 24  
ADP C2     C Y N 25  
ADP N3     N Y N 26  
ADP C4     C Y N 27  
ADP HOB2   H N N 28  
ADP HOB3   H N N 29  
ADP HOA2   H N N 30  
ADP "H5'1" H N N 31  
ADP "H5'2" H N N 32  
ADP "H4'"  H N N 33  
ADP "H3'"  H N N 34  
ADP "HO3'" H N N 35  
ADP "H2'"  H N N 36  
ADP "HO2'" H N N 37  
ADP "H1'"  H N N 38  
ADP H8     H N N 39  
ADP HN61   H N N 40  
ADP HN62   H N N 41  
ADP H2     H N N 42  
ALA N      N N N 43  
ALA CA     C N S 44  
ALA C      C N N 45  
ALA O      O N N 46  
ALA CB     C N N 47  
ALA OXT    O N N 48  
ALA H      H N N 49  
ALA H2     H N N 50  
ALA HA     H N N 51  
ALA HB1    H N N 52  
ALA HB2    H N N 53  
ALA HB3    H N N 54  
ALA HXT    H N N 55  
ARG N      N N N 56  
ARG CA     C N S 57  
ARG C      C N N 58  
ARG O      O N N 59  
ARG CB     C N N 60  
ARG CG     C N N 61  
ARG CD     C N N 62  
ARG NE     N N N 63  
ARG CZ     C N N 64  
ARG NH1    N N N 65  
ARG NH2    N N N 66  
ARG OXT    O N N 67  
ARG H      H N N 68  
ARG H2     H N N 69  
ARG HA     H N N 70  
ARG HB2    H N N 71  
ARG HB3    H N N 72  
ARG HG2    H N N 73  
ARG HG3    H N N 74  
ARG HD2    H N N 75  
ARG HD3    H N N 76  
ARG HE     H N N 77  
ARG HH11   H N N 78  
ARG HH12   H N N 79  
ARG HH21   H N N 80  
ARG HH22   H N N 81  
ARG HXT    H N N 82  
ASN N      N N N 83  
ASN CA     C N S 84  
ASN C      C N N 85  
ASN O      O N N 86  
ASN CB     C N N 87  
ASN CG     C N N 88  
ASN OD1    O N N 89  
ASN ND2    N N N 90  
ASN OXT    O N N 91  
ASN H      H N N 92  
ASN H2     H N N 93  
ASN HA     H N N 94  
ASN HB2    H N N 95  
ASN HB3    H N N 96  
ASN HD21   H N N 97  
ASN HD22   H N N 98  
ASN HXT    H N N 99  
ASP N      N N N 100 
ASP CA     C N S 101 
ASP C      C N N 102 
ASP O      O N N 103 
ASP CB     C N N 104 
ASP CG     C N N 105 
ASP OD1    O N N 106 
ASP OD2    O N N 107 
ASP OXT    O N N 108 
ASP H      H N N 109 
ASP H2     H N N 110 
ASP HA     H N N 111 
ASP HB2    H N N 112 
ASP HB3    H N N 113 
ASP HD2    H N N 114 
ASP HXT    H N N 115 
CSD N      N N N 116 
CSD CA     C N R 117 
CSD CB     C N N 118 
CSD SG     S N N 119 
CSD C      C N N 120 
CSD O      O N N 121 
CSD OXT    O N N 122 
CSD OD1    O N N 123 
CSD OD2    O N N 124 
CSD H      H N N 125 
CSD H2     H N N 126 
CSD HA     H N N 127 
CSD HB2    H N N 128 
CSD HB3    H N N 129 
CSD HXT    H N N 130 
CSD HD2    H N N 131 
CYS N      N N N 132 
CYS CA     C N R 133 
CYS C      C N N 134 
CYS O      O N N 135 
CYS CB     C N N 136 
CYS SG     S N N 137 
CYS OXT    O N N 138 
CYS H      H N N 139 
CYS H2     H N N 140 
CYS HA     H N N 141 
CYS HB2    H N N 142 
CYS HB3    H N N 143 
CYS HG     H N N 144 
CYS HXT    H N N 145 
GLN N      N N N 146 
GLN CA     C N S 147 
GLN C      C N N 148 
GLN O      O N N 149 
GLN CB     C N N 150 
GLN CG     C N N 151 
GLN CD     C N N 152 
GLN OE1    O N N 153 
GLN NE2    N N N 154 
GLN OXT    O N N 155 
GLN H      H N N 156 
GLN H2     H N N 157 
GLN HA     H N N 158 
GLN HB2    H N N 159 
GLN HB3    H N N 160 
GLN HG2    H N N 161 
GLN HG3    H N N 162 
GLN HE21   H N N 163 
GLN HE22   H N N 164 
GLN HXT    H N N 165 
GLU N      N N N 166 
GLU CA     C N S 167 
GLU C      C N N 168 
GLU O      O N N 169 
GLU CB     C N N 170 
GLU CG     C N N 171 
GLU CD     C N N 172 
GLU OE1    O N N 173 
GLU OE2    O N N 174 
GLU OXT    O N N 175 
GLU H      H N N 176 
GLU H2     H N N 177 
GLU HA     H N N 178 
GLU HB2    H N N 179 
GLU HB3    H N N 180 
GLU HG2    H N N 181 
GLU HG3    H N N 182 
GLU HE2    H N N 183 
GLU HXT    H N N 184 
GLY N      N N N 185 
GLY CA     C N N 186 
GLY C      C N N 187 
GLY O      O N N 188 
GLY OXT    O N N 189 
GLY H      H N N 190 
GLY H2     H N N 191 
GLY HA2    H N N 192 
GLY HA3    H N N 193 
GLY HXT    H N N 194 
HIS N      N N N 195 
HIS CA     C N S 196 
HIS C      C N N 197 
HIS O      O N N 198 
HIS CB     C N N 199 
HIS CG     C Y N 200 
HIS ND1    N Y N 201 
HIS CD2    C Y N 202 
HIS CE1    C Y N 203 
HIS NE2    N Y N 204 
HIS OXT    O N N 205 
HIS H      H N N 206 
HIS H2     H N N 207 
HIS HA     H N N 208 
HIS HB2    H N N 209 
HIS HB3    H N N 210 
HIS HD1    H N N 211 
HIS HD2    H N N 212 
HIS HE1    H N N 213 
HIS HE2    H N N 214 
HIS HXT    H N N 215 
HOH O      O N N 216 
HOH H1     H N N 217 
HOH H2     H N N 218 
ILE N      N N N 219 
ILE CA     C N S 220 
ILE C      C N N 221 
ILE O      O N N 222 
ILE CB     C N S 223 
ILE CG1    C N N 224 
ILE CG2    C N N 225 
ILE CD1    C N N 226 
ILE OXT    O N N 227 
ILE H      H N N 228 
ILE H2     H N N 229 
ILE HA     H N N 230 
ILE HB     H N N 231 
ILE HG12   H N N 232 
ILE HG13   H N N 233 
ILE HG21   H N N 234 
ILE HG22   H N N 235 
ILE HG23   H N N 236 
ILE HD11   H N N 237 
ILE HD12   H N N 238 
ILE HD13   H N N 239 
ILE HXT    H N N 240 
LEU N      N N N 241 
LEU CA     C N S 242 
LEU C      C N N 243 
LEU O      O N N 244 
LEU CB     C N N 245 
LEU CG     C N N 246 
LEU CD1    C N N 247 
LEU CD2    C N N 248 
LEU OXT    O N N 249 
LEU H      H N N 250 
LEU H2     H N N 251 
LEU HA     H N N 252 
LEU HB2    H N N 253 
LEU HB3    H N N 254 
LEU HG     H N N 255 
LEU HD11   H N N 256 
LEU HD12   H N N 257 
LEU HD13   H N N 258 
LEU HD21   H N N 259 
LEU HD22   H N N 260 
LEU HD23   H N N 261 
LEU HXT    H N N 262 
LYS N      N N N 263 
LYS CA     C N S 264 
LYS C      C N N 265 
LYS O      O N N 266 
LYS CB     C N N 267 
LYS CG     C N N 268 
LYS CD     C N N 269 
LYS CE     C N N 270 
LYS NZ     N N N 271 
LYS OXT    O N N 272 
LYS H      H N N 273 
LYS H2     H N N 274 
LYS HA     H N N 275 
LYS HB2    H N N 276 
LYS HB3    H N N 277 
LYS HG2    H N N 278 
LYS HG3    H N N 279 
LYS HD2    H N N 280 
LYS HD3    H N N 281 
LYS HE2    H N N 282 
LYS HE3    H N N 283 
LYS HZ1    H N N 284 
LYS HZ2    H N N 285 
LYS HZ3    H N N 286 
LYS HXT    H N N 287 
MET N      N N N 288 
MET CA     C N S 289 
MET C      C N N 290 
MET O      O N N 291 
MET CB     C N N 292 
MET CG     C N N 293 
MET SD     S N N 294 
MET CE     C N N 295 
MET OXT    O N N 296 
MET H      H N N 297 
MET H2     H N N 298 
MET HA     H N N 299 
MET HB2    H N N 300 
MET HB3    H N N 301 
MET HG2    H N N 302 
MET HG3    H N N 303 
MET HE1    H N N 304 
MET HE2    H N N 305 
MET HE3    H N N 306 
MET HXT    H N N 307 
PHE N      N N N 308 
PHE CA     C N S 309 
PHE C      C N N 310 
PHE O      O N N 311 
PHE CB     C N N 312 
PHE CG     C Y N 313 
PHE CD1    C Y N 314 
PHE CD2    C Y N 315 
PHE CE1    C Y N 316 
PHE CE2    C Y N 317 
PHE CZ     C Y N 318 
PHE OXT    O N N 319 
PHE H      H N N 320 
PHE H2     H N N 321 
PHE HA     H N N 322 
PHE HB2    H N N 323 
PHE HB3    H N N 324 
PHE HD1    H N N 325 
PHE HD2    H N N 326 
PHE HE1    H N N 327 
PHE HE2    H N N 328 
PHE HZ     H N N 329 
PHE HXT    H N N 330 
PRO N      N N N 331 
PRO CA     C N S 332 
PRO C      C N N 333 
PRO O      O N N 334 
PRO CB     C N N 335 
PRO CG     C N N 336 
PRO CD     C N N 337 
PRO OXT    O N N 338 
PRO H      H N N 339 
PRO HA     H N N 340 
PRO HB2    H N N 341 
PRO HB3    H N N 342 
PRO HG2    H N N 343 
PRO HG3    H N N 344 
PRO HD2    H N N 345 
PRO HD3    H N N 346 
PRO HXT    H N N 347 
SER N      N N N 348 
SER CA     C N S 349 
SER C      C N N 350 
SER O      O N N 351 
SER CB     C N N 352 
SER OG     O N N 353 
SER OXT    O N N 354 
SER H      H N N 355 
SER H2     H N N 356 
SER HA     H N N 357 
SER HB2    H N N 358 
SER HB3    H N N 359 
SER HG     H N N 360 
SER HXT    H N N 361 
THR N      N N N 362 
THR CA     C N S 363 
THR C      C N N 364 
THR O      O N N 365 
THR CB     C N R 366 
THR OG1    O N N 367 
THR CG2    C N N 368 
THR OXT    O N N 369 
THR H      H N N 370 
THR H2     H N N 371 
THR HA     H N N 372 
THR HB     H N N 373 
THR HG1    H N N 374 
THR HG21   H N N 375 
THR HG22   H N N 376 
THR HG23   H N N 377 
THR HXT    H N N 378 
TRP N      N N N 379 
TRP CA     C N S 380 
TRP C      C N N 381 
TRP O      O N N 382 
TRP CB     C N N 383 
TRP CG     C Y N 384 
TRP CD1    C Y N 385 
TRP CD2    C Y N 386 
TRP NE1    N Y N 387 
TRP CE2    C Y N 388 
TRP CE3    C Y N 389 
TRP CZ2    C Y N 390 
TRP CZ3    C Y N 391 
TRP CH2    C Y N 392 
TRP OXT    O N N 393 
TRP H      H N N 394 
TRP H2     H N N 395 
TRP HA     H N N 396 
TRP HB2    H N N 397 
TRP HB3    H N N 398 
TRP HD1    H N N 399 
TRP HE1    H N N 400 
TRP HE3    H N N 401 
TRP HZ2    H N N 402 
TRP HZ3    H N N 403 
TRP HH2    H N N 404 
TRP HXT    H N N 405 
TYR N      N N N 406 
TYR CA     C N S 407 
TYR C      C N N 408 
TYR O      O N N 409 
TYR CB     C N N 410 
TYR CG     C Y N 411 
TYR CD1    C Y N 412 
TYR CD2    C Y N 413 
TYR CE1    C Y N 414 
TYR CE2    C Y N 415 
TYR CZ     C Y N 416 
TYR OH     O N N 417 
TYR OXT    O N N 418 
TYR H      H N N 419 
TYR H2     H N N 420 
TYR HA     H N N 421 
TYR HB2    H N N 422 
TYR HB3    H N N 423 
TYR HD1    H N N 424 
TYR HD2    H N N 425 
TYR HE1    H N N 426 
TYR HE2    H N N 427 
TYR HH     H N N 428 
TYR HXT    H N N 429 
VAL N      N N N 430 
VAL CA     C N S 431 
VAL C      C N N 432 
VAL O      O N N 433 
VAL CB     C N N 434 
VAL CG1    C N N 435 
VAL CG2    C N N 436 
VAL OXT    O N N 437 
VAL H      H N N 438 
VAL H2     H N N 439 
VAL HA     H N N 440 
VAL HB     H N N 441 
VAL HG11   H N N 442 
VAL HG12   H N N 443 
VAL HG13   H N N 444 
VAL HG21   H N N 445 
VAL HG22   H N N 446 
VAL HG23   H N N 447 
VAL HXT    H N N 448 
# 
loop_
_chem_comp_bond.comp_id 
_chem_comp_bond.atom_id_1 
_chem_comp_bond.atom_id_2 
_chem_comp_bond.value_order 
_chem_comp_bond.pdbx_aromatic_flag 
_chem_comp_bond.pdbx_stereo_config 
_chem_comp_bond.pdbx_ordinal 
ADP PB    O1B    doub N N 1   
ADP PB    O2B    sing N N 2   
ADP PB    O3B    sing N N 3   
ADP PB    O3A    sing N N 4   
ADP O2B   HOB2   sing N N 5   
ADP O3B   HOB3   sing N N 6   
ADP PA    O1A    doub N N 7   
ADP PA    O2A    sing N N 8   
ADP PA    O3A    sing N N 9   
ADP PA    "O5'"  sing N N 10  
ADP O2A   HOA2   sing N N 11  
ADP "O5'" "C5'"  sing N N 12  
ADP "C5'" "C4'"  sing N N 13  
ADP "C5'" "H5'1" sing N N 14  
ADP "C5'" "H5'2" sing N N 15  
ADP "C4'" "O4'"  sing N N 16  
ADP "C4'" "C3'"  sing N N 17  
ADP "C4'" "H4'"  sing N N 18  
ADP "O4'" "C1'"  sing N N 19  
ADP "C3'" "O3'"  sing N N 20  
ADP "C3'" "C2'"  sing N N 21  
ADP "C3'" "H3'"  sing N N 22  
ADP "O3'" "HO3'" sing N N 23  
ADP "C2'" "O2'"  sing N N 24  
ADP "C2'" "C1'"  sing N N 25  
ADP "C2'" "H2'"  sing N N 26  
ADP "O2'" "HO2'" sing N N 27  
ADP "C1'" N9     sing N N 28  
ADP "C1'" "H1'"  sing N N 29  
ADP N9    C8     sing Y N 30  
ADP N9    C4     sing Y N 31  
ADP C8    N7     doub Y N 32  
ADP C8    H8     sing N N 33  
ADP N7    C5     sing Y N 34  
ADP C5    C6     sing Y N 35  
ADP C5    C4     doub Y N 36  
ADP C6    N6     sing N N 37  
ADP C6    N1     doub Y N 38  
ADP N6    HN61   sing N N 39  
ADP N6    HN62   sing N N 40  
ADP N1    C2     sing Y N 41  
ADP C2    N3     doub Y N 42  
ADP C2    H2     sing N N 43  
ADP N3    C4     sing Y N 44  
ALA N     CA     sing N N 45  
ALA N     H      sing N N 46  
ALA N     H2     sing N N 47  
ALA CA    C      sing N N 48  
ALA CA    CB     sing N N 49  
ALA CA    HA     sing N N 50  
ALA C     O      doub N N 51  
ALA C     OXT    sing N N 52  
ALA CB    HB1    sing N N 53  
ALA CB    HB2    sing N N 54  
ALA CB    HB3    sing N N 55  
ALA OXT   HXT    sing N N 56  
ARG N     CA     sing N N 57  
ARG N     H      sing N N 58  
ARG N     H2     sing N N 59  
ARG CA    C      sing N N 60  
ARG CA    CB     sing N N 61  
ARG CA    HA     sing N N 62  
ARG C     O      doub N N 63  
ARG C     OXT    sing N N 64  
ARG CB    CG     sing N N 65  
ARG CB    HB2    sing N N 66  
ARG CB    HB3    sing N N 67  
ARG CG    CD     sing N N 68  
ARG CG    HG2    sing N N 69  
ARG CG    HG3    sing N N 70  
ARG CD    NE     sing N N 71  
ARG CD    HD2    sing N N 72  
ARG CD    HD3    sing N N 73  
ARG NE    CZ     sing N N 74  
ARG NE    HE     sing N N 75  
ARG CZ    NH1    sing N N 76  
ARG CZ    NH2    doub N N 77  
ARG NH1   HH11   sing N N 78  
ARG NH1   HH12   sing N N 79  
ARG NH2   HH21   sing N N 80  
ARG NH2   HH22   sing N N 81  
ARG OXT   HXT    sing N N 82  
ASN N     CA     sing N N 83  
ASN N     H      sing N N 84  
ASN N     H2     sing N N 85  
ASN CA    C      sing N N 86  
ASN CA    CB     sing N N 87  
ASN CA    HA     sing N N 88  
ASN C     O      doub N N 89  
ASN C     OXT    sing N N 90  
ASN CB    CG     sing N N 91  
ASN CB    HB2    sing N N 92  
ASN CB    HB3    sing N N 93  
ASN CG    OD1    doub N N 94  
ASN CG    ND2    sing N N 95  
ASN ND2   HD21   sing N N 96  
ASN ND2   HD22   sing N N 97  
ASN OXT   HXT    sing N N 98  
ASP N     CA     sing N N 99  
ASP N     H      sing N N 100 
ASP N     H2     sing N N 101 
ASP CA    C      sing N N 102 
ASP CA    CB     sing N N 103 
ASP CA    HA     sing N N 104 
ASP C     O      doub N N 105 
ASP C     OXT    sing N N 106 
ASP CB    CG     sing N N 107 
ASP CB    HB2    sing N N 108 
ASP CB    HB3    sing N N 109 
ASP CG    OD1    doub N N 110 
ASP CG    OD2    sing N N 111 
ASP OD2   HD2    sing N N 112 
ASP OXT   HXT    sing N N 113 
CSD N     CA     sing N N 114 
CSD N     H      sing N N 115 
CSD N     H2     sing N N 116 
CSD CA    CB     sing N N 117 
CSD CA    C      sing N N 118 
CSD CA    HA     sing N N 119 
CSD CB    SG     sing N N 120 
CSD CB    HB2    sing N N 121 
CSD CB    HB3    sing N N 122 
CSD SG    OD1    doub N N 123 
CSD SG    OD2    sing N N 124 
CSD C     O      doub N N 125 
CSD C     OXT    sing N N 126 
CSD OXT   HXT    sing N N 127 
CSD OD2   HD2    sing N N 128 
CYS N     CA     sing N N 129 
CYS N     H      sing N N 130 
CYS N     H2     sing N N 131 
CYS CA    C      sing N N 132 
CYS CA    CB     sing N N 133 
CYS CA    HA     sing N N 134 
CYS C     O      doub N N 135 
CYS C     OXT    sing N N 136 
CYS CB    SG     sing N N 137 
CYS CB    HB2    sing N N 138 
CYS CB    HB3    sing N N 139 
CYS SG    HG     sing N N 140 
CYS OXT   HXT    sing N N 141 
GLN N     CA     sing N N 142 
GLN N     H      sing N N 143 
GLN N     H2     sing N N 144 
GLN CA    C      sing N N 145 
GLN CA    CB     sing N N 146 
GLN CA    HA     sing N N 147 
GLN C     O      doub N N 148 
GLN C     OXT    sing N N 149 
GLN CB    CG     sing N N 150 
GLN CB    HB2    sing N N 151 
GLN CB    HB3    sing N N 152 
GLN CG    CD     sing N N 153 
GLN CG    HG2    sing N N 154 
GLN CG    HG3    sing N N 155 
GLN CD    OE1    doub N N 156 
GLN CD    NE2    sing N N 157 
GLN NE2   HE21   sing N N 158 
GLN NE2   HE22   sing N N 159 
GLN OXT   HXT    sing N N 160 
GLU N     CA     sing N N 161 
GLU N     H      sing N N 162 
GLU N     H2     sing N N 163 
GLU CA    C      sing N N 164 
GLU CA    CB     sing N N 165 
GLU CA    HA     sing N N 166 
GLU C     O      doub N N 167 
GLU C     OXT    sing N N 168 
GLU CB    CG     sing N N 169 
GLU CB    HB2    sing N N 170 
GLU CB    HB3    sing N N 171 
GLU CG    CD     sing N N 172 
GLU CG    HG2    sing N N 173 
GLU CG    HG3    sing N N 174 
GLU CD    OE1    doub N N 175 
GLU CD    OE2    sing N N 176 
GLU OE2   HE2    sing N N 177 
GLU OXT   HXT    sing N N 178 
GLY N     CA     sing N N 179 
GLY N     H      sing N N 180 
GLY N     H2     sing N N 181 
GLY CA    C      sing N N 182 
GLY CA    HA2    sing N N 183 
GLY CA    HA3    sing N N 184 
GLY C     O      doub N N 185 
GLY C     OXT    sing N N 186 
GLY OXT   HXT    sing N N 187 
HIS N     CA     sing N N 188 
HIS N     H      sing N N 189 
HIS N     H2     sing N N 190 
HIS CA    C      sing N N 191 
HIS CA    CB     sing N N 192 
HIS CA    HA     sing N N 193 
HIS C     O      doub N N 194 
HIS C     OXT    sing N N 195 
HIS CB    CG     sing N N 196 
HIS CB    HB2    sing N N 197 
HIS CB    HB3    sing N N 198 
HIS CG    ND1    sing Y N 199 
HIS CG    CD2    doub Y N 200 
HIS ND1   CE1    doub Y N 201 
HIS ND1   HD1    sing N N 202 
HIS CD2   NE2    sing Y N 203 
HIS CD2   HD2    sing N N 204 
HIS CE1   NE2    sing Y N 205 
HIS CE1   HE1    sing N N 206 
HIS NE2   HE2    sing N N 207 
HIS OXT   HXT    sing N N 208 
HOH O     H1     sing N N 209 
HOH O     H2     sing N N 210 
ILE N     CA     sing N N 211 
ILE N     H      sing N N 212 
ILE N     H2     sing N N 213 
ILE CA    C      sing N N 214 
ILE CA    CB     sing N N 215 
ILE CA    HA     sing N N 216 
ILE C     O      doub N N 217 
ILE C     OXT    sing N N 218 
ILE CB    CG1    sing N N 219 
ILE CB    CG2    sing N N 220 
ILE CB    HB     sing N N 221 
ILE CG1   CD1    sing N N 222 
ILE CG1   HG12   sing N N 223 
ILE CG1   HG13   sing N N 224 
ILE CG2   HG21   sing N N 225 
ILE CG2   HG22   sing N N 226 
ILE CG2   HG23   sing N N 227 
ILE CD1   HD11   sing N N 228 
ILE CD1   HD12   sing N N 229 
ILE CD1   HD13   sing N N 230 
ILE OXT   HXT    sing N N 231 
LEU N     CA     sing N N 232 
LEU N     H      sing N N 233 
LEU N     H2     sing N N 234 
LEU CA    C      sing N N 235 
LEU CA    CB     sing N N 236 
LEU CA    HA     sing N N 237 
LEU C     O      doub N N 238 
LEU C     OXT    sing N N 239 
LEU CB    CG     sing N N 240 
LEU CB    HB2    sing N N 241 
LEU CB    HB3    sing N N 242 
LEU CG    CD1    sing N N 243 
LEU CG    CD2    sing N N 244 
LEU CG    HG     sing N N 245 
LEU CD1   HD11   sing N N 246 
LEU CD1   HD12   sing N N 247 
LEU CD1   HD13   sing N N 248 
LEU CD2   HD21   sing N N 249 
LEU CD2   HD22   sing N N 250 
LEU CD2   HD23   sing N N 251 
LEU OXT   HXT    sing N N 252 
LYS N     CA     sing N N 253 
LYS N     H      sing N N 254 
LYS N     H2     sing N N 255 
LYS CA    C      sing N N 256 
LYS CA    CB     sing N N 257 
LYS CA    HA     sing N N 258 
LYS C     O      doub N N 259 
LYS C     OXT    sing N N 260 
LYS CB    CG     sing N N 261 
LYS CB    HB2    sing N N 262 
LYS CB    HB3    sing N N 263 
LYS CG    CD     sing N N 264 
LYS CG    HG2    sing N N 265 
LYS CG    HG3    sing N N 266 
LYS CD    CE     sing N N 267 
LYS CD    HD2    sing N N 268 
LYS CD    HD3    sing N N 269 
LYS CE    NZ     sing N N 270 
LYS CE    HE2    sing N N 271 
LYS CE    HE3    sing N N 272 
LYS NZ    HZ1    sing N N 273 
LYS NZ    HZ2    sing N N 274 
LYS NZ    HZ3    sing N N 275 
LYS OXT   HXT    sing N N 276 
MET N     CA     sing N N 277 
MET N     H      sing N N 278 
MET N     H2     sing N N 279 
MET CA    C      sing N N 280 
MET CA    CB     sing N N 281 
MET CA    HA     sing N N 282 
MET C     O      doub N N 283 
MET C     OXT    sing N N 284 
MET CB    CG     sing N N 285 
MET CB    HB2    sing N N 286 
MET CB    HB3    sing N N 287 
MET CG    SD     sing N N 288 
MET CG    HG2    sing N N 289 
MET CG    HG3    sing N N 290 
MET SD    CE     sing N N 291 
MET CE    HE1    sing N N 292 
MET CE    HE2    sing N N 293 
MET CE    HE3    sing N N 294 
MET OXT   HXT    sing N N 295 
PHE N     CA     sing N N 296 
PHE N     H      sing N N 297 
PHE N     H2     sing N N 298 
PHE CA    C      sing N N 299 
PHE CA    CB     sing N N 300 
PHE CA    HA     sing N N 301 
PHE C     O      doub N N 302 
PHE C     OXT    sing N N 303 
PHE CB    CG     sing N N 304 
PHE CB    HB2    sing N N 305 
PHE CB    HB3    sing N N 306 
PHE CG    CD1    doub Y N 307 
PHE CG    CD2    sing Y N 308 
PHE CD1   CE1    sing Y N 309 
PHE CD1   HD1    sing N N 310 
PHE CD2   CE2    doub Y N 311 
PHE CD2   HD2    sing N N 312 
PHE CE1   CZ     doub Y N 313 
PHE CE1   HE1    sing N N 314 
PHE CE2   CZ     sing Y N 315 
PHE CE2   HE2    sing N N 316 
PHE CZ    HZ     sing N N 317 
PHE OXT   HXT    sing N N 318 
PRO N     CA     sing N N 319 
PRO N     CD     sing N N 320 
PRO N     H      sing N N 321 
PRO CA    C      sing N N 322 
PRO CA    CB     sing N N 323 
PRO CA    HA     sing N N 324 
PRO C     O      doub N N 325 
PRO C     OXT    sing N N 326 
PRO CB    CG     sing N N 327 
PRO CB    HB2    sing N N 328 
PRO CB    HB3    sing N N 329 
PRO CG    CD     sing N N 330 
PRO CG    HG2    sing N N 331 
PRO CG    HG3    sing N N 332 
PRO CD    HD2    sing N N 333 
PRO CD    HD3    sing N N 334 
PRO OXT   HXT    sing N N 335 
SER N     CA     sing N N 336 
SER N     H      sing N N 337 
SER N     H2     sing N N 338 
SER CA    C      sing N N 339 
SER CA    CB     sing N N 340 
SER CA    HA     sing N N 341 
SER C     O      doub N N 342 
SER C     OXT    sing N N 343 
SER CB    OG     sing N N 344 
SER CB    HB2    sing N N 345 
SER CB    HB3    sing N N 346 
SER OG    HG     sing N N 347 
SER OXT   HXT    sing N N 348 
THR N     CA     sing N N 349 
THR N     H      sing N N 350 
THR N     H2     sing N N 351 
THR CA    C      sing N N 352 
THR CA    CB     sing N N 353 
THR CA    HA     sing N N 354 
THR C     O      doub N N 355 
THR C     OXT    sing N N 356 
THR CB    OG1    sing N N 357 
THR CB    CG2    sing N N 358 
THR CB    HB     sing N N 359 
THR OG1   HG1    sing N N 360 
THR CG2   HG21   sing N N 361 
THR CG2   HG22   sing N N 362 
THR CG2   HG23   sing N N 363 
THR OXT   HXT    sing N N 364 
TRP N     CA     sing N N 365 
TRP N     H      sing N N 366 
TRP N     H2     sing N N 367 
TRP CA    C      sing N N 368 
TRP CA    CB     sing N N 369 
TRP CA    HA     sing N N 370 
TRP C     O      doub N N 371 
TRP C     OXT    sing N N 372 
TRP CB    CG     sing N N 373 
TRP CB    HB2    sing N N 374 
TRP CB    HB3    sing N N 375 
TRP CG    CD1    doub Y N 376 
TRP CG    CD2    sing Y N 377 
TRP CD1   NE1    sing Y N 378 
TRP CD1   HD1    sing N N 379 
TRP CD2   CE2    doub Y N 380 
TRP CD2   CE3    sing Y N 381 
TRP NE1   CE2    sing Y N 382 
TRP NE1   HE1    sing N N 383 
TRP CE2   CZ2    sing Y N 384 
TRP CE3   CZ3    doub Y N 385 
TRP CE3   HE3    sing N N 386 
TRP CZ2   CH2    doub Y N 387 
TRP CZ2   HZ2    sing N N 388 
TRP CZ3   CH2    sing Y N 389 
TRP CZ3   HZ3    sing N N 390 
TRP CH2   HH2    sing N N 391 
TRP OXT   HXT    sing N N 392 
TYR N     CA     sing N N 393 
TYR N     H      sing N N 394 
TYR N     H2     sing N N 395 
TYR CA    C      sing N N 396 
TYR CA    CB     sing N N 397 
TYR CA    HA     sing N N 398 
TYR C     O      doub N N 399 
TYR C     OXT    sing N N 400 
TYR CB    CG     sing N N 401 
TYR CB    HB2    sing N N 402 
TYR CB    HB3    sing N N 403 
TYR CG    CD1    doub Y N 404 
TYR CG    CD2    sing Y N 405 
TYR CD1   CE1    sing Y N 406 
TYR CD1   HD1    sing N N 407 
TYR CD2   CE2    doub Y N 408 
TYR CD2   HD2    sing N N 409 
TYR CE1   CZ     doub Y N 410 
TYR CE1   HE1    sing N N 411 
TYR CE2   CZ     sing Y N 412 
TYR CE2   HE2    sing N N 413 
TYR CZ    OH     sing N N 414 
TYR OH    HH     sing N N 415 
TYR OXT   HXT    sing N N 416 
VAL N     CA     sing N N 417 
VAL N     H      sing N N 418 
VAL N     H2     sing N N 419 
VAL CA    C      sing N N 420 
VAL CA    CB     sing N N 421 
VAL CA    HA     sing N N 422 
VAL C     O      doub N N 423 
VAL C     OXT    sing N N 424 
VAL CB    CG1    sing N N 425 
VAL CB    CG2    sing N N 426 
VAL CB    HB     sing N N 427 
VAL CG1   HG11   sing N N 428 
VAL CG1   HG12   sing N N 429 
VAL CG1   HG13   sing N N 430 
VAL CG2   HG21   sing N N 431 
VAL CG2   HG22   sing N N 432 
VAL CG2   HG23   sing N N 433 
VAL OXT   HXT    sing N N 434 
# 
_pdbx_initial_refinement_model.id               1 
_pdbx_initial_refinement_model.entity_id_list   ? 
_pdbx_initial_refinement_model.type             'experimental model' 
_pdbx_initial_refinement_model.source_name      PDB 
_pdbx_initial_refinement_model.accession_code   1XW3 
_pdbx_initial_refinement_model.details          'PDB ENTRY 1XW3' 
# 
_atom_sites.entry_id                    1XW4 
_atom_sites.fract_transf_matrix[1][1]   0.01585418 
_atom_sites.fract_transf_matrix[1][2]   0.00574860 
_atom_sites.fract_transf_matrix[1][3]   -0.00041338 
_atom_sites.fract_transf_matrix[2][1]   0.01026928 
_atom_sites.fract_transf_matrix[2][2]   -0.00262607 
_atom_sites.fract_transf_matrix[2][3]   0.01312284 
_atom_sites.fract_transf_matrix[3][1]   0.00592854 
_atom_sites.fract_transf_matrix[3][2]   -0.01692764 
_atom_sites.fract_transf_matrix[3][3]   -0.00802683 
_atom_sites.fract_transf_vector[1]      0.299514 
_atom_sites.fract_transf_vector[2]      -0.529632 
_atom_sites.fract_transf_vector[3]      0.249266 
# 
loop_
_atom_type.symbol 
C 
N 
O 
P 
S 
# 
loop_
_atom_site.group_PDB 
_atom_site.id 
_atom_site.type_symbol 
_atom_site.label_atom_id 
_atom_site.label_alt_id 
_atom_site.label_comp_id 
_atom_site.label_asym_id 
_atom_site.label_entity_id 
_atom_site.label_seq_id 
_atom_site.pdbx_PDB_ins_code 
_atom_site.Cartn_x 
_atom_site.Cartn_y 
_atom_site.Cartn_z 
_atom_site.occupancy 
_atom_site.B_iso_or_equiv 
_atom_site.pdbx_formal_charge 
_atom_site.auth_seq_id 
_atom_site.auth_comp_id 
_atom_site.auth_asym_id 
_atom_site.auth_atom_id 
_atom_site.pdbx_PDB_model_num 
ATOM   1   N N     . HIS A 1 3   ? 13.862  33.432  3.723   1.00 35.76 ? 30   HIS X N     1 
ATOM   2   C CA    . HIS A 1 3   ? 13.298  32.137  4.290   1.00 34.60 ? 30   HIS X CA    1 
ATOM   3   C C     . HIS A 1 3   ? 14.414  31.289  4.899   1.00 35.22 ? 30   HIS X C     1 
ATOM   4   O O     . HIS A 1 3   ? 15.348  30.912  4.161   1.00 35.17 ? 30   HIS X O     1 
ATOM   5   C CB    . HIS A 1 3   ? 12.585  31.380  3.179   1.00 34.07 ? 30   HIS X CB    1 
ATOM   6   C CG    . HIS A 1 3   ? 11.256  31.968  2.838   1.00 30.75 ? 30   HIS X CG    1 
ATOM   7   N ND1   . HIS A 1 3   ? 10.960  32.500  1.595   1.00 26.59 ? 30   HIS X ND1   1 
ATOM   8   C CD2   . HIS A 1 3   ? 10.161  32.163  3.610   1.00 26.42 ? 30   HIS X CD2   1 
ATOM   9   C CE1   . HIS A 1 3   ? 9.713   32.946  1.605   1.00 26.11 ? 30   HIS X CE1   1 
ATOM   10  N NE2   . HIS A 1 3   ? 9.210   32.768  2.820   1.00 29.72 ? 30   HIS X NE2   1 
ATOM   11  N N     . MET A 1 4   ? 14.329  31.012  6.216   1.00 35.11 ? 31   MET X N     1 
ATOM   12  C CA    . MET A 1 4   ? 15.389  30.274  6.953   1.00 37.22 ? 31   MET X CA    1 
ATOM   13  C C     . MET A 1 4   ? 15.382  28.714  6.823   1.00 35.88 ? 31   MET X C     1 
ATOM   14  O O     . MET A 1 4   ? 16.409  28.057  7.123   1.00 36.62 ? 31   MET X O     1 
ATOM   15  C CB    . MET A 1 4   ? 15.363  30.630  8.460   1.00 38.07 ? 31   MET X CB    1 
ATOM   16  C CG    . MET A 1 4   ? 15.597  32.129  8.803   1.00 43.24 ? 31   MET X CG    1 
ATOM   17  S SD    . MET A 1 4   ? 17.193  32.771  8.248   1.00 52.80 ? 31   MET X SD    1 
ATOM   18  C CE    . MET A 1 4   ? 18.368  31.963  9.359   1.00 51.95 ? 31   MET X CE    1 
ATOM   19  N N     . SER A 1 5   ? 14.244  28.143  6.411   1.00 33.39 ? 32   SER X N     1 
ATOM   20  C CA    . SER A 1 5   ? 13.933  26.722  6.671   1.00 30.08 ? 32   SER X CA    1 
ATOM   21  C C     . SER A 1 5   ? 13.513  25.920  5.433   1.00 28.49 ? 32   SER X C     1 
ATOM   22  O O     . SER A 1 5   ? 13.082  26.486  4.406   1.00 27.61 ? 32   SER X O     1 
ATOM   23  C CB    . SER A 1 5   ? 12.823  26.619  7.736   1.00 30.52 ? 32   SER X CB    1 
ATOM   24  O OG    . SER A 1 5   ? 13.241  27.084  9.024   1.00 32.51 ? 32   SER X OG    1 
ATOM   25  N N     . ILE A 1 6   ? 13.640  24.595  5.548   1.00 25.28 ? 33   ILE X N     1 
ATOM   26  C CA    . ILE A 1 6   ? 13.162  23.647  4.540   1.00 23.69 ? 33   ILE X CA    1 
ATOM   27  C C     . ILE A 1 6   ? 12.251  22.664  5.241   1.00 23.19 ? 33   ILE X C     1 
ATOM   28  O O     . ILE A 1 6   ? 12.158  22.637  6.464   1.00 22.45 ? 33   ILE X O     1 
ATOM   29  C CB    . ILE A 1 6   ? 14.361  22.906  3.821   1.00 24.26 ? 33   ILE X CB    1 
ATOM   30  C CG1   . ILE A 1 6   ? 15.304  22.241  4.842   1.00 23.07 ? 33   ILE X CG1   1 
ATOM   31  C CG2   . ILE A 1 6   ? 15.251  23.988  3.076   1.00 26.27 ? 33   ILE X CG2   1 
ATOM   32  C CD1   . ILE A 1 6   ? 14.874  20.858  5.426   1.00 25.48 ? 33   ILE X CD1   1 
ATOM   33  N N     . HIS A 1 7   ? 11.570  21.869  4.445   1.00 22.22 ? 34   HIS X N     1 
ATOM   34  C CA    . HIS A 1 7   ? 10.707  20.873  4.915   1.00 24.00 ? 34   HIS X CA    1 
ATOM   35  C C     . HIS A 1 7   ? 11.386  19.556  4.705   1.00 24.28 ? 34   HIS X C     1 
ATOM   36  O O     . HIS A 1 7   ? 11.941  19.305  3.611   1.00 23.35 ? 34   HIS X O     1 
ATOM   37  C CB    . HIS A 1 7   ? 9.442   20.902  4.073   1.00 25.11 ? 34   HIS X CB    1 
ATOM   38  C CG    . HIS A 1 7   ? 8.204   20.984  4.901   1.00 31.09 ? 34   HIS X CG    1 
ATOM   39  N ND1   . HIS A 1 7   ? 6.957   20.675  4.413   1.00 35.10 ? 34   HIS X ND1   1 
ATOM   40  C CD2   . HIS A 1 7   ? 8.035   21.311  6.208   1.00 33.48 ? 34   HIS X CD2   1 
ATOM   41  C CE1   . HIS A 1 7   ? 6.067   20.828  5.377   1.00 37.86 ? 34   HIS X CE1   1 
ATOM   42  N NE2   . HIS A 1 7   ? 6.695   21.215  6.474   1.00 34.31 ? 34   HIS X NE2   1 
ATOM   43  N N     . SER A 1 8   ? 11.362  18.703  5.723   1.00 23.59 ? 35   SER X N     1 
ATOM   44  C CA    . SER A 1 8   ? 11.867  17.386  5.455   1.00 23.74 ? 35   SER X CA    1 
ATOM   45  C C     . SER A 1 8   ? 10.977  16.292  6.003   1.00 24.02 ? 35   SER X C     1 
ATOM   46  O O     . SER A 1 8   ? 10.271  16.481  6.994   1.00 21.16 ? 35   SER X O     1 
ATOM   47  C CB    . SER A 1 8   ? 13.320  17.214  5.856   1.00 24.51 ? 35   SER X CB    1 
ATOM   48  O OG    . SER A 1 8   ? 13.420  17.104  7.221   1.00 25.39 ? 35   SER X OG    1 
ATOM   49  N N     . GLY A 1 9   ? 10.992  15.161  5.311   1.00 23.40 ? 36   GLY X N     1 
ATOM   50  C CA    . GLY A 1 9   ? 10.165  14.028  5.733   1.00 23.45 ? 36   GLY X CA    1 
ATOM   51  C C     . GLY A 1 9   ? 10.662  12.727  5.109   1.00 22.93 ? 36   GLY X C     1 
ATOM   52  O O     . GLY A 1 9   ? 11.714  12.693  4.451   1.00 21.91 ? 36   GLY X O     1 
ATOM   53  N N     . ARG A 1 10  ? 9.869   11.665  5.293   1.00 23.82 ? 37   ARG X N     1 
ATOM   54  C CA    . ARG A 1 10  ? 10.174  10.364  4.731   1.00 22.98 ? 37   ARG X CA    1 
ATOM   55  C C     . ARG A 1 10  ? 9.998   10.459  3.216   1.00 22.63 ? 37   ARG X C     1 
ATOM   56  O O     . ARG A 1 10  ? 9.181   11.244  2.701   1.00 22.86 ? 37   ARG X O     1 
ATOM   57  C CB    . ARG A 1 10  ? 9.282   9.270   5.336   1.00 23.29 ? 37   ARG X CB    1 
ATOM   58  C CG    . ARG A 1 10  ? 7.785   9.484   5.088   1.00 22.23 ? 37   ARG X CG    1 
ATOM   59  C CD    . ARG A 1 10  ? 6.906   8.669   6.063   1.00 22.66 ? 37   ARG X CD    1 
ATOM   60  N NE    . ARG A 1 10  ? 7.051   9.006   7.484   1.00 29.48 ? 37   ARG X NE    1 
ATOM   61  C CZ    . ARG A 1 10  ? 7.523   8.214   8.477   1.00 30.92 ? 37   ARG X CZ    1 
ATOM   62  N NH1   . ARG A 1 10  ? 7.954   6.966   8.267   1.00 28.51 ? 37   ARG X NH1   1 
ATOM   63  N NH2   . ARG A 1 10  ? 7.551   8.683   9.725   1.00 28.78 ? 37   ARG X NH2   1 
ATOM   64  N N     . ILE A 1 11  ? 10.788  9.681   2.495   1.00 23.29 ? 38   ILE X N     1 
ATOM   65  C CA    . ILE A 1 11  ? 10.660  9.625   1.060   1.00 24.72 ? 38   ILE X CA    1 
ATOM   66  C C     . ILE A 1 11  ? 9.427   8.769   0.715   1.00 26.34 ? 38   ILE X C     1 
ATOM   67  O O     . ILE A 1 11  ? 9.233   7.679   1.281   1.00 25.09 ? 38   ILE X O     1 
ATOM   68  C CB    . ILE A 1 11  ? 11.927  8.986   0.418   1.00 25.47 ? 38   ILE X CB    1 
ATOM   69  C CG1   . ILE A 1 11  ? 13.126  9.941   0.558   1.00 24.98 ? 38   ILE X CG1   1 
ATOM   70  C CG2   . ILE A 1 11  ? 11.676  8.723   -1.137  1.00 25.96 ? 38   ILE X CG2   1 
ATOM   71  C CD1   . ILE A 1 11  ? 14.508  9.252   0.537   1.00 24.08 ? 38   ILE X CD1   1 
ATOM   72  N N     . ALA A 1 12  ? 8.617   9.273   -0.217  1.00 26.70 ? 39   ALA X N     1 
ATOM   73  C CA    . ALA A 1 12  ? 7.518   8.519   -0.791  1.00 29.22 ? 39   ALA X CA    1 
ATOM   74  C C     . ALA A 1 12  ? 7.588   8.698   -2.305  1.00 30.95 ? 39   ALA X C     1 
ATOM   75  O O     . ALA A 1 12  ? 7.870   9.838   -2.855  1.00 31.07 ? 39   ALA X O     1 
ATOM   76  C CB    . ALA A 1 12  ? 6.145   8.982   -0.219  1.00 28.73 ? 39   ALA X CB    1 
ATOM   77  N N     . ALA A 1 13  ? 7.400   7.583   -2.991  1.00 30.20 ? 40   ALA X N     1 
ATOM   78  C CA    . ALA A 1 13  ? 7.425   7.587   -4.439  1.00 31.08 ? 40   ALA X CA    1 
ATOM   79  C C     . ALA A 1 13  ? 6.364   6.616   -4.919  1.00 31.02 ? 40   ALA X C     1 
ATOM   80  O O     . ALA A 1 13  ? 6.204   5.521   -4.346  1.00 29.69 ? 40   ALA X O     1 
ATOM   81  C CB    . ALA A 1 13  ? 8.825   7.152   -4.958  1.00 32.45 ? 40   ALA X CB    1 
ATOM   82  N N     . VAL A 1 14  ? 5.648   7.021   -5.961  1.00 30.18 ? 41   VAL X N     1 
ATOM   83  C CA    . VAL A 1 14  ? 4.653   6.180   -6.589  1.00 30.64 ? 41   VAL X CA    1 
ATOM   84  C C     . VAL A 1 14  ? 5.343   5.177   -7.539  1.00 31.64 ? 41   VAL X C     1 
ATOM   85  O O     . VAL A 1 14  ? 6.228   5.569   -8.299  1.00 29.96 ? 41   VAL X O     1 
ATOM   86  C CB    . VAL A 1 14  ? 3.602   7.047   -7.347  1.00 30.25 ? 41   VAL X CB    1 
ATOM   87  C CG1   . VAL A 1 14  ? 2.536   6.152   -8.041  1.00 32.68 ? 41   VAL X CG1   1 
ATOM   88  C CG2   . VAL A 1 14  ? 2.926   8.004   -6.374  1.00 28.14 ? 41   VAL X CG2   1 
ATOM   89  N N     . HIS A 1 15  ? 4.921   3.908   -7.492  1.00 30.89 ? 42   HIS X N     1 
ATOM   90  C CA    . HIS A 1 15  ? 5.461   2.844   -8.341  1.00 32.79 ? 42   HIS X CA    1 
ATOM   91  C C     . HIS A 1 15  ? 4.287   1.935   -8.706  1.00 33.07 ? 42   HIS X C     1 
ATOM   92  O O     . HIS A 1 15  ? 3.303   1.886   -7.971  1.00 31.74 ? 42   HIS X O     1 
ATOM   93  C CB    . HIS A 1 15  ? 6.501   2.001   -7.601  1.00 32.67 ? 42   HIS X CB    1 
ATOM   94  C CG    . HIS A 1 15  ? 7.834   2.668   -7.414  1.00 37.62 ? 42   HIS X CG    1 
ATOM   95  N ND1   . HIS A 1 15  ? 8.141   3.440   -6.311  1.00 38.99 ? 42   HIS X ND1   1 
ATOM   96  C CD2   . HIS A 1 15  ? 8.963   2.629   -8.165  1.00 42.06 ? 42   HIS X CD2   1 
ATOM   97  C CE1   . HIS A 1 15  ? 9.389   3.870   -6.399  1.00 38.01 ? 42   HIS X CE1   1 
ATOM   98  N NE2   . HIS A 1 15  ? 9.913   3.386   -7.510  1.00 43.01 ? 42   HIS X NE2   1 
ATOM   99  N N     . ASN A 1 16  ? 4.391   1.222   -9.830  1.00 33.22 ? 43   ASN X N     1 
ATOM   100 C CA    . ASN A 1 16  ? 3.442   0.169   -10.121 1.00 33.01 ? 43   ASN X CA    1 
ATOM   101 C C     . ASN A 1 16  ? 3.973   -1.082  -9.447  1.00 33.12 ? 43   ASN X C     1 
ATOM   102 O O     . ASN A 1 16  ? 4.934   -1.650  -9.907  1.00 33.58 ? 43   ASN X O     1 
ATOM   103 C CB    . ASN A 1 16  ? 3.271   -0.013  -11.618 1.00 33.65 ? 43   ASN X CB    1 
ATOM   104 C CG    . ASN A 1 16  ? 2.698   1.209   -12.265 1.00 35.64 ? 43   ASN X CG    1 
ATOM   105 O OD1   . ASN A 1 16  ? 1.580   1.667   -11.953 1.00 31.71 ? 43   ASN X OD1   1 
ATOM   106 N ND2   . ASN A 1 16  ? 3.466   1.766   -13.174 1.00 38.29 ? 43   ASN X ND2   1 
ATOM   107 N N     . VAL A 1 17  ? 3.399   -1.446  -8.302  1.00 30.74 ? 44   VAL X N     1 
ATOM   108 C CA    . VAL A 1 17  ? 3.942   -2.537  -7.513  1.00 29.59 ? 44   VAL X CA    1 
ATOM   109 C C     . VAL A 1 17  ? 3.166   -3.823  -7.842  1.00 28.99 ? 44   VAL X C     1 
ATOM   110 O O     . VAL A 1 17  ? 1.931   -3.792  -7.993  1.00 28.49 ? 44   VAL X O     1 
ATOM   111 C CB    . VAL A 1 17  ? 3.991   -2.189  -5.937  1.00 29.48 ? 44   VAL X CB    1 
ATOM   112 C CG1   . VAL A 1 17  ? 2.746   -1.604  -5.451  1.00 29.51 ? 44   VAL X CG1   1 
ATOM   113 C CG2   . VAL A 1 17  ? 4.249   -3.384  -5.084  1.00 30.73 ? 44   VAL X CG2   1 
ATOM   114 N N     . PRO A 1 18  ? 3.880   -4.956  -7.956  1.00 28.67 ? 45   PRO X N     1 
ATOM   115 C CA    . PRO A 1 18  ? 3.109   -6.182  -8.223  1.00 28.26 ? 45   PRO X CA    1 
ATOM   116 C C     . PRO A 1 18  ? 2.163   -6.431  -7.026  1.00 27.40 ? 45   PRO X C     1 
ATOM   117 O O     . PRO A 1 18  ? 2.632   -6.466  -5.869  1.00 26.88 ? 45   PRO X O     1 
ATOM   118 C CB    . PRO A 1 18  ? 4.179   -7.271  -8.255  1.00 27.26 ? 45   PRO X CB    1 
ATOM   119 C CG    . PRO A 1 18  ? 5.474   -6.519  -8.492  1.00 30.84 ? 45   PRO X CG    1 
ATOM   120 C CD    . PRO A 1 18  ? 5.319   -5.212  -7.827  1.00 28.60 ? 45   PRO X CD    1 
ATOM   121 N N     . LEU A 1 19  ? 0.877   -6.636  -7.275  1.00 26.28 ? 46   LEU X N     1 
ATOM   122 C CA    . LEU A 1 19  ? -0.022  -7.035  -6.165  1.00 25.13 ? 46   LEU X CA    1 
ATOM   123 C C     . LEU A 1 19  ? 0.550   -8.158  -5.300  1.00 24.74 ? 46   LEU X C     1 
ATOM   124 O O     . LEU A 1 19  ? 0.380   -8.114  -4.085  1.00 23.03 ? 46   LEU X O     1 
ATOM   125 C CB    . LEU A 1 19  ? -1.420  -7.405  -6.642  1.00 25.64 ? 46   LEU X CB    1 
ATOM   126 C CG    . LEU A 1 19  ? -2.344  -6.238  -7.015  1.00 28.44 ? 46   LEU X CG    1 
ATOM   127 C CD1   . LEU A 1 19  ? -3.488  -6.757  -7.908  1.00 30.84 ? 46   LEU X CD1   1 
ATOM   128 C CD2   . LEU A 1 19  ? -2.882  -5.567  -5.780  1.00 25.05 ? 46   LEU X CD2   1 
ATOM   129 N N     . SER A 1 20  ? 1.244   -9.139  -5.915  1.00 24.17 ? 47   SER X N     1 
ATOM   130 C CA    . SER A 1 20  ? 1.762   -10.314 -5.189  1.00 25.71 ? 47   SER X CA    1 
ATOM   131 C C     . SER A 1 20  ? 2.796   -9.975  -4.083  1.00 26.11 ? 47   SER X C     1 
ATOM   132 O O     . SER A 1 20  ? 2.913   -10.728 -3.114  1.00 26.22 ? 47   SER X O     1 
ATOM   133 C CB    . SER A 1 20  ? 2.405   -11.324 -6.155  1.00 26.74 ? 47   SER X CB    1 
ATOM   134 O OG    . SER A 1 20  ? 3.543   -10.750 -6.772  1.00 27.63 ? 47   SER X OG    1 
ATOM   135 N N     . VAL A 1 21  ? 3.522   -8.866  -4.234  1.00 24.49 ? 48   VAL X N     1 
ATOM   136 C CA    . VAL A 1 21  ? 4.535   -8.519  -3.265  1.00 25.85 ? 48   VAL X CA    1 
ATOM   137 C C     . VAL A 1 21  ? 3.918   -7.847  -2.015  1.00 25.43 ? 48   VAL X C     1 
ATOM   138 O O     . VAL A 1 21  ? 4.626   -7.692  -1.015  1.00 26.94 ? 48   VAL X O     1 
ATOM   139 C CB    . VAL A 1 21  ? 5.659   -7.640  -3.874  1.00 27.22 ? 48   VAL X CB    1 
ATOM   140 C CG1   . VAL A 1 21  ? 5.317   -6.124  -3.853  1.00 26.35 ? 48   VAL X CG1   1 
ATOM   141 C CG2   . VAL A 1 21  ? 7.005   -7.887  -3.185  1.00 30.91 ? 48   VAL X CG2   1 
ATOM   142 N N     . LEU A 1 22  ? 2.637   -7.447  -2.076  1.00 21.97 ? 49   LEU X N     1 
ATOM   143 C CA    . LEU A 1 22  ? 2.037   -6.707  -0.952  1.00 21.20 ? 49   LEU X CA    1 
ATOM   144 C C     . LEU A 1 22  ? 1.627   -7.624  0.144   1.00 20.86 ? 49   LEU X C     1 
ATOM   145 O O     . LEU A 1 22  ? 0.864   -8.547  -0.122  1.00 19.49 ? 49   LEU X O     1 
ATOM   146 C CB    . LEU A 1 22  ? 0.812   -5.949  -1.403  1.00 22.22 ? 49   LEU X CB    1 
ATOM   147 C CG    . LEU A 1 22  ? 1.132   -4.851  -2.426  1.00 22.52 ? 49   LEU X CG    1 
ATOM   148 C CD1   . LEU A 1 22  ? -0.143  -4.169  -2.804  1.00 19.92 ? 49   LEU X CD1   1 
ATOM   149 C CD2   . LEU A 1 22  ? 2.221   -3.852  -1.868  1.00 20.69 ? 49   LEU X CD2   1 
ATOM   150 N N     . ILE A 1 23  ? 2.170   -7.416  1.348   1.00 18.29 ? 50   ILE X N     1 
ATOM   151 C CA    . ILE A 1 23  ? 1.670   -8.138  2.556   1.00 19.03 ? 50   ILE X CA    1 
ATOM   152 C C     . ILE A 1 23  ? 0.404   -7.431  3.097   1.00 18.88 ? 50   ILE X C     1 
ATOM   153 O O     . ILE A 1 23  ? 0.377   -6.191  3.337   1.00 17.92 ? 50   ILE X O     1 
ATOM   154 C CB    . ILE A 1 23  ? 2.757   -8.238  3.650   1.00 17.19 ? 50   ILE X CB    1 
ATOM   155 C CG1   . ILE A 1 23  ? 4.072   -8.800  3.071   1.00 18.22 ? 50   ILE X CG1   1 
ATOM   156 C CG2   . ILE A 1 23  ? 2.330   -9.101  4.902   1.00 17.72 ? 50   ILE X CG2   1 
ATOM   157 C CD1   . ILE A 1 23  ? 5.304   -8.286  3.807   1.00 19.90 ? 50   ILE X CD1   1 
ATOM   158 N N     . ARG A 1 24  ? -0.618  -8.227  3.349   1.00 19.36 ? 51   ARG X N     1 
ATOM   159 C CA    . ARG A 1 24  ? -1.924  -7.665  3.778   1.00 19.86 ? 51   ARG X CA    1 
ATOM   160 C C     . ARG A 1 24  ? -2.309  -8.371  5.077   1.00 18.96 ? 51   ARG X C     1 
ATOM   161 O O     . ARG A 1 24  ? -3.037  -9.365  5.040   1.00 19.00 ? 51   ARG X O     1 
ATOM   162 C CB    . ARG A 1 24  ? -2.985  -7.878  2.696   1.00 19.01 ? 51   ARG X CB    1 
ATOM   163 C CG    . ARG A 1 24  ? -2.717  -7.225  1.311   1.00 22.92 ? 51   ARG X CG    1 
ATOM   164 C CD    . ARG A 1 24  ? -3.237  -5.800  1.276   1.00 24.03 ? 51   ARG X CD    1 
ATOM   165 N NE    . ARG A 1 24  ? -4.696  -5.763  1.407   1.00 26.76 ? 51   ARG X NE    1 
ATOM   166 C CZ    . ARG A 1 24  ? -5.421  -4.655  1.613   1.00 28.19 ? 51   ARG X CZ    1 
ATOM   167 N NH1   . ARG A 1 24  ? -4.853  -3.456  1.777   1.00 17.81 ? 51   ARG X NH1   1 
ATOM   168 N NH2   . ARG A 1 24  ? -6.737  -4.760  1.667   1.00 26.40 ? 51   ARG X NH2   1 
ATOM   169 N N     . PRO A 1 25  ? -1.759  -7.911  6.222   1.00 20.22 ? 52   PRO X N     1 
ATOM   170 C CA    . PRO A 1 25  ? -2.005  -8.645  7.454   1.00 20.82 ? 52   PRO X CA    1 
ATOM   171 C C     . PRO A 1 25  ? -3.457  -8.591  7.994   1.00 21.20 ? 52   PRO X C     1 
ATOM   172 O O     . PRO A 1 25  ? -3.864  -9.442  8.753   1.00 22.00 ? 52   PRO X O     1 
ATOM   173 C CB    . PRO A 1 25  ? -1.019  -7.986  8.471   1.00 21.80 ? 52   PRO X CB    1 
ATOM   174 C CG    . PRO A 1 25  ? -0.129  -7.132  7.674   1.00 20.22 ? 52   PRO X CG    1 
ATOM   175 C CD    . PRO A 1 25  ? -0.861  -6.756  6.443   1.00 19.86 ? 52   PRO X CD    1 
ATOM   176 N N     . LEU A 1 26  ? -4.212  -7.580  7.636   1.00 21.25 ? 53   LEU X N     1 
ATOM   177 C CA    . LEU A 1 26  ? -5.477  -7.356  8.291   1.00 21.89 ? 53   LEU X CA    1 
ATOM   178 C C     . LEU A 1 26  ? -6.636  -7.619  7.321   1.00 21.64 ? 53   LEU X C     1 
ATOM   179 O O     . LEU A 1 26  ? -6.501  -7.435  6.130   1.00 21.36 ? 53   LEU X O     1 
ATOM   180 C CB    . LEU A 1 26  ? -5.531  -5.908  8.832   1.00 22.11 ? 53   LEU X CB    1 
ATOM   181 C CG    . LEU A 1 26  ? -4.395  -5.453  9.778   1.00 24.21 ? 53   LEU X CG    1 
ATOM   182 C CD1   . LEU A 1 26  ? -4.626  -4.001  10.217  1.00 30.10 ? 53   LEU X CD1   1 
ATOM   183 C CD2   . LEU A 1 26  ? -4.234  -6.361  11.028  1.00 24.69 ? 53   LEU X CD2   1 
ATOM   184 N N     . PRO A 1 27  ? -7.795  -8.038  7.848   1.00 22.07 ? 54   PRO X N     1 
ATOM   185 C CA    . PRO A 1 27  ? -8.967  -8.201  7.003   1.00 21.25 ? 54   PRO X CA    1 
ATOM   186 C C     . PRO A 1 27  ? -9.440  -6.861  6.393   1.00 20.46 ? 54   PRO X C     1 
ATOM   187 O O     . PRO A 1 27  ? -9.059  -5.785  6.885   1.00 20.81 ? 54   PRO X O     1 
ATOM   188 C CB    . PRO A 1 27  ? -10.008 -8.848  7.964   1.00 21.71 ? 54   PRO X CB    1 
ATOM   189 C CG    . PRO A 1 27  ? -9.519  -8.617  9.326   1.00 21.82 ? 54   PRO X CG    1 
ATOM   190 C CD    . PRO A 1 27  ? -8.037  -8.402  9.267   1.00 23.64 ? 54   PRO X CD    1 
ATOM   191 N N     . SER A 1 28  ? -10.182 -6.922  5.302   1.00 18.87 ? 55   SER X N     1 
ATOM   192 C CA    . SER A 1 28  ? -10.734 -5.745  4.661   1.00 20.64 ? 55   SER X CA    1 
ATOM   193 C C     . SER A 1 28  ? -12.219 -5.556  5.038   1.00 21.32 ? 55   SER X C     1 
ATOM   194 O O     . SER A 1 28  ? -12.946 -6.514  5.224   1.00 20.34 ? 55   SER X O     1 
ATOM   195 C CB    . SER A 1 28  ? -10.645 -5.840  3.128   1.00 20.24 ? 55   SER X CB    1 
ATOM   196 O OG    . SER A 1 28  ? -9.292  -5.832  2.675   1.00 23.77 ? 55   SER X OG    1 
ATOM   197 N N     . VAL A 1 29  ? -12.617 -4.297  5.123   1.00 23.04 ? 56   VAL X N     1 
ATOM   198 C CA    . VAL A 1 29  ? -13.989 -3.875  5.277   1.00 23.60 ? 56   VAL X CA    1 
ATOM   199 C C     . VAL A 1 29  ? -14.396 -3.279  3.931   1.00 23.34 ? 56   VAL X C     1 
ATOM   200 O O     . VAL A 1 29  ? -13.824 -2.250  3.488   1.00 23.12 ? 56   VAL X O     1 
ATOM   201 C CB    . VAL A 1 29  ? -14.085 -2.873  6.413   1.00 24.95 ? 56   VAL X CB    1 
ATOM   202 C CG1   . VAL A 1 29  ? -15.543 -2.235  6.507   1.00 23.80 ? 56   VAL X CG1   1 
ATOM   203 C CG2   . VAL A 1 29  ? -13.681 -3.562  7.732   1.00 25.99 ? 56   VAL X CG2   1 
ATOM   204 N N     . LEU A 1 30  ? -15.285 -3.999  3.233   1.00 21.84 ? 57   LEU X N     1 
ATOM   205 C CA    . LEU A 1 30  ? -15.648 -3.660  1.851   1.00 20.84 ? 57   LEU X CA    1 
ATOM   206 C C     . LEU A 1 30  ? -17.128 -3.450  1.664   1.00 20.56 ? 57   LEU X C     1 
ATOM   207 O O     . LEU A 1 30  ? -17.951 -4.310  2.060   1.00 19.57 ? 57   LEU X O     1 
ATOM   208 C CB    . LEU A 1 30  ? -15.216 -4.745  0.859   1.00 19.56 ? 57   LEU X CB    1 
ATOM   209 C CG    . LEU A 1 30  ? -13.709 -5.073  0.800   1.00 19.11 ? 57   LEU X CG    1 
ATOM   210 C CD1   . LEU A 1 30  ? -13.441 -6.312  -0.025  1.00 16.95 ? 57   LEU X CD1   1 
ATOM   211 C CD2   . LEU A 1 30  ? -12.911 -3.889  0.283   1.00 15.79 ? 57   LEU X CD2   1 
ATOM   212 N N     . ASP A 1 31  ? -17.432 -2.340  1.002   1.00 20.26 ? 58   ASP X N     1 
ATOM   213 C CA    . ASP A 1 31  ? -18.727 -2.075  0.449   1.00 23.34 ? 58   ASP X CA    1 
ATOM   214 C C     . ASP A 1 31  ? -18.755 -2.618  -0.992  1.00 24.02 ? 58   ASP X C     1 
ATOM   215 O O     . ASP A 1 31  ? -18.083 -2.088  -1.872  1.00 24.35 ? 58   ASP X O     1 
ATOM   216 C CB    . ASP A 1 31  ? -19.028 -0.559  0.521   1.00 24.13 ? 58   ASP X CB    1 
ATOM   217 C CG    . ASP A 1 31  ? -20.333 -0.163  -0.228  1.00 28.06 ? 58   ASP X CG    1 
ATOM   218 O OD1   . ASP A 1 31  ? -20.937 -1.014  -0.885  1.00 29.84 ? 58   ASP X OD1   1 
ATOM   219 O OD2   . ASP A 1 31  ? -20.749 1.013   -0.171  1.00 31.26 ? 58   ASP X OD2   1 
ATOM   220 N N     . PRO A 1 32  ? -19.532 -3.697  -1.243  1.00 24.00 ? 59   PRO X N     1 
ATOM   221 C CA    . PRO A 1 32  ? -19.418 -4.369  -2.558  1.00 24.28 ? 59   PRO X CA    1 
ATOM   222 C C     . PRO A 1 32  ? -19.700 -3.412  -3.756  1.00 24.91 ? 59   PRO X C     1 
ATOM   223 O O     . PRO A 1 32  ? -19.124 -3.564  -4.845  1.00 23.93 ? 59   PRO X O     1 
ATOM   224 C CB    . PRO A 1 32  ? -20.484 -5.461  -2.470  1.00 23.87 ? 59   PRO X CB    1 
ATOM   225 C CG    . PRO A 1 32  ? -20.628 -5.711  -1.020  1.00 23.78 ? 59   PRO X CG    1 
ATOM   226 C CD    . PRO A 1 32  ? -20.519 -4.367  -0.395  1.00 23.31 ? 59   PRO X CD    1 
ATOM   227 N N     . ALA A 1 33  ? -20.577 -2.434  -3.540  1.00 25.10 ? 60   ALA X N     1 
ATOM   228 C CA    . ALA A 1 33  ? -20.916 -1.514  -4.625  1.00 26.80 ? 60   ALA X CA    1 
ATOM   229 C C     . ALA A 1 33  ? -19.771 -0.522  -4.897  1.00 26.48 ? 60   ALA X C     1 
ATOM   230 O O     . ALA A 1 33  ? -19.568 -0.070  -6.048  1.00 26.05 ? 60   ALA X O     1 
ATOM   231 C CB    . ALA A 1 33  ? -22.224 -0.803  -4.325  1.00 26.02 ? 60   ALA X CB    1 
ATOM   232 N N     . LYS A 1 34  ? -19.027 -0.198  -3.840  1.00 26.42 ? 61   LYS X N     1 
ATOM   233 C CA    . LYS A 1 34  ? -17.886 0.690   -3.965  1.00 26.69 ? 61   LYS X CA    1 
ATOM   234 C C     . LYS A 1 34  ? -16.745 -0.022  -4.642  1.00 26.55 ? 61   LYS X C     1 
ATOM   235 O O     . LYS A 1 34  ? -16.053 0.607   -5.403  1.00 25.68 ? 61   LYS X O     1 
ATOM   236 C CB    . LYS A 1 34  ? -17.415 1.252   -2.623  1.00 27.72 ? 61   LYS X CB    1 
ATOM   237 C CG    . LYS A 1 34  ? -16.183 2.148   -2.802  1.00 30.84 ? 61   LYS X CG    1 
ATOM   238 C CD    . LYS A 1 34  ? -16.200 3.326   -1.900  1.00 32.46 ? 61   LYS X CD    1 
ATOM   239 C CE    . LYS A 1 34  ? -15.545 2.967   -0.622  1.00 31.57 ? 61   LYS X CE    1 
ATOM   240 N NZ    . LYS A 1 34  ? -14.729 4.082   -0.067  1.00 35.14 ? 61   LYS X NZ    1 
ATOM   241 N N     . VAL A 1 35  ? -16.561 -1.323  -4.348  1.00 25.38 ? 62   VAL X N     1 
ATOM   242 C CA    . VAL A 1 35  ? -15.590 -2.142  -5.070  1.00 25.56 ? 62   VAL X CA    1 
ATOM   243 C C     . VAL A 1 35  ? -15.903 -2.095  -6.578  1.00 25.51 ? 62   VAL X C     1 
ATOM   244 O O     . VAL A 1 35  ? -15.018 -1.811  -7.369  1.00 24.50 ? 62   VAL X O     1 
ATOM   245 C CB    . VAL A 1 35  ? -15.539 -3.611  -4.549  1.00 25.53 ? 62   VAL X CB    1 
ATOM   246 C CG1   . VAL A 1 35  ? -14.680 -4.495  -5.480  1.00 23.25 ? 62   VAL X CG1   1 
ATOM   247 C CG2   . VAL A 1 35  ? -15.004 -3.632  -3.120  1.00 24.06 ? 62   VAL X CG2   1 
ATOM   248 N N     . GLN A 1 36  ? -17.166 -2.314  -6.949  1.00 25.18 ? 63   GLN X N     1 
ATOM   249 C CA    . GLN A 1 36  ? -17.562 -2.380  -8.349  1.00 26.86 ? 63   GLN X CA    1 
ATOM   250 C C     . GLN A 1 36  ? -17.438 -1.018  -9.058  1.00 27.90 ? 63   GLN X C     1 
ATOM   251 O O     . GLN A 1 36  ? -17.074 -0.965  -10.239 1.00 27.13 ? 63   GLN X O     1 
ATOM   252 C CB    . GLN A 1 36  ? -19.003 -2.906  -8.457  1.00 27.33 ? 63   GLN X CB    1 
ATOM   253 C CG    . GLN A 1 36  ? -19.474 -3.290  -9.836  1.00 27.41 ? 63   GLN X CG    1 
ATOM   254 C CD    . GLN A 1 36  ? -18.499 -4.145  -10.615 1.00 29.58 ? 63   GLN X CD    1 
ATOM   255 O OE1   . GLN A 1 36  ? -18.031 -3.739  -11.691 1.00 32.32 ? 63   GLN X OE1   1 
ATOM   256 N NE2   . GLN A 1 36  ? -18.187 -5.322  -10.104 1.00 27.63 ? 63   GLN X NE2   1 
ATOM   257 N N     . SER A 1 37  ? -17.727 0.046   -8.323  1.00 28.03 ? 64   SER X N     1 
ATOM   258 C CA    . SER A 1 37  ? -17.568 1.406   -8.804  1.00 30.90 ? 64   SER X CA    1 
ATOM   259 C C     . SER A 1 37  ? -16.110 1.669   -9.199  1.00 30.23 ? 64   SER X C     1 
ATOM   260 O O     . SER A 1 37  ? -15.811 2.189   -10.301 1.00 31.07 ? 64   SER X O     1 
ATOM   261 C CB    . SER A 1 37  ? -18.024 2.362   -7.693  1.00 31.36 ? 64   SER X CB    1 
ATOM   262 O OG    . SER A 1 37  ? -17.988 3.703   -8.152  1.00 37.04 ? 64   SER X OG    1 
ATOM   263 N N     . LEU A 1 38  ? -15.183 1.302   -8.307  1.00 30.39 ? 65   LEU X N     1 
ATOM   264 C CA    . LEU A 1 38  ? -13.754 1.314   -8.610  1.00 28.79 ? 65   LEU X CA    1 
ATOM   265 C C     . LEU A 1 38  ? -13.368 0.453   -9.782  1.00 29.14 ? 65   LEU X C     1 
ATOM   266 O O     . LEU A 1 38  ? -12.527 0.872   -10.612 1.00 29.29 ? 65   LEU X O     1 
ATOM   267 C CB    . LEU A 1 38  ? -12.924 0.932   -7.377  1.00 28.53 ? 65   LEU X CB    1 
ATOM   268 C CG    . LEU A 1 38  ? -12.861 2.096   -6.379  1.00 28.52 ? 65   LEU X CG    1 
ATOM   269 C CD1   . LEU A 1 38  ? -12.514 1.643   -4.974  1.00 26.02 ? 65   LEU X CD1   1 
ATOM   270 C CD2   . LEU A 1 38  ? -11.888 3.166   -6.861  1.00 28.75 ? 65   LEU X CD2   1 
ATOM   271 N N     . VAL A 1 39  ? -13.943 -0.745  -9.896  1.00 28.69 ? 66   VAL X N     1 
ATOM   272 C CA    . VAL A 1 39  ? -13.657 -1.552  -11.098 1.00 29.19 ? 66   VAL X CA    1 
ATOM   273 C C     . VAL A 1 39  ? -13.987 -0.774  -12.418 1.00 30.04 ? 66   VAL X C     1 
ATOM   274 O O     . VAL A 1 39  ? -13.161 -0.729  -13.363 1.00 29.33 ? 66   VAL X O     1 
ATOM   275 C CB    . VAL A 1 39  ? -14.318 -2.960  -11.075 1.00 28.89 ? 66   VAL X CB    1 
ATOM   276 C CG1   . VAL A 1 39  ? -14.071 -3.701  -12.394 1.00 28.47 ? 66   VAL X CG1   1 
ATOM   277 C CG2   . VAL A 1 39  ? -13.790 -3.792  -9.905  1.00 25.69 ? 66   VAL X CG2   1 
ATOM   278 N N     . ASP A 1 40  ? -15.170 -0.178  -12.449 1.00 31.37 ? 67   ASP X N     1 
ATOM   279 C CA    . ASP A 1 40  ? -15.666 0.582   -13.600 1.00 34.13 ? 67   ASP X CA    1 
ATOM   280 C C     . ASP A 1 40  ? -14.735 1.775   -13.840 1.00 34.54 ? 67   ASP X C     1 
ATOM   281 O O     . ASP A 1 40  ? -14.352 2.032   -14.980 1.00 36.24 ? 67   ASP X O     1 
ATOM   282 C CB    . ASP A 1 40  ? -17.084 1.115   -13.331 1.00 33.99 ? 67   ASP X CB    1 
ATOM   283 C CG    . ASP A 1 40  ? -18.128 -0.002  -13.158 1.00 36.67 ? 67   ASP X CG    1 
ATOM   284 O OD1   . ASP A 1 40  ? -17.926 -1.165  -13.664 1.00 38.27 ? 67   ASP X OD1   1 
ATOM   285 O OD2   . ASP A 1 40  ? -19.166 0.302   -12.505 1.00 39.82 ? 67   ASP X OD2   1 
ATOM   286 N N     . THR A 1 41  ? -14.378 2.491   -12.771 1.00 35.09 ? 68   THR X N     1 
ATOM   287 C CA    . THR A 1 41  ? -13.456 3.646   -12.886 1.00 36.06 ? 68   THR X CA    1 
ATOM   288 C C     . THR A 1 41  ? -12.046 3.270   -13.362 1.00 35.83 ? 68   THR X C     1 
ATOM   289 O O     . THR A 1 41  ? -11.459 3.997   -14.169 1.00 36.29 ? 68   THR X O     1 
ATOM   290 C CB    . THR A 1 41  ? -13.376 4.459   -11.599 1.00 34.87 ? 68   THR X CB    1 
ATOM   291 O OG1   . THR A 1 41  ? -14.702 4.797   -11.180 1.00 36.40 ? 68   THR X OG1   1 
ATOM   292 C CG2   . THR A 1 41  ? -12.531 5.746   -11.788 1.00 35.65 ? 68   THR X CG2   1 
ATOM   293 N N     . ILE A 1 42  ? -11.507 2.150   -12.876 1.00 34.79 ? 69   ILE X N     1 
ATOM   294 C CA    . ILE A 1 42  ? -10.174 1.685   -13.291 1.00 35.10 ? 69   ILE X CA    1 
ATOM   295 C C     . ILE A 1 42  ? -10.117 1.352   -14.809 1.00 37.03 ? 69   ILE X C     1 
ATOM   296 O O     . ILE A 1 42  ? -9.172  1.726   -15.496 1.00 36.39 ? 69   ILE X O     1 
ATOM   297 C CB    . ILE A 1 42  ? -9.728  0.481   -12.439 1.00 33.63 ? 69   ILE X CB    1 
ATOM   298 C CG1   . ILE A 1 42  ? -9.449  0.923   -10.991 1.00 30.61 ? 69   ILE X CG1   1 
ATOM   299 C CG2   . ILE A 1 42  ? -8.535  -0.236  -13.036 1.00 31.60 ? 69   ILE X CG2   1 
ATOM   300 C CD1   . ILE A 1 42  ? -9.563  -0.250  -10.037 1.00 27.40 ? 69   ILE X CD1   1 
ATOM   301 N N     . ARG A 1 43  ? -11.141 0.648   -15.289 1.00 38.96 ? 70   ARG X N     1 
ATOM   302 C CA    . ARG A 1 43  ? -11.363 0.374   -16.713 1.00 41.47 ? 70   ARG X CA    1 
ATOM   303 C C     . ARG A 1 43  ? -11.476 1.641   -17.614 1.00 42.92 ? 70   ARG X C     1 
ATOM   304 O O     . ARG A 1 43  ? -10.802 1.729   -18.654 1.00 42.89 ? 70   ARG X O     1 
ATOM   305 C CB    . ARG A 1 43  ? -12.611 -0.499  -16.894 1.00 40.67 ? 70   ARG X CB    1 
ATOM   306 C CG    . ARG A 1 43  ? -12.412 -1.948  -16.529 1.00 41.51 ? 70   ARG X CG    1 
ATOM   307 C CD    . ARG A 1 43  ? -13.736 -2.663  -16.626 1.00 41.93 ? 70   ARG X CD    1 
ATOM   308 N NE    . ARG A 1 43  ? -13.610 -4.126  -16.607 1.00 43.13 ? 70   ARG X NE    1 
ATOM   309 C CZ    . ARG A 1 43  ? -14.621 -4.957  -16.315 1.00 41.30 ? 70   ARG X CZ    1 
ATOM   310 N NH1   . ARG A 1 43  ? -15.823 -4.469  -16.029 1.00 36.37 ? 70   ARG X NH1   1 
ATOM   311 N NH2   . ARG A 1 43  ? -14.432 -6.277  -16.315 1.00 41.92 ? 70   ARG X NH2   1 
ATOM   312 N N     . GLU A 1 44  ? -12.304 2.606   -17.208 1.00 44.56 ? 71   GLU X N     1 
ATOM   313 C CA    . GLU A 1 44  ? -12.597 3.775   -18.048 1.00 46.61 ? 71   GLU X CA    1 
ATOM   314 C C     . GLU A 1 44  ? -11.666 4.971   -17.833 1.00 46.17 ? 71   GLU X C     1 
ATOM   315 O O     . GLU A 1 44  ? -11.421 5.745   -18.764 1.00 46.29 ? 71   GLU X O     1 
ATOM   316 C CB    . GLU A 1 44  ? -14.044 4.245   -17.840 1.00 47.49 ? 71   GLU X CB    1 
ATOM   317 C CG    . GLU A 1 44  ? -15.105 3.300   -18.387 1.00 52.15 ? 71   GLU X CG    1 
ATOM   318 C CD    . GLU A 1 44  ? -16.425 4.038   -18.685 1.00 59.03 ? 71   GLU X CD    1 
ATOM   319 O OE1   . GLU A 1 44  ? -17.063 4.546   -17.714 1.00 59.92 ? 71   GLU X OE1   1 
ATOM   320 O OE2   . GLU A 1 44  ? -16.813 4.122   -19.892 1.00 60.11 ? 71   GLU X OE2   1 
ATOM   321 N N     . ASP A 1 45  ? -11.166 5.130   -16.605 1.00 45.16 ? 72   ASP X N     1 
ATOM   322 C CA    . ASP A 1 45  ? -10.425 6.334   -16.207 1.00 42.90 ? 72   ASP X CA    1 
ATOM   323 C C     . ASP A 1 45  ? -9.455  6.117   -15.036 1.00 41.86 ? 72   ASP X C     1 
ATOM   324 O O     . ASP A 1 45  ? -9.613  6.756   -13.983 1.00 39.98 ? 72   ASP X O     1 
ATOM   325 C CB    . ASP A 1 45  ? -11.410 7.476   -15.868 1.00 43.28 ? 72   ASP X CB    1 
ATOM   326 C CG    . ASP A 1 45  ? -10.704 8.814   -15.650 1.00 42.48 ? 72   ASP X CG    1 
ATOM   327 O OD1   . ASP A 1 45  ? -9.538  8.952   -16.086 1.00 40.17 ? 72   ASP X OD1   1 
ATOM   328 O OD2   . ASP A 1 45  ? -11.297 9.702   -15.022 1.00 42.54 ? 72   ASP X OD2   1 
ATOM   329 N N     . PRO A 1 46  ? -8.423  5.268   -15.241 1.00 41.86 ? 73   PRO X N     1 
ATOM   330 C CA    . PRO A 1 46  ? -7.527  4.809   -14.175 1.00 42.32 ? 73   PRO X CA    1 
ATOM   331 C C     . PRO A 1 46  ? -6.768  5.937   -13.467 1.00 42.82 ? 73   PRO X C     1 
ATOM   332 O O     . PRO A 1 46  ? -6.576  5.870   -12.234 1.00 42.91 ? 73   PRO X O     1 
ATOM   333 C CB    . PRO A 1 46  ? -6.545  3.871   -14.899 1.00 42.31 ? 73   PRO X CB    1 
ATOM   334 C CG    . PRO A 1 46  ? -6.641  4.224   -16.347 1.00 42.54 ? 73   PRO X CG    1 
ATOM   335 C CD    . PRO A 1 46  ? -8.041  4.711   -16.556 1.00 41.94 ? 73   PRO X CD    1 
ATOM   336 N N     . ASP A 1 47  ? -6.370  6.973   -14.218 1.00 42.74 ? 74   ASP X N     1 
ATOM   337 C CA    . ASP A 1 47  ? -5.632  8.111   -13.645 1.00 42.11 ? 74   ASP X CA    1 
ATOM   338 C C     . ASP A 1 47  ? -6.469  8.830   -12.590 1.00 40.39 ? 74   ASP X C     1 
ATOM   339 O O     . ASP A 1 47  ? -5.936  9.573   -11.796 1.00 39.86 ? 74   ASP X O     1 
ATOM   340 C CB    . ASP A 1 47  ? -5.182  9.152   -14.708 1.00 43.51 ? 74   ASP X CB    1 
ATOM   341 C CG    . ASP A 1 47  ? -4.529  8.528   -15.939 1.00 45.57 ? 74   ASP X CG    1 
ATOM   342 O OD1   . ASP A 1 47  ? -3.615  7.679   -15.791 1.00 48.32 ? 74   ASP X OD1   1 
ATOM   343 O OD2   . ASP A 1 47  ? -4.934  8.919   -17.071 1.00 49.91 ? 74   ASP X OD2   1 
ATOM   344 N N     . SER A 1 48  ? -7.779  8.633   -12.575 1.00 38.86 ? 75   SER X N     1 
ATOM   345 C CA    . SER A 1 48  ? -8.566  9.264   -11.504 1.00 38.40 ? 75   SER X CA    1 
ATOM   346 C C     . SER A 1 48  ? -8.572  8.473   -10.185 1.00 37.46 ? 75   SER X C     1 
ATOM   347 O O     . SER A 1 48  ? -9.228  8.897   -9.206  1.00 38.37 ? 75   SER X O     1 
ATOM   348 C CB    . SER A 1 48  ? -9.997  9.491   -11.961 1.00 38.76 ? 75   SER X CB    1 
ATOM   349 O OG    . SER A 1 48  ? -10.606 8.249   -12.295 1.00 40.22 ? 75   SER X OG    1 
ATOM   350 N N     . VAL A 1 49  ? -7.885  7.322   -10.163 1.00 36.11 ? 76   VAL X N     1 
ATOM   351 C CA    . VAL A 1 49  ? -7.848  6.465   -8.957  1.00 34.14 ? 76   VAL X CA    1 
ATOM   352 C C     . VAL A 1 49  ? -6.489  6.537   -8.312  1.00 32.64 ? 76   VAL X C     1 
ATOM   353 O O     . VAL A 1 49  ? -5.528  5.989   -8.858  1.00 34.32 ? 76   VAL X O     1 
ATOM   354 C CB    . VAL A 1 49  ? -8.184  4.989   -9.265  1.00 34.00 ? 76   VAL X CB    1 
ATOM   355 C CG1   . VAL A 1 49  ? -8.286  4.178   -7.941  1.00 31.07 ? 76   VAL X CG1   1 
ATOM   356 C CG2   . VAL A 1 49  ? -9.445  4.872   -10.055 1.00 31.81 ? 76   VAL X CG2   1 
ATOM   357 N N     . PRO A 1 50  ? -6.396  7.184   -7.145  1.00 31.40 ? 77   PRO X N     1 
ATOM   358 C CA    . PRO A 1 50  ? -5.110  7.421   -6.528  1.00 30.91 ? 77   PRO X CA    1 
ATOM   359 C C     . PRO A 1 50  ? -4.340  6.145   -6.131  1.00 29.98 ? 77   PRO X C     1 
ATOM   360 O O     . PRO A 1 50  ? -4.934  5.071   -5.916  1.00 30.04 ? 77   PRO X O     1 
ATOM   361 C CB    . PRO A 1 50  ? -5.442  8.248   -5.273  1.00 30.95 ? 77   PRO X CB    1 
ATOM   362 C CG    . PRO A 1 50  ? -6.830  8.677   -5.417  1.00 31.43 ? 77   PRO X CG    1 
ATOM   363 C CD    . PRO A 1 50  ? -7.499  7.696   -6.318  1.00 31.23 ? 77   PRO X CD    1 
ATOM   364 N N     . PRO A 1 51  ? -3.011  6.260   -6.090  1.00 28.88 ? 78   PRO X N     1 
ATOM   365 C CA    . PRO A 1 51  ? -2.166  5.206   -5.529  1.00 27.12 ? 78   PRO X CA    1 
ATOM   366 C C     . PRO A 1 51  ? -2.512  4.855   -4.080  1.00 26.04 ? 78   PRO X C     1 
ATOM   367 O O     . PRO A 1 51  ? -2.903  5.713   -3.290  1.00 24.65 ? 78   PRO X O     1 
ATOM   368 C CB    . PRO A 1 51  ? -0.738  5.782   -5.629  1.00 27.22 ? 78   PRO X CB    1 
ATOM   369 C CG    . PRO A 1 51  ? -0.929  7.264   -5.949  1.00 29.09 ? 78   PRO X CG    1 
ATOM   370 C CD    . PRO A 1 51  ? -2.228  7.389   -6.645  1.00 27.31 ? 78   PRO X CD    1 
ATOM   371 N N     . ILE A 1 52  ? -2.395  3.565   -3.766  1.00 23.88 ? 79   ILE X N     1 
ATOM   372 C CA    . ILE A 1 52  ? -2.669  3.131   -2.423  1.00 22.70 ? 79   ILE X CA    1 
ATOM   373 C C     . ILE A 1 52  ? -1.398  3.396   -1.653  1.00 22.06 ? 79   ILE X C     1 
ATOM   374 O O     . ILE A 1 52  ? -0.311  3.320   -2.210  1.00 21.86 ? 79   ILE X O     1 
ATOM   375 C CB    . ILE A 1 52  ? -3.131  1.628   -2.328  1.00 22.64 ? 79   ILE X CB    1 
ATOM   376 C CG1   . ILE A 1 52  ? -2.110  0.685   -2.962  1.00 20.58 ? 79   ILE X CG1   1 
ATOM   377 C CG2   . ILE A 1 52  ? -4.526  1.456   -2.972  1.00 22.00 ? 79   ILE X CG2   1 
ATOM   378 C CD1   . ILE A 1 52  ? -2.262  -0.796  -2.521  1.00 21.47 ? 79   ILE X CD1   1 
ATOM   379 N N     . ASP A 1 53  ? -1.525  3.706   -0.375  1.00 21.54 ? 80   ASP X N     1 
ATOM   380 C CA    . ASP A 1 53  ? -0.319  3.797   0.465   1.00 23.12 ? 80   ASP X CA    1 
ATOM   381 C C     . ASP A 1 53  ? 0.187   2.477   1.002   1.00 21.73 ? 80   ASP X C     1 
ATOM   382 O O     . ASP A 1 53  ? -0.567  1.678   1.562   1.00 20.54 ? 80   ASP X O     1 
ATOM   383 C CB    . ASP A 1 53  ? -0.529  4.737   1.646   1.00 23.68 ? 80   ASP X CB    1 
ATOM   384 C CG    . ASP A 1 53  ? -0.894  6.162   1.208   1.00 27.91 ? 80   ASP X CG    1 
ATOM   385 O OD1   . ASP A 1 53  ? -0.521  6.579   0.084   1.00 28.78 ? 80   ASP X OD1   1 
ATOM   386 O OD2   . ASP A 1 53  ? -1.593  6.835   2.005   1.00 32.82 ? 80   ASP X OD2   1 
ATOM   387 N N     . VAL A 1 54  ? 1.510   2.301   0.899   1.00 21.54 ? 81   VAL X N     1 
ATOM   388 C CA    . VAL A 1 54  ? 2.183   1.041   1.267   1.00 20.75 ? 81   VAL X CA    1 
ATOM   389 C C     . VAL A 1 54  ? 3.389   1.424   2.124   1.00 20.85 ? 81   VAL X C     1 
ATOM   390 O O     . VAL A 1 54  ? 4.160   2.318   1.729   1.00 20.17 ? 81   VAL X O     1 
ATOM   391 C CB    . VAL A 1 54  ? 2.642   0.305   -0.057  1.00 20.88 ? 81   VAL X CB    1 
ATOM   392 C CG1   . VAL A 1 54  ? 3.652   -0.797  0.177   1.00 18.02 ? 81   VAL X CG1   1 
ATOM   393 C CG2   . VAL A 1 54  ? 1.401   -0.239  -0.836  1.00 22.32 ? 81   VAL X CG2   1 
ATOM   394 N N     . LEU A 1 55  ? 3.561   0.786   3.281   1.00 20.11 ? 82   LEU X N     1 
ATOM   395 C CA    . LEU A 1 55  ? 4.759   1.011   4.069   1.00 20.90 ? 82   LEU X CA    1 
ATOM   396 C C     . LEU A 1 55  ? 5.890   0.173   3.472   1.00 22.02 ? 82   LEU X C     1 
ATOM   397 O O     . LEU A 1 55  ? 5.775   -1.063  3.367   1.00 21.45 ? 82   LEU X O     1 
ATOM   398 C CB    . LEU A 1 55  ? 4.562   0.619   5.521   1.00 20.21 ? 82   LEU X CB    1 
ATOM   399 C CG    . LEU A 1 55  ? 3.623   1.422   6.451   1.00 22.30 ? 82   LEU X CG    1 
ATOM   400 C CD1   . LEU A 1 55  ? 2.260   1.489   5.946   1.00 25.18 ? 82   LEU X CD1   1 
ATOM   401 C CD2   . LEU A 1 55  ? 3.609   0.871   7.924   1.00 22.90 ? 82   LEU X CD2   1 
ATOM   402 N N     . TRP A 1 56  ? 6.956   0.854   3.074   1.00 22.34 ? 83   TRP X N     1 
ATOM   403 C CA    . TRP A 1 56  ? 8.173   0.213   2.606   1.00 22.57 ? 83   TRP X CA    1 
ATOM   404 C C     . TRP A 1 56  ? 9.151   0.133   3.766   1.00 22.64 ? 83   TRP X C     1 
ATOM   405 O O     . TRP A 1 56  ? 9.698   1.137   4.242   1.00 22.16 ? 83   TRP X O     1 
ATOM   406 C CB    . TRP A 1 56  ? 8.740   0.941   1.373   1.00 23.89 ? 83   TRP X CB    1 
ATOM   407 C CG    . TRP A 1 56  ? 10.053  0.402   0.856   1.00 24.99 ? 83   TRP X CG    1 
ATOM   408 C CD1   . TRP A 1 56  ? 10.655  -0.770  1.202   1.00 26.57 ? 83   TRP X CD1   1 
ATOM   409 C CD2   . TRP A 1 56  ? 10.913  1.035   -0.107  1.00 24.59 ? 83   TRP X CD2   1 
ATOM   410 N NE1   . TRP A 1 56  ? 11.849  -0.921  0.504   1.00 27.47 ? 83   TRP X NE1   1 
ATOM   411 C CE2   . TRP A 1 56  ? 12.020  0.170   -0.311  1.00 27.46 ? 83   TRP X CE2   1 
ATOM   412 C CE3   . TRP A 1 56  ? 10.832  2.227   -0.846  1.00 25.22 ? 83   TRP X CE3   1 
ATOM   413 C CZ2   . TRP A 1 56  ? 13.056  0.469   -1.208  1.00 25.58 ? 83   TRP X CZ2   1 
ATOM   414 C CZ3   . TRP A 1 56  ? 11.871  2.530   -1.743  1.00 26.32 ? 83   TRP X CZ3   1 
ATOM   415 C CH2   . TRP A 1 56  ? 12.960  1.658   -1.905  1.00 27.32 ? 83   TRP X CH2   1 
ATOM   416 N N     . ILE A 1 57  ? 9.339   -1.086  4.258   1.00 21.45 ? 84   ILE X N     1 
ATOM   417 C CA    . ILE A 1 57  ? 10.185  -1.306  5.391   1.00 23.59 ? 84   ILE X CA    1 
ATOM   418 C C     . ILE A 1 57  ? 11.399  -2.119  4.951   1.00 25.38 ? 84   ILE X C     1 
ATOM   419 O O     . ILE A 1 57  ? 11.265  -3.058  4.180   1.00 23.24 ? 84   ILE X O     1 
ATOM   420 C CB    . ILE A 1 57  ? 9.425   -1.948  6.532   1.00 23.19 ? 84   ILE X CB    1 
ATOM   421 C CG1   . ILE A 1 57  ? 8.336   -0.968  7.023   1.00 25.57 ? 84   ILE X CG1   1 
ATOM   422 C CG2   . ILE A 1 57  ? 10.371  -2.254  7.726   1.00 25.72 ? 84   ILE X CG2   1 
ATOM   423 C CD1   . ILE A 1 57  ? 7.270   -1.595  7.717   1.00 27.96 ? 84   ILE X CD1   1 
ATOM   424 N N     . LYS A 1 58  ? 12.578  -1.714  5.419   1.00 27.07 ? 85   LYS X N     1 
ATOM   425 C CA    . LYS A 1 58  ? 13.837  -2.486  5.241   1.00 28.24 ? 85   LYS X CA    1 
ATOM   426 C C     . LYS A 1 58  ? 14.133  -3.217  6.521   1.00 29.20 ? 85   LYS X C     1 
ATOM   427 O O     . LYS A 1 58  ? 14.073  -2.581  7.591   1.00 31.75 ? 85   LYS X O     1 
ATOM   428 C CB    . LYS A 1 58  ? 14.993  -1.510  4.893   1.00 28.72 ? 85   LYS X CB    1 
ATOM   429 C CG    . LYS A 1 58  ? 14.993  -1.117  3.429   1.00 28.57 ? 85   LYS X CG    1 
ATOM   430 C CD    . LYS A 1 58  ? 16.272  -1.537  2.757   1.00 33.97 ? 85   LYS X CD    1 
ATOM   431 C CE    . LYS A 1 58  ? 16.283  -1.281  1.237   1.00 35.17 ? 85   LYS X CE    1 
ATOM   432 N NZ    . LYS A 1 58  ? 15.657  0.048   0.981   1.00 39.60 ? 85   LYS X NZ    1 
ATOM   433 N N     . GLY A 1 59  ? 14.411  -4.534  6.456   1.00 27.94 ? 86   GLY X N     1 
ATOM   434 C CA    . GLY A 1 59  ? 14.719  -5.332  7.644   1.00 29.22 ? 86   GLY X CA    1 
ATOM   435 C C     . GLY A 1 59  ? 16.157  -5.152  8.124   1.00 29.59 ? 86   GLY X C     1 
ATOM   436 O O     . GLY A 1 59  ? 16.932  -4.474  7.450   1.00 30.37 ? 86   GLY X O     1 
ATOM   437 N N     . ALA A 1 60  ? 16.522  -5.807  9.226   1.00 30.82 ? 87   ALA X N     1 
ATOM   438 C CA    . ALA A 1 60  ? 17.876  -5.743  9.832   1.00 32.40 ? 87   ALA X CA    1 
ATOM   439 C C     . ALA A 1 60  ? 19.010  -6.093  8.883   1.00 33.96 ? 87   ALA X C     1 
ATOM   440 O O     . ALA A 1 60  ? 20.149  -5.613  9.079   1.00 35.11 ? 87   ALA X O     1 
ATOM   441 C CB    . ALA A 1 60  ? 17.975  -6.589  11.107  1.00 32.22 ? 87   ALA X CB    1 
ATOM   442 N N     . GLN A 1 61  ? 18.738  -6.929  7.879   1.00 32.96 ? 88   GLN X N     1 
ATOM   443 C CA    . GLN A 1 61  ? 19.762  -7.288  6.895   1.00 32.88 ? 88   GLN X CA    1 
ATOM   444 C C     . GLN A 1 61  ? 19.422  -6.744  5.549   1.00 31.11 ? 88   GLN X C     1 
ATOM   445 O O     . GLN A 1 61  ? 19.809  -7.311  4.536   1.00 31.34 ? 88   GLN X O     1 
ATOM   446 C CB    . GLN A 1 61  ? 19.950  -8.804  6.807   1.00 32.51 ? 88   GLN X CB    1 
ATOM   447 C CG    . GLN A 1 61  ? 20.152  -9.483  8.146   1.00 34.61 ? 88   GLN X CG    1 
ATOM   448 C CD    . GLN A 1 61  ? 20.529  -10.941 7.988   1.00 36.67 ? 88   GLN X CD    1 
ATOM   449 O OE1   . GLN A 1 61  ? 21.376  -11.286 7.127   1.00 40.93 ? 88   GLN X OE1   1 
ATOM   450 N NE2   . GLN A 1 61  ? 19.932  -11.814 8.813   1.00 28.98 ? 88   GLN X NE2   1 
ATOM   451 N N     . GLY A 1 62  ? 18.657  -5.660  5.534   1.00 30.25 ? 89   GLY X N     1 
ATOM   452 C CA    . GLY A 1 62  ? 18.313  -4.979  4.279   1.00 28.74 ? 89   GLY X CA    1 
ATOM   453 C C     . GLY A 1 62  ? 17.202  -5.567  3.399   1.00 28.38 ? 89   GLY X C     1 
ATOM   454 O O     . GLY A 1 62  ? 16.941  -5.042  2.283   1.00 27.45 ? 89   GLY X O     1 
ATOM   455 N N     . GLY A 1 63  ? 16.509  -6.614  3.871   1.00 26.41 ? 90   GLY X N     1 
ATOM   456 C CA    . GLY A 1 63  ? 15.440  -7.182  3.023   1.00 25.30 ? 90   GLY X CA    1 
ATOM   457 C C     . GLY A 1 63  ? 14.355  -6.128  2.904   1.00 25.05 ? 90   GLY X C     1 
ATOM   458 O O     . GLY A 1 63  ? 14.165  -5.328  3.833   1.00 24.35 ? 90   GLY X O     1 
ATOM   459 N N     . ASP A 1 64  ? 13.655  -6.104  1.780   1.00 24.69 ? 91   ASP X N     1 
ATOM   460 C CA    . ASP A 1 64  ? 12.579  -5.127  1.549   1.00 25.32 ? 91   ASP X CA    1 
ATOM   461 C C     . ASP A 1 64  ? 11.219  -5.765  1.802   1.00 23.91 ? 91   ASP X C     1 
ATOM   462 O O     . ASP A 1 64  ? 10.996  -6.877  1.337   1.00 21.99 ? 91   ASP X O     1 
ATOM   463 C CB    . ASP A 1 64  ? 12.572  -4.731  0.071   1.00 25.88 ? 91   ASP X CB    1 
ATOM   464 C CG    . ASP A 1 64  ? 13.814  -3.947  -0.329  1.00 30.29 ? 91   ASP X CG    1 
ATOM   465 O OD1   . ASP A 1 64  ? 14.639  -4.455  -1.148  1.00 32.19 ? 91   ASP X OD1   1 
ATOM   466 O OD2   . ASP A 1 64  ? 13.951  -2.825  0.179   1.00 31.38 ? 91   ASP X OD2   1 
ATOM   467 N N     . TYR A 1 65  ? 10.331  -5.072  2.529   1.00 22.30 ? 92   TYR X N     1 
ATOM   468 C CA    . TYR A 1 65  ? 8.980   -5.572  2.837   1.00 20.42 ? 92   TYR X CA    1 
ATOM   469 C C     . TYR A 1 65  ? 8.004   -4.455  2.539   1.00 21.81 ? 92   TYR X C     1 
ATOM   470 O O     . TYR A 1 65  ? 8.243   -3.288  2.883   1.00 21.60 ? 92   TYR X O     1 
ATOM   471 C CB    . TYR A 1 65  ? 8.853   -6.027  4.310   1.00 19.39 ? 92   TYR X CB    1 
ATOM   472 C CG    . TYR A 1 65  ? 9.836   -7.148  4.598   1.00 21.17 ? 92   TYR X CG    1 
ATOM   473 C CD1   . TYR A 1 65  ? 11.151  -6.863  5.011   1.00 22.80 ? 92   TYR X CD1   1 
ATOM   474 C CD2   . TYR A 1 65  ? 9.483   -8.493  4.384   1.00 22.13 ? 92   TYR X CD2   1 
ATOM   475 C CE1   . TYR A 1 65  ? 12.112  -7.913  5.239   1.00 24.71 ? 92   TYR X CE1   1 
ATOM   476 C CE2   . TYR A 1 65  ? 10.414  -9.556  4.625   1.00 19.32 ? 92   TYR X CE2   1 
ATOM   477 C CZ    . TYR A 1 65  ? 11.730  -9.243  5.034   1.00 22.52 ? 92   TYR X CZ    1 
ATOM   478 O OH    . TYR A 1 65  ? 12.609  -10.248 5.285   1.00 22.40 ? 92   TYR X OH    1 
ATOM   479 N N     . PHE A 1 66  ? 6.903   -4.834  1.907   1.00 19.87 ? 93   PHE X N     1 
ATOM   480 C CA    . PHE A 1 66  ? 5.892   -3.923  1.482   1.00 20.54 ? 93   PHE X CA    1 
ATOM   481 C C     . PHE A 1 66  ? 4.558   -4.300  2.155   1.00 20.82 ? 93   PHE X C     1 
ATOM   482 O O     . PHE A 1 66  ? 3.931   -5.292  1.782   1.00 19.92 ? 93   PHE X O     1 
ATOM   483 C CB    . PHE A 1 66  ? 5.782   -3.936  -0.040  1.00 20.70 ? 93   PHE X CB    1 
ATOM   484 C CG    . PHE A 1 66  ? 7.104   -3.643  -0.730  1.00 24.12 ? 93   PHE X CG    1 
ATOM   485 C CD1   . PHE A 1 66  ? 7.555   -2.347  -0.869  1.00 21.37 ? 93   PHE X CD1   1 
ATOM   486 C CD2   . PHE A 1 66  ? 7.925   -4.702  -1.175  1.00 26.13 ? 93   PHE X CD2   1 
ATOM   487 C CE1   . PHE A 1 66  ? 8.792   -2.065  -1.492  1.00 25.68 ? 93   PHE X CE1   1 
ATOM   488 C CE2   . PHE A 1 66  ? 9.163   -4.440  -1.800  1.00 28.12 ? 93   PHE X CE2   1 
ATOM   489 C CZ    . PHE A 1 66  ? 9.598   -3.112  -1.954  1.00 25.02 ? 93   PHE X CZ    1 
ATOM   490 N N     . TYR A 1 67  ? 4.134   -3.462  3.112   1.00 18.33 ? 94   TYR X N     1 
ATOM   491 C CA    . TYR A 1 67  ? 2.930   -3.677  3.880   1.00 18.94 ? 94   TYR X CA    1 
ATOM   492 C C     . TYR A 1 67  ? 1.845   -2.754  3.431   1.00 19.49 ? 94   TYR X C     1 
ATOM   493 O O     . TYR A 1 67  ? 2.075   -1.531  3.241   1.00 20.86 ? 94   TYR X O     1 
ATOM   494 C CB    . TYR A 1 67  ? 3.215   -3.485  5.394   1.00 17.94 ? 94   TYR X CB    1 
ATOM   495 C CG    . TYR A 1 67  ? 3.862   -4.662  6.057   1.00 18.76 ? 94   TYR X CG    1 
ATOM   496 C CD1   . TYR A 1 67  ? 3.069   -5.624  6.693   1.00 19.90 ? 94   TYR X CD1   1 
ATOM   497 C CD2   . TYR A 1 67  ? 5.282   -4.848  6.040   1.00 17.05 ? 94   TYR X CD2   1 
ATOM   498 C CE1   . TYR A 1 67  ? 3.638   -6.701  7.326   1.00 20.27 ? 94   TYR X CE1   1 
ATOM   499 C CE2   . TYR A 1 67  ? 5.843   -5.948  6.686   1.00 18.11 ? 94   TYR X CE2   1 
ATOM   500 C CZ    . TYR A 1 67  ? 5.027   -6.853  7.310   1.00 17.88 ? 94   TYR X CZ    1 
ATOM   501 O OH    . TYR A 1 67  ? 5.518   -7.947  7.976   1.00 21.14 ? 94   TYR X OH    1 
ATOM   502 N N     . SER A 1 68  ? 0.658   -3.347  3.236   1.00 18.56 ? 95   SER X N     1 
ATOM   503 C CA    . SER A 1 68  ? -0.520  -2.672  2.788   1.00 18.70 ? 95   SER X CA    1 
ATOM   504 C C     . SER A 1 68  ? -1.667  -2.795  3.807   1.00 19.17 ? 95   SER X C     1 
ATOM   505 O O     . SER A 1 68  ? -2.088  -3.902  4.158   1.00 18.51 ? 95   SER X O     1 
ATOM   506 C CB    . SER A 1 68  ? -0.925  -3.180  1.405   1.00 17.96 ? 95   SER X CB    1 
ATOM   507 O OG    . SER A 1 68  ? -2.115  -2.567  0.992   1.00 17.82 ? 95   SER X OG    1 
ATOM   508 N N     . PHE A 1 69  ? -2.138  -1.636  4.295   1.00 19.51 ? 96   PHE X N     1 
ATOM   509 C CA    . PHE A 1 69  ? -3.212  -1.531  5.296   1.00 21.39 ? 96   PHE X CA    1 
ATOM   510 C C     . PHE A 1 69  ? -4.177  -0.554  4.690   1.00 22.43 ? 96   PHE X C     1 
ATOM   511 O O     . PHE A 1 69  ? -3.742  0.361   4.023   1.00 25.02 ? 96   PHE X O     1 
ATOM   512 C CB    . PHE A 1 69  ? -2.665  -0.956  6.624   1.00 21.61 ? 96   PHE X CB    1 
ATOM   513 C CG    . PHE A 1 69  ? -1.595  -1.813  7.266   1.00 18.31 ? 96   PHE X CG    1 
ATOM   514 C CD1   . PHE A 1 69  ? -1.939  -2.979  7.976   1.00 17.56 ? 96   PHE X CD1   1 
ATOM   515 C CD2   . PHE A 1 69  ? -0.281  -1.457  7.191   1.00 18.17 ? 96   PHE X CD2   1 
ATOM   516 C CE1   . PHE A 1 69  ? -0.973  -3.789  8.564   1.00 18.14 ? 96   PHE X CE1   1 
ATOM   517 C CE2   . PHE A 1 69  ? 0.713   -2.236  7.783   1.00 19.27 ? 96   PHE X CE2   1 
ATOM   518 C CZ    . PHE A 1 69  ? 0.372   -3.422  8.496   1.00 19.52 ? 96   PHE X CZ    1 
ATOM   519 N N     . GLY A 1 70  ? -5.479  -0.681  4.834   1.00 23.67 ? 97   GLY X N     1 
ATOM   520 C CA    . GLY A 1 70  ? -6.262  0.381   4.100   1.00 23.13 ? 97   GLY X CA    1 
ATOM   521 C C     . GLY A 1 70  ? -6.100  0.205   2.573   1.00 22.55 ? 97   GLY X C     1 
ATOM   522 O O     . GLY A 1 70  ? -5.583  -0.854  2.113   1.00 22.20 ? 97   GLY X O     1 
ATOM   523 N N     . GLY A 1 71  ? -6.502  1.212   1.781   1.00 21.21 ? 98   GLY X N     1 
ATOM   524 C CA    . GLY A 1 71  ? -6.702  1.007   0.335   1.00 21.75 ? 98   GLY X CA    1 
ATOM   525 C C     . GLY A 1 71  ? -7.468  -0.278  -0.013  1.00 21.87 ? 98   GLY X C     1 
ATOM   526 O O     . GLY A 1 71  ? -7.263  -0.855  -1.071  1.00 22.67 ? 98   GLY X O     1 
HETATM 527 N N     . CSD A 1 72  ? -8.367  -0.705  0.872   1.00 23.30 ? 99   CSD X N     1 
HETATM 528 C CA    . CSD A 1 72  ? -9.065  -2.001  0.738   1.00 23.67 ? 99   CSD X CA    1 
HETATM 529 C CB    . CSD A 1 72  ? -10.029 -2.207  1.902   1.00 24.09 ? 99   CSD X CB    1 
HETATM 530 S SG    . CSD A 1 72  ? -9.148  -2.283  3.475   1.00 28.68 ? 99   CSD X SG    1 
HETATM 531 C C     . CSD A 1 72  ? -9.900  -2.120  -0.523  1.00 22.57 ? 99   CSD X C     1 
HETATM 532 O O     . CSD A 1 72  ? -9.887  -3.170  -1.190  1.00 21.93 ? 99   CSD X O     1 
HETATM 533 O OD1   . CSD A 1 72  ? -10.377 -2.559  4.763   1.00 30.45 ? 99   CSD X OD1   1 
HETATM 534 O OD2   . CSD A 1 72  ? -8.062  -3.361  3.245   1.00 28.25 ? 99   CSD X OD2   1 
ATOM   535 N N     . HIS A 1 73  ? -10.682 -1.094  -0.830  1.00 21.92 ? 100  HIS X N     1 
ATOM   536 C CA    . HIS A 1 73  ? -11.500 -1.119  -2.058  1.00 21.37 ? 100  HIS X CA    1 
ATOM   537 C C     . HIS A 1 73  ? -10.676 -1.163  -3.322  1.00 20.59 ? 100  HIS X C     1 
ATOM   538 O O     . HIS A 1 73  ? -10.958 -2.008  -4.195  1.00 20.52 ? 100  HIS X O     1 
ATOM   539 C CB    . HIS A 1 73  ? -12.560 -0.006  -2.123  1.00 21.72 ? 100  HIS X CB    1 
ATOM   540 C CG    . HIS A 1 73  ? -13.577 -0.117  -1.026  1.00 22.54 ? 100  HIS X CG    1 
ATOM   541 N ND1   . HIS A 1 73  ? -13.348 0.377   0.239   1.00 23.10 ? 100  HIS X ND1   1 
ATOM   542 C CD2   . HIS A 1 73  ? -14.788 -0.731  -0.983  1.00 21.63 ? 100  HIS X CD2   1 
ATOM   543 C CE1   . HIS A 1 73  ? -14.383 0.099   1.015   1.00 21.64 ? 100  HIS X CE1   1 
ATOM   544 N NE2   . HIS A 1 73  ? -15.261 -0.589  0.300   1.00 20.59 ? 100  HIS X NE2   1 
ATOM   545 N N     . ARG A 1 74  ? -9.637  -0.313  -3.419  1.00 18.87 ? 101  ARG X N     1 
ATOM   546 C CA    . ARG A 1 74  ? -8.815  -0.311  -4.648  1.00 18.75 ? 101  ARG X CA    1 
ATOM   547 C C     . ARG A 1 74  ? -8.116  -1.656  -4.816  1.00 19.35 ? 101  ARG X C     1 
ATOM   548 O O     . ARG A 1 74  ? -8.017  -2.176  -5.930  1.00 21.08 ? 101  ARG X O     1 
ATOM   549 C CB    . ARG A 1 74  ? -7.791  0.829   -4.651  1.00 17.47 ? 101  ARG X CB    1 
ATOM   550 C CG    . ARG A 1 74  ? -8.464  2.228   -4.902  1.00 19.51 ? 101  ARG X CG    1 
ATOM   551 C CD    . ARG A 1 74  ? -7.530  3.366   -4.466  1.00 21.05 ? 101  ARG X CD    1 
ATOM   552 N NE    . ARG A 1 74  ? -7.609  3.561   -3.014  1.00 21.65 ? 101  ARG X NE    1 
ATOM   553 C CZ    . ARG A 1 74  ? -6.854  4.388   -2.320  1.00 24.69 ? 101  ARG X CZ    1 
ATOM   554 N NH1   . ARG A 1 74  ? -5.921  5.095   -2.936  1.00 24.18 ? 101  ARG X NH1   1 
ATOM   555 N NH2   . ARG A 1 74  ? -7.065  4.527   -1.011  1.00 25.22 ? 101  ARG X NH2   1 
ATOM   556 N N     . TYR A 1 75  ? -7.606  -2.202  -3.710  1.00 20.05 ? 102  TYR X N     1 
ATOM   557 C CA    . TYR A 1 75  ? -6.922  -3.472  -3.712  1.00 20.64 ? 102  TYR X CA    1 
ATOM   558 C C     . TYR A 1 75  ? -7.860  -4.574  -4.236  1.00 20.60 ? 102  TYR X C     1 
ATOM   559 O O     . TYR A 1 75  ? -7.476  -5.382  -5.142  1.00 18.98 ? 102  TYR X O     1 
ATOM   560 C CB    . TYR A 1 75  ? -6.386  -3.821  -2.307  1.00 21.21 ? 102  TYR X CB    1 
ATOM   561 C CG    . TYR A 1 75  ? -5.629  -5.115  -2.274  1.00 23.63 ? 102  TYR X CG    1 
ATOM   562 C CD1   . TYR A 1 75  ? -4.216  -5.138  -2.423  1.00 20.95 ? 102  TYR X CD1   1 
ATOM   563 C CD2   . TYR A 1 75  ? -6.318  -6.341  -2.088  1.00 22.35 ? 102  TYR X CD2   1 
ATOM   564 C CE1   . TYR A 1 75  ? -3.519  -6.370  -2.389  1.00 22.36 ? 102  TYR X CE1   1 
ATOM   565 C CE2   . TYR A 1 75  ? -5.625  -7.597  -2.055  1.00 24.43 ? 102  TYR X CE2   1 
ATOM   566 C CZ    . TYR A 1 75  ? -4.248  -7.598  -2.204  1.00 22.71 ? 102  TYR X CZ    1 
ATOM   567 O OH    . TYR A 1 75  ? -3.568  -8.802  -2.194  1.00 23.74 ? 102  TYR X OH    1 
ATOM   568 N N     . ALA A 1 76  ? -9.083  -4.590  -3.680  1.00 20.43 ? 103  ALA X N     1 
ATOM   569 C CA    . ALA A 1 76  ? -10.058 -5.564  -4.105  1.00 19.77 ? 103  ALA X CA    1 
ATOM   570 C C     . ALA A 1 76  ? -10.426 -5.406  -5.583  1.00 19.89 ? 103  ALA X C     1 
ATOM   571 O O     . ALA A 1 76  ? -10.626 -6.401  -6.279  1.00 19.26 ? 103  ALA X O     1 
ATOM   572 C CB    . ALA A 1 76  ? -11.335 -5.515  -3.183  1.00 19.77 ? 103  ALA X CB    1 
ATOM   573 N N     . ALA A 1 77  ? -10.528 -4.158  -6.050  1.00 21.55 ? 104  ALA X N     1 
ATOM   574 C CA    . ALA A 1 77  ? -10.924 -3.857  -7.439  1.00 22.34 ? 104  ALA X CA    1 
ATOM   575 C C     . ALA A 1 77  ? -9.821  -4.270  -8.403  1.00 23.21 ? 104  ALA X C     1 
ATOM   576 O O     . ALA A 1 77  ? -10.091 -4.894  -9.433  1.00 23.74 ? 104  ALA X O     1 
ATOM   577 C CB    . ALA A 1 77  ? -11.279 -2.380  -7.599  1.00 22.32 ? 104  ALA X CB    1 
ATOM   578 N N     . TYR A 1 78  ? -8.572  -3.967  -8.068  1.00 23.59 ? 105  TYR X N     1 
ATOM   579 C CA    . TYR A 1 78  ? -7.458  -4.516  -8.894  1.00 24.52 ? 105  TYR X CA    1 
ATOM   580 C C     . TYR A 1 78  ? -7.386  -6.061  -8.965  1.00 24.32 ? 105  TYR X C     1 
ATOM   581 O O     . TYR A 1 78  ? -7.111  -6.664  -10.034 1.00 23.36 ? 105  TYR X O     1 
ATOM   582 C CB    . TYR A 1 78  ? -6.107  -3.880  -8.519  1.00 25.00 ? 105  TYR X CB    1 
ATOM   583 C CG    . TYR A 1 78  ? -5.916  -2.462  -9.102  1.00 26.72 ? 105  TYR X CG    1 
ATOM   584 C CD1   . TYR A 1 78  ? -6.470  -1.340  -8.486  1.00 26.75 ? 105  TYR X CD1   1 
ATOM   585 C CD2   . TYR A 1 78  ? -5.157  -2.253  -10.271 1.00 25.45 ? 105  TYR X CD2   1 
ATOM   586 C CE1   . TYR A 1 78  ? -6.296  -0.031  -9.030  1.00 26.44 ? 105  TYR X CE1   1 
ATOM   587 C CE2   . TYR A 1 78  ? -4.959  -1.006  -10.781 1.00 26.47 ? 105  TYR X CE2   1 
ATOM   588 C CZ    . TYR A 1 78  ? -5.517  0.098   -10.197 1.00 27.86 ? 105  TYR X CZ    1 
ATOM   589 O OH    . TYR A 1 78  ? -5.312  1.334   -10.794 1.00 28.57 ? 105  TYR X OH    1 
ATOM   590 N N     . GLN A 1 79  ? -7.632  -6.718  -7.831  1.00 23.22 ? 106  GLN X N     1 
ATOM   591 C CA    . GLN A 1 79  ? -7.723  -8.179  -7.812  1.00 24.24 ? 106  GLN X CA    1 
ATOM   592 C C     . GLN A 1 79  ? -8.832  -8.726  -8.722  1.00 24.21 ? 106  GLN X C     1 
ATOM   593 O O     . GLN A 1 79  ? -8.602  -9.706  -9.441  1.00 24.32 ? 106  GLN X O     1 
ATOM   594 C CB    . GLN A 1 79  ? -7.897  -8.697  -6.369  1.00 23.85 ? 106  GLN X CB    1 
ATOM   595 C CG    . GLN A 1 79  ? -6.646  -8.473  -5.475  1.00 27.48 ? 106  GLN X CG    1 
ATOM   596 C CD    . GLN A 1 79  ? -5.374  -9.221  -5.940  1.00 34.06 ? 106  GLN X CD    1 
ATOM   597 O OE1   . GLN A 1 79  ? -4.426  -9.351  -5.179  1.00 36.90 ? 106  GLN X OE1   1 
ATOM   598 N NE2   . GLN A 1 79  ? -5.383  -9.768  -7.169  1.00 38.10 ? 106  GLN X NE2   1 
ATOM   599 N N     . GLN A 1 80  ? -10.004 -8.084  -8.706  1.00 24.96 ? 107  GLN X N     1 
ATOM   600 C CA    . GLN A 1 80  ? -11.159 -8.535  -9.515  1.00 26.17 ? 107  GLN X CA    1 
ATOM   601 C C     . GLN A 1 80  ? -10.901 -8.343  -11.028 1.00 27.30 ? 107  GLN X C     1 
ATOM   602 O O     . GLN A 1 80  ? -11.342 -9.137  -11.868 1.00 28.05 ? 107  GLN X O     1 
ATOM   603 C CB    . GLN A 1 80  ? -12.424 -7.784  -9.081  1.00 25.74 ? 107  GLN X CB    1 
ATOM   604 C CG    . GLN A 1 80  ? -13.109 -8.404  -7.830  1.00 24.50 ? 107  GLN X CG    1 
ATOM   605 C CD    . GLN A 1 80  ? -14.511 -7.848  -7.552  1.00 26.36 ? 107  GLN X CD    1 
ATOM   606 O OE1   . GLN A 1 80  ? -15.206 -7.366  -8.452  1.00 26.13 ? 107  GLN X OE1   1 
ATOM   607 N NE2   . GLN A 1 80  ? -14.936 -7.942  -6.303  1.00 22.58 ? 107  GLN X NE2   1 
ATOM   608 N N     . LEU A 1 81  ? -10.119 -7.319  -11.349 1.00 29.37 ? 108  LEU X N     1 
ATOM   609 C CA    . LEU A 1 81  ? -9.621  -7.117  -12.716 1.00 31.14 ? 108  LEU X CA    1 
ATOM   610 C C     . LEU A 1 81  ? -8.438  -8.013  -13.073 1.00 31.67 ? 108  LEU X C     1 
ATOM   611 O O     . LEU A 1 81  ? -7.922  -7.919  -14.176 1.00 32.85 ? 108  LEU X O     1 
ATOM   612 C CB    . LEU A 1 81  ? -9.254  -5.650  -12.906 1.00 29.73 ? 108  LEU X CB    1 
ATOM   613 C CG    . LEU A 1 81  ? -10.506 -4.792  -13.075 1.00 31.66 ? 108  LEU X CG    1 
ATOM   614 C CD1   . LEU A 1 81  ? -10.173 -3.340  -13.052 1.00 29.88 ? 108  LEU X CD1   1 
ATOM   615 C CD2   . LEU A 1 81  ? -11.211 -5.131  -14.394 1.00 29.90 ? 108  LEU X CD2   1 
ATOM   616 N N     . GLN A 1 82  ? -7.999  -8.857  -12.140 1.00 32.28 ? 109  GLN X N     1 
ATOM   617 C CA    . GLN A 1 82  ? -6.805  -9.716  -12.316 1.00 34.17 ? 109  GLN X CA    1 
ATOM   618 C C     . GLN A 1 82  ? -5.577  -8.940  -12.805 1.00 33.33 ? 109  GLN X C     1 
ATOM   619 O O     . GLN A 1 82  ? -4.822  -9.440  -13.646 1.00 34.56 ? 109  GLN X O     1 
ATOM   620 C CB    . GLN A 1 82  ? -7.061  -10.852 -13.319 1.00 33.95 ? 109  GLN X CB    1 
ATOM   621 C CG    . GLN A 1 82  ? -8.197  -11.792 -12.982 1.00 37.26 ? 109  GLN X CG    1 
ATOM   622 C CD    . GLN A 1 82  ? -8.516  -12.734 -14.147 1.00 36.67 ? 109  GLN X CD    1 
ATOM   623 O OE1   . GLN A 1 82  ? -9.132  -12.323 -15.138 1.00 38.16 ? 109  GLN X OE1   1 
ATOM   624 N NE2   . GLN A 1 82  ? -8.119  -13.998 -14.015 1.00 37.22 ? 109  GLN X NE2   1 
ATOM   625 N N     . ARG A 1 83  ? -5.393  -7.732  -12.297 1.00 32.22 ? 110  ARG X N     1 
ATOM   626 C CA    . ARG A 1 83  ? -4.221  -6.928  -12.637 1.00 31.57 ? 110  ARG X CA    1 
ATOM   627 C C     . ARG A 1 83  ? -2.936  -7.478  -12.032 1.00 31.62 ? 110  ARG X C     1 
ATOM   628 O O     . ARG A 1 83  ? -2.948  -8.119  -10.962 1.00 30.76 ? 110  ARG X O     1 
ATOM   629 C CB    . ARG A 1 83  ? -4.472  -5.472  -12.251 1.00 31.60 ? 110  ARG X CB    1 
ATOM   630 C CG    . ARG A 1 83  ? -5.579  -4.853  -13.059 1.00 31.21 ? 110  ARG X CG    1 
ATOM   631 C CD    . ARG A 1 83  ? -5.295  -4.908  -14.596 1.00 31.23 ? 110  ARG X CD    1 
ATOM   632 N NE    . ARG A 1 83  ? -6.302  -4.141  -15.313 1.00 29.95 ? 110  ARG X NE    1 
ATOM   633 C CZ    . ARG A 1 83  ? -6.290  -2.822  -15.434 1.00 31.64 ? 110  ARG X CZ    1 
ATOM   634 N NH1   . ARG A 1 83  ? -5.298  -2.130  -14.887 1.00 32.09 ? 110  ARG X NH1   1 
ATOM   635 N NH2   . ARG A 1 83  ? -7.259  -2.186  -16.092 1.00 31.83 ? 110  ARG X NH2   1 
ATOM   636 N N     . GLU A 1 84  ? -1.816  -7.304  -12.743 1.00 30.13 ? 111  GLU X N     1 
ATOM   637 C CA    . GLU A 1 84  ? -0.539  -7.762  -12.197 1.00 28.91 ? 111  GLU X CA    1 
ATOM   638 C C     . GLU A 1 84  ? 0.002   -6.786  -11.148 1.00 27.85 ? 111  GLU X C     1 
ATOM   639 O O     . GLU A 1 84  ? 0.571   -7.202  -10.127 1.00 26.50 ? 111  GLU X O     1 
ATOM   640 C CB    . GLU A 1 84  ? 0.512   -8.036  -13.301 1.00 29.93 ? 111  GLU X CB    1 
ATOM   641 C CG    . GLU A 1 84  ? 1.932   -8.317  -12.733 1.00 35.05 ? 111  GLU X CG    1 
ATOM   642 C CD    . GLU A 1 84  ? 2.088   -9.680  -12.000 1.00 40.37 ? 111  GLU X CD    1 
ATOM   643 O OE1   . GLU A 1 84  ? 1.255   -10.603 -12.235 1.00 42.25 ? 111  GLU X OE1   1 
ATOM   644 O OE2   . GLU A 1 84  ? 3.053   -9.829  -11.184 1.00 41.96 ? 111  GLU X OE2   1 
ATOM   645 N N     . THR A 1 85  ? -0.197  -5.501  -11.416 1.00 26.16 ? 112  THR X N     1 
ATOM   646 C CA    . THR A 1 85  ? 0.331   -4.450  -10.580 1.00 25.68 ? 112  THR X CA    1 
ATOM   647 C C     . THR A 1 85  ? -0.788  -3.505  -10.239 1.00 24.85 ? 112  THR X C     1 
ATOM   648 O O     . THR A 1 85  ? -1.863  -3.525  -10.861 1.00 23.79 ? 112  THR X O     1 
ATOM   649 C CB    . THR A 1 85  ? 1.464   -3.593  -11.290 1.00 25.83 ? 112  THR X CB    1 
ATOM   650 O OG1   . THR A 1 85  ? 0.889   -2.849  -12.356 1.00 23.93 ? 112  THR X OG1   1 
ATOM   651 C CG2   . THR A 1 85  ? 2.655   -4.467  -11.780 1.00 25.51 ? 112  THR X CG2   1 
ATOM   652 N N     . ILE A 1 86  ? -0.498  -2.656  -9.249  1.00 24.94 ? 113  ILE X N     1 
ATOM   653 C CA    . ILE A 1 86  ? -1.421  -1.638  -8.779  1.00 24.88 ? 113  ILE X CA    1 
ATOM   654 C C     . ILE A 1 86  ? -0.557  -0.420  -8.528  1.00 24.68 ? 113  ILE X C     1 
ATOM   655 O O     . ILE A 1 86  ? 0.554   -0.554  -8.054  1.00 27.09 ? 113  ILE X O     1 
ATOM   656 C CB    . ILE A 1 86  ? -2.182  -2.089  -7.441  1.00 24.51 ? 113  ILE X CB    1 
ATOM   657 C CG1   . ILE A 1 86  ? -3.160  -0.994  -6.941  1.00 22.48 ? 113  ILE X CG1   1 
ATOM   658 C CG2   . ILE A 1 86  ? -1.199  -2.593  -6.348  1.00 23.91 ? 113  ILE X CG2   1 
ATOM   659 C CD1   . ILE A 1 86  ? -4.156  -1.474  -5.867  1.00 22.54 ? 113  ILE X CD1   1 
ATOM   660 N N     . PRO A 1 87  ? -1.025  0.771   -8.903  1.00 25.42 ? 114  PRO X N     1 
ATOM   661 C CA    . PRO A 1 87  ? -0.259  1.967   -8.475  1.00 25.89 ? 114  PRO X CA    1 
ATOM   662 C C     . PRO A 1 87  ? -0.242  2.180   -6.938  1.00 25.66 ? 114  PRO X C     1 
ATOM   663 O O     . PRO A 1 87  ? -1.292  2.243   -6.280  1.00 28.04 ? 114  PRO X O     1 
ATOM   664 C CB    . PRO A 1 87  ? -0.997  3.124   -9.136  1.00 25.27 ? 114  PRO X CB    1 
ATOM   665 C CG    . PRO A 1 87  ? -1.873  2.516   -10.180 1.00 27.02 ? 114  PRO X CG    1 
ATOM   666 C CD    . PRO A 1 87  ? -2.190  1.119   -9.703  1.00 24.86 ? 114  PRO X CD    1 
ATOM   667 N N     . ALA A 1 88  ? 0.944   2.317   -6.382  1.00 25.79 ? 115  ALA X N     1 
ATOM   668 C CA    . ALA A 1 88  ? 1.087   2.423   -4.952  1.00 25.48 ? 115  ALA X CA    1 
ATOM   669 C C     . ALA A 1 88  ? 2.154   3.468   -4.645  1.00 25.71 ? 115  ALA X C     1 
ATOM   670 O O     . ALA A 1 88  ? 3.188   3.534   -5.317  1.00 26.20 ? 115  ALA X O     1 
ATOM   671 C CB    . ALA A 1 88  ? 1.477   1.094   -4.370  1.00 24.16 ? 115  ALA X CB    1 
ATOM   672 N N     . LYS A 1 89  ? 1.868   4.314   -3.667  1.00 25.15 ? 116  LYS X N     1 
ATOM   673 C CA    . LYS A 1 89  ? 2.846   5.182   -3.102  1.00 24.70 ? 116  LYS X CA    1 
ATOM   674 C C     . LYS A 1 89  ? 3.629   4.364   -2.062  1.00 23.71 ? 116  LYS X C     1 
ATOM   675 O O     . LYS A 1 89  ? 3.083   3.936   -1.037  1.00 23.39 ? 116  LYS X O     1 
ATOM   676 C CB    . LYS A 1 89  ? 2.114   6.410   -2.496  1.00 26.32 ? 116  LYS X CB    1 
ATOM   677 C CG    . LYS A 1 89  ? 2.998   7.603   -2.171  1.00 25.77 ? 116  LYS X CG    1 
ATOM   678 C CD    . LYS A 1 89  ? 2.282   8.637   -1.275  1.00 28.39 ? 116  LYS X CD    1 
ATOM   679 C CE    . LYS A 1 89  ? 1.425   9.680   -1.999  1.00 32.79 ? 116  LYS X CE    1 
ATOM   680 N NZ    . LYS A 1 89  ? 1.074   10.803  -1.009  1.00 31.31 ? 116  LYS X NZ    1 
ATOM   681 N N     . LEU A 1 90  ? 4.912   4.115   -2.337  1.00 22.99 ? 117  LEU X N     1 
ATOM   682 C CA    . LEU A 1 90  ? 5.774   3.422   -1.407  1.00 23.27 ? 117  LEU X CA    1 
ATOM   683 C C     . LEU A 1 90  ? 6.311   4.422   -0.380  1.00 23.47 ? 117  LEU X C     1 
ATOM   684 O O     . LEU A 1 90  ? 7.123   5.270   -0.721  1.00 25.96 ? 117  LEU X O     1 
ATOM   685 C CB    . LEU A 1 90  ? 6.923   2.692   -2.119  1.00 22.15 ? 117  LEU X CB    1 
ATOM   686 C CG    . LEU A 1 90  ? 6.523   1.638   -3.173  1.00 22.95 ? 117  LEU X CG    1 
ATOM   687 C CD1   . LEU A 1 90  ? 7.761   0.852   -3.641  1.00 21.64 ? 117  LEU X CD1   1 
ATOM   688 C CD2   . LEU A 1 90  ? 5.401   0.696   -2.663  1.00 24.06 ? 117  LEU X CD2   1 
ATOM   689 N N     . VAL A 1 91  ? 5.855   4.322   0.872   1.00 23.23 ? 118  VAL X N     1 
ATOM   690 C CA    . VAL A 1 91  ? 6.229   5.293   1.921   1.00 21.80 ? 118  VAL X CA    1 
ATOM   691 C C     . VAL A 1 91  ? 7.301   4.628   2.798   1.00 20.49 ? 118  VAL X C     1 
ATOM   692 O O     . VAL A 1 91  ? 7.039   3.590   3.458   1.00 19.80 ? 118  VAL X O     1 
ATOM   693 C CB    . VAL A 1 91  ? 5.015   5.695   2.816   1.00 21.85 ? 118  VAL X CB    1 
ATOM   694 C CG1   . VAL A 1 91  ? 5.435   6.784   3.816   1.00 22.62 ? 118  VAL X CG1   1 
ATOM   695 C CG2   . VAL A 1 91  ? 3.846   6.227   1.984   1.00 23.24 ? 118  VAL X CG2   1 
ATOM   696 N N     . GLN A 1 92  ? 8.508   5.176   2.773   1.00 20.22 ? 119  GLN X N     1 
ATOM   697 C CA    . GLN A 1 92  ? 9.629   4.613   3.544   1.00 19.79 ? 119  GLN X CA    1 
ATOM   698 C C     . GLN A 1 92  ? 9.281   4.752   5.010   1.00 21.33 ? 119  GLN X C     1 
ATOM   699 O O     . GLN A 1 92  ? 8.898   5.836   5.464   1.00 22.38 ? 119  GLN X O     1 
ATOM   700 C CB    . GLN A 1 92  ? 10.940  5.337   3.232   1.00 20.88 ? 119  GLN X CB    1 
ATOM   701 C CG    . GLN A 1 92  ? 11.384  4.937   1.841   1.00 21.11 ? 119  GLN X CG    1 
ATOM   702 C CD    . GLN A 1 92  ? 12.741  5.445   1.444   1.00 23.70 ? 119  GLN X CD    1 
ATOM   703 O OE1   . GLN A 1 92  ? 13.527  5.889   2.308   1.00 25.63 ? 119  GLN X OE1   1 
ATOM   704 N NE2   . GLN A 1 92  ? 13.023  5.350   0.228   1.00 26.30 ? 119  GLN X NE2   1 
ATOM   705 N N     . SER A 1 93  ? 9.363   3.630   5.724   1.00 21.26 ? 120  SER X N     1 
ATOM   706 C CA    . SER A 1 93  ? 8.822   3.513   7.049   1.00 21.09 ? 120  SER X CA    1 
ATOM   707 C C     . SER A 1 93  ? 9.750   2.645   7.853   1.00 20.57 ? 120  SER X C     1 
ATOM   708 O O     . SER A 1 93  ? 10.599  1.947   7.307   1.00 20.84 ? 120  SER X O     1 
ATOM   709 C CB    . SER A 1 93  ? 7.396   2.926   7.033   1.00 20.30 ? 120  SER X CB    1 
ATOM   710 O OG    . SER A 1 93  ? 6.514   3.647   6.167   1.00 22.05 ? 120  SER X OG    1 
ATOM   711 N N     . THR A 1 94  ? 9.554   2.642   9.158   1.00 20.20 ? 121  THR X N     1 
ATOM   712 C CA    . THR A 1 94  ? 10.381  1.858   10.037  1.00 20.03 ? 121  THR X CA    1 
ATOM   713 C C     . THR A 1 94  ? 9.555   0.776   10.698  1.00 20.32 ? 121  THR X C     1 
ATOM   714 O O     . THR A 1 94  ? 8.316   0.802   10.652  1.00 19.78 ? 121  THR X O     1 
ATOM   715 C CB    . THR A 1 94  ? 10.985  2.744   11.203  1.00 19.55 ? 121  THR X CB    1 
ATOM   716 O OG1   . THR A 1 94  ? 9.919   3.197   12.068  1.00 17.50 ? 121  THR X OG1   1 
ATOM   717 C CG2   . THR A 1 94  ? 11.826  3.916   10.642  1.00 21.40 ? 121  THR X CG2   1 
ATOM   718 N N     . LEU A 1 95  ? 10.245  -0.104  11.417  1.00 19.63 ? 122  LEU X N     1 
ATOM   719 C CA    . LEU A 1 95  ? 9.572   -1.118  12.208  1.00 20.01 ? 122  LEU X CA    1 
ATOM   720 C C     . LEU A 1 95  ? 8.677   -0.513  13.299  1.00 20.22 ? 122  LEU X C     1 
ATOM   721 O O     . LEU A 1 95  ? 7.652   -1.088  13.640  1.00 20.03 ? 122  LEU X O     1 
ATOM   722 C CB    . LEU A 1 95  ? 10.606  -2.066  12.850  1.00 21.19 ? 122  LEU X CB    1 
ATOM   723 C CG    . LEU A 1 95  ? 11.213  -3.136  11.939  1.00 24.54 ? 122  LEU X CG    1 
ATOM   724 C CD1   . LEU A 1 95  ? 12.512  -3.711  12.612  1.00 28.53 ? 122  LEU X CD1   1 
ATOM   725 C CD2   . LEU A 1 95  ? 10.142  -4.212  11.596  1.00 26.77 ? 122  LEU X CD2   1 
ATOM   726 N N     . SER A 1 96  ? 9.106   0.612   13.891  1.00 20.68 ? 123  SER X N     1 
ATOM   727 C CA    . SER A 1 96  ? 8.241   1.390   14.805  1.00 20.97 ? 123  SER X CA    1 
ATOM   728 C C     . SER A 1 96  ? 6.964   1.860   14.204  1.00 19.81 ? 123  SER X C     1 
ATOM   729 O O     . SER A 1 96  ? 5.906   1.746   14.854  1.00 21.39 ? 123  SER X O     1 
ATOM   730 C CB    . SER A 1 96  ? 9.026   2.570   15.422  1.00 21.27 ? 123  SER X CB    1 
ATOM   731 O OG    . SER A 1 96  ? 9.936   1.976   16.302  1.00 26.58 ? 123  SER X OG    1 
ATOM   732 N N     . ASP A 1 97  ? 7.005   2.360   12.971  1.00 19.45 ? 124  ASP X N     1 
ATOM   733 C CA    . ASP A 1 97  ? 5.786   2.655   12.204  1.00 18.57 ? 124  ASP X CA    1 
ATOM   734 C C     . ASP A 1 97  ? 4.908   1.434   12.013  1.00 20.13 ? 124  ASP X C     1 
ATOM   735 O O     . ASP A 1 97  ? 3.658   1.513   12.090  1.00 20.16 ? 124  ASP X O     1 
ATOM   736 C CB    . ASP A 1 97  ? 6.106   3.222   10.790  1.00 19.70 ? 124  ASP X CB    1 
ATOM   737 C CG    . ASP A 1 97  ? 6.882   4.530   10.836  1.00 20.03 ? 124  ASP X CG    1 
ATOM   738 O OD1   . ASP A 1 97  ? 6.663   5.335   11.794  1.00 18.80 ? 124  ASP X OD1   1 
ATOM   739 O OD2   . ASP A 1 97  ? 7.736   4.721   9.941   1.00 18.62 ? 124  ASP X OD2   1 
ATOM   740 N N     . LEU A 1 98  ? 5.549   0.303   11.693  1.00 19.24 ? 125  LEU X N     1 
ATOM   741 C CA    . LEU A 1 98  ? 4.803   -0.965  11.552  1.00 18.78 ? 125  LEU X CA    1 
ATOM   742 C C     . LEU A 1 98  ? 4.092   -1.479  12.835  1.00 18.51 ? 125  LEU X C     1 
ATOM   743 O O     . LEU A 1 98  ? 2.936   -1.963  12.779  1.00 18.27 ? 125  LEU X O     1 
ATOM   744 C CB    . LEU A 1 98  ? 5.734   -2.030  10.928  1.00 17.20 ? 125  LEU X CB    1 
ATOM   745 C CG    . LEU A 1 98  ? 5.091   -3.393  10.608  1.00 19.16 ? 125  LEU X CG    1 
ATOM   746 C CD1   . LEU A 1 98  ? 4.008   -3.230  9.529   1.00 17.32 ? 125  LEU X CD1   1 
ATOM   747 C CD2   . LEU A 1 98  ? 6.173   -4.368  10.137  1.00 17.73 ? 125  LEU X CD2   1 
ATOM   748 N N     . ARG A 1 99  ? 4.787   -1.406  13.969  1.00 20.48 ? 126  ARG X N     1 
ATOM   749 C CA    . ARG A 1 99  ? 4.229   -1.728  15.295  1.00 22.19 ? 126  ARG X CA    1 
ATOM   750 C C     . ARG A 1 99  ? 2.941   -0.979  15.621  1.00 21.38 ? 126  ARG X C     1 
ATOM   751 O O     . ARG A 1 99  ? 2.031   -1.514  16.294  1.00 19.70 ? 126  ARG X O     1 
ATOM   752 C CB    . ARG A 1 99  ? 5.280   -1.496  16.385  1.00 22.34 ? 126  ARG X CB    1 
ATOM   753 C CG    . ARG A 1 99  ? 4.850   -2.046  17.722  1.00 26.52 ? 126  ARG X CG    1 
ATOM   754 C CD    . ARG A 1 99  ? 5.995   -1.953  18.800  1.00 27.67 ? 126  ARG X CD    1 
ATOM   755 N NE    . ARG A 1 99  ? 7.205   -2.616  18.333  1.00 27.01 ? 126  ARG X NE    1 
ATOM   756 C CZ    . ARG A 1 99  ? 7.415   -3.954  18.411  1.00 35.87 ? 126  ARG X CZ    1 
ATOM   757 N NH1   . ARG A 1 99  ? 6.479   -4.805  18.917  1.00 28.04 ? 126  ARG X NH1   1 
ATOM   758 N NH2   . ARG A 1 99  ? 8.566   -4.470  17.936  1.00 37.50 ? 126  ARG X NH2   1 
ATOM   759 N N     . VAL A 1 100 ? 2.797   0.225   15.067  1.00 20.23 ? 127  VAL X N     1 
ATOM   760 C CA    . VAL A 1 100 ? 1.525   0.955   15.201  1.00 20.52 ? 127  VAL X CA    1 
ATOM   761 C C     . VAL A 1 100 ? 0.349   0.107   14.726  1.00 21.75 ? 127  VAL X C     1 
ATOM   762 O O     . VAL A 1 100 ? -0.702  0.093   15.380  1.00 20.51 ? 127  VAL X O     1 
ATOM   763 C CB    . VAL A 1 100 ? 1.554   2.317   14.422  1.00 20.15 ? 127  VAL X CB    1 
ATOM   764 C CG1   . VAL A 1 100 ? 0.149   2.958   14.396  1.00 20.99 ? 127  VAL X CG1   1 
ATOM   765 C CG2   . VAL A 1 100 ? 2.632   3.267   15.024  1.00 18.44 ? 127  VAL X CG2   1 
ATOM   766 N N     . TYR A 1 101 ? 0.511   -0.614  13.592  1.00 20.73 ? 128  TYR X N     1 
ATOM   767 C CA    . TYR A 1 101 ? -0.556  -1.534  13.127  1.00 21.22 ? 128  TYR X CA    1 
ATOM   768 C C     . TYR A 1 101 ? -0.484  -2.914  13.786  1.00 21.24 ? 128  TYR X C     1 
ATOM   769 O O     . TYR A 1 101 ? -1.520  -3.526  14.039  1.00 21.43 ? 128  TYR X O     1 
ATOM   770 C CB    . TYR A 1 101 ? -0.506  -1.765  11.634  1.00 21.78 ? 128  TYR X CB    1 
ATOM   771 C CG    . TYR A 1 101 ? -0.651  -0.520  10.816  1.00 21.09 ? 128  TYR X CG    1 
ATOM   772 C CD1   . TYR A 1 101 ? 0.453   0.313   10.582  1.00 21.27 ? 128  TYR X CD1   1 
ATOM   773 C CD2   . TYR A 1 101 ? -1.893  -0.157  10.315  1.00 21.71 ? 128  TYR X CD2   1 
ATOM   774 C CE1   . TYR A 1 101 ? 0.302   1.495   9.849   1.00 24.32 ? 128  TYR X CE1   1 
ATOM   775 C CE2   . TYR A 1 101 ? -2.054  1.017   9.543   1.00 27.16 ? 128  TYR X CE2   1 
ATOM   776 C CZ    . TYR A 1 101 ? -0.935  1.816   9.327   1.00 24.09 ? 128  TYR X CZ    1 
ATOM   777 O OH    . TYR A 1 101 ? -1.044  2.972   8.618   1.00 30.07 ? 128  TYR X OH    1 
ATOM   778 N N     . LEU A 1 102 ? 0.723   -3.450  13.967  1.00 21.16 ? 129  LEU X N     1 
ATOM   779 C CA    . LEU A 1 102 ? 0.857   -4.908  14.255  1.00 21.50 ? 129  LEU X CA    1 
ATOM   780 C C     . LEU A 1 102 ? 1.146   -5.219  15.712  1.00 21.45 ? 129  LEU X C     1 
ATOM   781 O O     . LEU A 1 102 ? 0.903   -6.346  16.181  1.00 21.10 ? 129  LEU X O     1 
ATOM   782 C CB    . LEU A 1 102 ? 1.888   -5.549  13.333  1.00 21.51 ? 129  LEU X CB    1 
ATOM   783 C CG    . LEU A 1 102 ? 1.547   -5.511  11.848  1.00 19.10 ? 129  LEU X CG    1 
ATOM   784 C CD1   . LEU A 1 102 ? 2.598   -6.399  11.165  1.00 20.46 ? 129  LEU X CD1   1 
ATOM   785 C CD2   . LEU A 1 102 ? 0.091   -5.983  11.575  1.00 18.52 ? 129  LEU X CD2   1 
ATOM   786 N N     . GLY A 1 103 ? 1.615   -4.213  16.453  1.00 20.81 ? 130  GLY X N     1 
ATOM   787 C CA    . GLY A 1 103 ? 1.711   -4.334  17.918  1.00 23.12 ? 130  GLY X CA    1 
ATOM   788 C C     . GLY A 1 103 ? 2.629   -5.507  18.283  1.00 24.83 ? 130  GLY X C     1 
ATOM   789 O O     . GLY A 1 103 ? 3.704   -5.644  17.662  1.00 24.64 ? 130  GLY X O     1 
ATOM   790 N N     . ALA A 1 104 ? 2.214   -6.377  19.239  1.00 25.25 ? 131  ALA X N     1 
ATOM   791 C CA    . ALA A 1 104 ? 3.108   -7.501  19.657  1.00 26.41 ? 131  ALA X CA    1 
ATOM   792 C C     . ALA A 1 104 ? 3.457   -8.491  18.526  1.00 27.11 ? 131  ALA X C     1 
ATOM   793 O O     . ALA A 1 104 ? 4.429   -9.214  18.610  1.00 28.54 ? 131  ALA X O     1 
ATOM   794 C CB    . ALA A 1 104 ? 2.551   -8.287  20.928  1.00 26.21 ? 131  ALA X CB    1 
ATOM   795 N N     . SER A 1 105 ? 2.637   -8.557  17.498  1.00 28.45 ? 132  SER X N     1 
ATOM   796 C CA    . SER A 1 105 ? 2.907   -9.430  16.373  1.00 29.01 ? 132  SER X CA    1 
ATOM   797 C C     . SER A 1 105 ? 3.874   -8.854  15.310  1.00 28.45 ? 132  SER X C     1 
ATOM   798 O O     . SER A 1 105 ? 4.073   -9.488  14.249  1.00 27.42 ? 132  SER X O     1 
ATOM   799 C CB    . SER A 1 105 ? 1.581   -9.832  15.718  1.00 30.11 ? 132  SER X CB    1 
ATOM   800 O OG    . SER A 1 105 ? 1.212   -8.851  14.779  1.00 33.00 ? 132  SER X OG    1 
ATOM   801 N N     . THR A 1 106 ? 4.488   -7.690  15.603  1.00 25.34 ? 133  THR X N     1 
ATOM   802 C CA    . THR A 1 106 ? 5.411   -7.013  14.671  1.00 23.52 ? 133  THR X CA    1 
ATOM   803 C C     . THR A 1 106 ? 6.642   -7.927  14.471  1.00 23.64 ? 133  THR X C     1 
ATOM   804 O O     . THR A 1 106 ? 7.250   -8.324  15.444  1.00 23.11 ? 133  THR X O     1 
ATOM   805 C CB    . THR A 1 106 ? 5.842   -5.614  15.205  1.00 22.27 ? 133  THR X CB    1 
ATOM   806 O OG1   . THR A 1 106 ? 4.638   -4.828  15.327  1.00 20.17 ? 133  THR X OG1   1 
ATOM   807 C CG2   . THR A 1 106 ? 6.818   -4.942  14.225  1.00 21.51 ? 133  THR X CG2   1 
ATOM   808 N N     . PRO A 1 107 ? 6.906   -8.341  13.223  1.00 22.63 ? 134  PRO X N     1 
ATOM   809 C CA    . PRO A 1 107 ? 7.995   -9.306  12.966  1.00 24.23 ? 134  PRO X CA    1 
ATOM   810 C C     . PRO A 1 107 ? 9.363   -8.682  13.054  1.00 25.20 ? 134  PRO X C     1 
ATOM   811 O O     . PRO A 1 107 ? 9.552   -7.504  12.717  1.00 25.22 ? 134  PRO X O     1 
ATOM   812 C CB    . PRO A 1 107 ? 7.730   -9.799  11.520  1.00 21.85 ? 134  PRO X CB    1 
ATOM   813 C CG    . PRO A 1 107 ? 6.952   -8.730  10.867  1.00 22.88 ? 134  PRO X CG    1 
ATOM   814 C CD    . PRO A 1 107 ? 6.176   -7.978  11.987  1.00 22.67 ? 134  PRO X CD    1 
ATOM   815 N N     . ASP A 1 108 ? 10.319  -9.475  13.508  1.00 26.72 ? 135  ASP X N     1 
ATOM   816 C CA    . ASP A 1 108 ? 11.725  -9.062  13.502  1.00 27.99 ? 135  ASP X CA    1 
ATOM   817 C C     . ASP A 1 108 ? 12.261  -9.246  12.048  1.00 28.27 ? 135  ASP X C     1 
ATOM   818 O O     . ASP A 1 108 ? 12.997  -10.221 11.724  1.00 30.37 ? 135  ASP X O     1 
ATOM   819 C CB    . ASP A 1 108 ? 12.392  -9.980  14.532  1.00 29.86 ? 135  ASP X CB    1 
ATOM   820 C CG    . ASP A 1 108 ? 13.878  -9.772  14.683  1.00 34.18 ? 135  ASP X CG    1 
ATOM   821 O OD1   . ASP A 1 108 ? 14.470  -8.778  14.176  1.00 38.90 ? 135  ASP X OD1   1 
ATOM   822 O OD2   . ASP A 1 108 ? 14.447  -10.657 15.370  1.00 41.67 ? 135  ASP X OD2   1 
ATOM   823 N N     . LEU A 1 109 ? 11.888  -8.320  11.165  1.00 26.59 ? 136  LEU X N     1 
ATOM   824 C CA    . LEU A 1 109 ? 12.144  -8.434  9.734   1.00 25.53 ? 136  LEU X CA    1 
ATOM   825 C C     . LEU A 1 109 ? 13.611  -8.363  9.404   1.00 26.85 ? 136  LEU X C     1 
ATOM   826 O O     . LEU A 1 109 ? 14.323  -7.501  9.933   1.00 27.39 ? 136  LEU X O     1 
ATOM   827 C CB    . LEU A 1 109 ? 11.436  -7.347  8.949   1.00 22.18 ? 136  LEU X CB    1 
ATOM   828 C CG    . LEU A 1 109 ? 9.896   -7.361  9.040   1.00 22.52 ? 136  LEU X CG    1 
ATOM   829 C CD1   . LEU A 1 109 ? 9.411   -6.042  8.444   1.00 19.33 ? 136  LEU X CD1   1 
ATOM   830 C CD2   . LEU A 1 109 ? 9.301   -8.586  8.303   1.00 16.80 ? 136  LEU X CD2   1 
ATOM   831 N N     . GLN A 1 110 ? 14.036  -9.232  8.490   1.00 26.52 ? 137  GLN X N     1 
ATOM   832 C CA    . GLN A 1 110 ? 15.458  -9.361  8.112   1.00 27.24 ? 137  GLN X CA    1 
ATOM   833 C C     . GLN A 1 110 ? 15.647  -8.905  6.682   1.00 27.31 ? 137  GLN X C     1 
ATOM   834 O O     . GLN A 1 110 ? 16.448  -7.974  6.488   1.00 27.77 ? 137  GLN X O     1 
ATOM   835 C CB    . GLN A 1 110 ? 15.984  -10.789 8.323   1.00 26.96 ? 137  GLN X CB    1 
ATOM   836 C CG    . GLN A 1 110 ? 15.830  -11.304 9.741   1.00 29.64 ? 137  GLN X CG    1 
ATOM   837 C CD    . GLN A 1 110 ? 16.696  -10.529 10.767  1.00 35.74 ? 137  GLN X CD    1 
ATOM   838 O OE1   . GLN A 1 110 ? 17.868  -10.206 10.460  1.00 34.78 ? 137  GLN X OE1   1 
ATOM   839 N NE2   . GLN A 1 110 ? 16.182  -10.242 11.875  1.00 34.17 ? 137  GLN X NE2   1 
ATOM   840 O OXT   . GLN A 1 110 ? 14.990  -9.354  5.710   1.00 25.88 ? 137  GLN X OXT   1 
HETATM 841 P PB    . ADP B 2 .   ? -10.114 2.500   -0.374  1.00 26.30 ? 998  ADP X PB    1 
HETATM 842 O O1B   . ADP B 2 .   ? -9.523  1.927   -1.639  1.00 22.73 ? 998  ADP X O1B   1 
HETATM 843 O O2B   . ADP B 2 .   ? -10.776 1.470   0.541   1.00 22.69 ? 998  ADP X O2B   1 
HETATM 844 O O3B   . ADP B 2 .   ? -9.199  3.384   0.442   1.00 25.66 ? 998  ADP X O3B   1 
HETATM 845 P PA    . ADP B 2 .   ? -11.626 4.944   -0.519  1.00 48.28 ? 998  ADP X PA    1 
HETATM 846 O O1A   . ADP B 2 .   ? -11.120 5.264   0.880   1.00 47.31 ? 998  ADP X O1A   1 
HETATM 847 O O2A   . ADP B 2 .   ? -13.027 5.359   -0.982  1.00 50.20 ? 998  ADP X O2A   1 
HETATM 848 O O3A   . ADP B 2 .   ? -11.413 3.334   -0.840  1.00 35.63 ? 998  ADP X O3A   1 
HETATM 849 O "O5'" . ADP B 2 .   ? -10.620 5.705   -1.554  1.00 47.56 ? 998  ADP X "O5'" 1 
HETATM 850 C "C5'" . ADP B 2 .   ? -10.658 5.453   -2.967  1.00 48.41 ? 998  ADP X "C5'" 1 
HETATM 851 C "C4'" . ADP B 2 .   ? -9.967  6.615   -3.675  1.00 50.06 ? 998  ADP X "C4'" 1 
HETATM 852 O "O4'" . ADP B 2 .   ? -10.224 6.447   -5.072  1.00 49.66 ? 998  ADP X "O4'" 1 
HETATM 853 C "C3'" . ADP B 2 .   ? -10.531 7.992   -3.295  1.00 51.22 ? 998  ADP X "C3'" 1 
HETATM 854 O "O3'" . ADP B 2 .   ? -9.457  8.932   -3.167  1.00 52.24 ? 998  ADP X "O3'" 1 
HETATM 855 C "C2'" . ADP B 2 .   ? -11.469 8.380   -4.437  1.00 51.48 ? 998  ADP X "C2'" 1 
HETATM 856 O "O2'" . ADP B 2 .   ? -11.504 9.777   -4.755  1.00 50.68 ? 998  ADP X "O2'" 1 
HETATM 857 C "C1'" . ADP B 2 .   ? -10.923 7.584   -5.614  1.00 51.90 ? 998  ADP X "C1'" 1 
HETATM 858 N N9    . ADP B 2 .   ? -11.991 7.078   -6.503  1.00 52.74 ? 998  ADP X N9    1 
HETATM 859 C C8    . ADP B 2 .   ? -11.962 7.194   -7.843  1.00 52.68 ? 998  ADP X C8    1 
HETATM 860 N N7    . ADP B 2 .   ? -13.078 6.638   -8.380  1.00 53.21 ? 998  ADP X N7    1 
HETATM 861 C C5    . ADP B 2 .   ? -13.834 6.137   -7.373  1.00 52.88 ? 998  ADP X C5    1 
HETATM 862 C C6    . ADP B 2 .   ? -15.124 5.402   -7.266  1.00 52.29 ? 998  ADP X C6    1 
HETATM 863 N N6    . ADP B 2 .   ? -15.798 5.102   -8.402  1.00 52.30 ? 998  ADP X N6    1 
HETATM 864 N N1    . ADP B 2 .   ? -15.578 5.053   -6.022  1.00 52.98 ? 998  ADP X N1    1 
HETATM 865 C C2    . ADP B 2 .   ? -14.872 5.357   -4.897  1.00 53.36 ? 998  ADP X C2    1 
HETATM 866 N N3    . ADP B 2 .   ? -13.678 6.011   -4.935  1.00 53.36 ? 998  ADP X N3    1 
HETATM 867 C C4    . ADP B 2 .   ? -13.118 6.427   -6.120  1.00 52.60 ? 998  ADP X C4    1 
HETATM 868 O O     . HOH C 3 .   ? -9.326  -5.673  -0.064  1.00 19.87 ? 999  HOH X O     1 
HETATM 869 O O     . HOH C 3 .   ? 3.811   -9.580  8.955   1.00 27.88 ? 1000 HOH X O     1 
HETATM 870 O O     . HOH C 3 .   ? -3.898  -5.557  5.459   1.00 19.41 ? 1001 HOH X O     1 
HETATM 871 O O     . HOH C 3 .   ? -2.402  -0.045  1.125   1.00 19.36 ? 1002 HOH X O     1 
HETATM 872 O O     . HOH C 3 .   ? 3.543   -11.638 -9.438  1.00 43.91 ? 1003 HOH X O     1 
HETATM 873 O O     . HOH C 3 .   ? -4.308  2.580   -6.601  1.00 28.30 ? 1004 HOH X O     1 
HETATM 874 O O     . HOH C 3 .   ? -0.657  0.911   4.096   1.00 24.77 ? 1005 HOH X O     1 
HETATM 875 O O     . HOH C 3 .   ? 3.640   6.245   11.864  1.00 26.32 ? 1006 HOH X O     1 
HETATM 876 O O     . HOH C 3 .   ? -0.959  -10.905 -8.406  1.00 41.83 ? 1007 HOH X O     1 
HETATM 877 O O     . HOH C 3 .   ? 12.499  -11.608 7.625   1.00 22.48 ? 1008 HOH X O     1 
HETATM 878 O O     . HOH C 3 .   ? 16.341  5.961   2.224   1.00 25.23 ? 1009 HOH X O     1 
HETATM 879 O O     . HOH C 3 .   ? -1.173  -11.228 0.865   1.00 37.41 ? 1010 HOH X O     1 
HETATM 880 O O     . HOH C 3 .   ? -0.429  -6.368  20.436  1.00 25.76 ? 1011 HOH X O     1 
HETATM 881 O O     . HOH C 3 .   ? -5.035  3.437   -8.961  1.00 27.04 ? 1012 HOH X O     1 
HETATM 882 O O     . HOH C 3 .   ? -2.099  0.039   -13.667 1.00 33.56 ? 1013 HOH X O     1 
HETATM 883 O O     . HOH C 3 .   ? -1.358  -4.875  -14.262 1.00 34.46 ? 1014 HOH X O     1 
HETATM 884 O O     . HOH C 3 .   ? -0.213  -0.592  -11.701 1.00 33.14 ? 1015 HOH X O     1 
HETATM 885 O O     . HOH C 3 .   ? -10.145 -1.635  6.907   1.00 36.72 ? 1016 HOH X O     1 
HETATM 886 O O     . HOH C 3 .   ? -4.779  6.937   -0.308  1.00 33.38 ? 1017 HOH X O     1 
HETATM 887 O O     . HOH C 3 .   ? -19.488 2.720   1.343   1.00 39.75 ? 1018 HOH X O     1 
HETATM 888 O O     . HOH C 3 .   ? 12.478  14.549  8.692   1.00 35.50 ? 1019 HOH X O     1 
HETATM 889 O O     . HOH C 3 .   ? 6.220   21.501  2.057   1.00 34.96 ? 1020 HOH X O     1 
HETATM 890 O O     . HOH C 3 .   ? -0.834  2.829   5.651   1.00 36.08 ? 1021 HOH X O     1 
HETATM 891 O O     . HOH C 3 .   ? 14.112  1.077   12.244  1.00 28.10 ? 1022 HOH X O     1 
HETATM 892 O O     . HOH C 3 .   ? 2.505   3.890   11.329  1.00 27.65 ? 1023 HOH X O     1 
HETATM 893 O O     . HOH C 3 .   ? -0.802  -8.865  17.783  1.00 30.83 ? 1024 HOH X O     1 
HETATM 894 O O     . HOH C 3 .   ? 16.119  3.071   1.072   1.00 32.32 ? 1025 HOH X O     1 
HETATM 895 O O     . HOH C 3 .   ? 8.940   0.080   18.057  1.00 36.36 ? 1026 HOH X O     1 
HETATM 896 O O     . HOH C 3 .   ? -10.041 0.808   3.011   1.00 31.60 ? 1027 HOH X O     1 
HETATM 897 O O     . HOH C 3 .   ? 0.983   -9.565  -8.858  1.00 27.06 ? 1028 HOH X O     1 
HETATM 898 O O     . HOH C 3 .   ? -1.976  -10.944 -5.307  1.00 35.80 ? 1029 HOH X O     1 
HETATM 899 O O     . HOH C 3 .   ? -7.386  0.680   -16.959 1.00 34.67 ? 1030 HOH X O     1 
HETATM 900 O O     . HOH C 3 .   ? -4.006  1.651   -13.254 1.00 31.44 ? 1031 HOH X O     1 
HETATM 901 O O     . HOH C 3 .   ? 13.110  -0.167  10.393  1.00 23.51 ? 1032 HOH X O     1 
HETATM 902 O O     . HOH C 3 .   ? 3.723   -13.413 -2.844  1.00 20.98 ? 1033 HOH X O     1 
HETATM 903 O O     . HOH C 3 .   ? -9.194  -8.270  -0.594  1.00 34.38 ? 1034 HOH X O     1 
HETATM 904 O O     . HOH C 3 .   ? -2.066  -6.126  18.160  1.00 25.94 ? 1035 HOH X O     1 
HETATM 905 O O     . HOH C 3 .   ? -7.987  3.435   2.766   1.00 29.64 ? 1036 HOH X O     1 
HETATM 906 O O     . HOH C 3 .   ? 12.849  0.514   7.641   1.00 29.64 ? 1037 HOH X O     1 
HETATM 907 O O     . HOH C 3 .   ? 6.546   1.682   17.807  1.00 29.13 ? 1038 HOH X O     1 
HETATM 908 O O     . HOH C 3 .   ? -0.922  -9.064  -1.926  1.00 24.09 ? 1039 HOH X O     1 
HETATM 909 O O     . HOH C 3 .   ? 12.622  8.182   3.905   1.00 24.10 ? 1040 HOH X O     1 
HETATM 910 O O     . HOH C 3 .   ? 6.784   -7.575  0.616   1.00 20.34 ? 1041 HOH X O     1 
HETATM 911 O O     . HOH C 3 .   ? 16.507  -10.466 4.057   1.00 30.02 ? 1042 HOH X O     1 
HETATM 912 O O     . HOH C 3 .   ? -1.863  -3.654  16.854  1.00 28.89 ? 1043 HOH X O     1 
HETATM 913 O O     . HOH C 3 .   ? 14.355  -6.579  12.576  1.00 38.53 ? 1044 HOH X O     1 
HETATM 914 O O     . HOH C 3 .   ? -7.319  -7.898  3.530   1.00 31.12 ? 1045 HOH X O     1 
HETATM 915 O O     . HOH C 3 .   ? -0.374  -11.090 2.844   1.00 19.92 ? 1046 HOH X O     1 
HETATM 916 O O     . HOH C 3 .   ? -6.605  -4.556  5.340   1.00 23.88 ? 1047 HOH X O     1 
HETATM 917 O O     . HOH C 3 .   ? -3.994  3.295   1.142   1.00 30.43 ? 1048 HOH X O     1 
HETATM 918 O O     . HOH C 3 .   ? 7.816   12.075  7.703   1.00 38.99 ? 1049 HOH X O     1 
HETATM 919 O O     . HOH C 3 .   ? -9.257  2.168   4.936   1.00 33.78 ? 1050 HOH X O     1 
HETATM 920 O O     . HOH C 3 .   ? -2.875  -2.667  -13.275 1.00 33.90 ? 1051 HOH X O     1 
HETATM 921 O O     . HOH C 3 .   ? -12.562 -0.187  4.146   1.00 23.14 ? 1052 HOH X O     1 
HETATM 922 O O     . HOH C 3 .   ? -7.854  8.061   -16.915 1.00 44.07 ? 1053 HOH X O     1 
HETATM 923 O O     . HOH C 3 .   ? 16.231  36.465  1.728   1.00 31.19 ? 1054 HOH X O     1 
HETATM 924 O O     . HOH C 3 .   ? -6.015  -2.675  6.678   1.00 35.31 ? 1055 HOH X O     1 
HETATM 925 O O     . HOH C 3 .   ? 12.463  7.900   6.759   1.00 37.58 ? 1056 HOH X O     1 
HETATM 926 O O     . HOH C 3 .   ? 6.337   9.761   -6.845  1.00 35.59 ? 1057 HOH X O     1 
HETATM 927 O O     . HOH C 3 .   ? -3.582  0.393   14.730  1.00 34.39 ? 1058 HOH X O     1 
HETATM 928 O O     . HOH C 3 .   ? 13.081  26.317  11.328  1.00 39.62 ? 1059 HOH X O     1 
HETATM 929 O O     . HOH C 3 .   ? 14.556  34.455  2.005   1.00 33.49 ? 1060 HOH X O     1 
HETATM 930 O O     . HOH C 3 .   ? 15.330  3.429   11.841  1.00 39.08 ? 1061 HOH X O     1 
HETATM 931 O O     . HOH C 3 .   ? 14.374  -2.634  10.178  1.00 40.78 ? 1062 HOH X O     1 
HETATM 932 O O     . HOH C 3 .   ? -11.436 -9.839  -14.290 1.00 38.66 ? 1063 HOH X O     1 
HETATM 933 O O     . HOH C 3 .   ? 13.016  -8.948  1.315   1.00 42.16 ? 1064 HOH X O     1 
HETATM 934 O O     . HOH C 3 .   ? 14.999  -10.950 1.502   1.00 46.06 ? 1065 HOH X O     1 
HETATM 935 O O     . HOH C 3 .   ? -6.488  -8.008  1.250   1.00 33.52 ? 1066 HOH X O     1 
HETATM 936 O O     . HOH C 3 .   ? -2.315  -6.996  -15.733 1.00 32.92 ? 1067 HOH X O     1 
HETATM 937 O O     . HOH C 3 .   ? 18.402  -9.161  2.557   1.00 32.56 ? 1068 HOH X O     1 
HETATM 938 O O     . HOH C 3 .   ? -11.737 -4.850  -18.276 1.00 52.69 ? 1069 HOH X O     1 
# 
